data_5U9K
# 
_entry.id   5U9K 
# 
_audit_conform.dict_name       mmcif_pdbx.dic 
_audit_conform.dict_version    5.379 
_audit_conform.dict_location   http://mmcif.pdb.org/dictionaries/ascii/mmcif_pdbx.dic 
# 
loop_
_database_2.database_id 
_database_2.database_code 
_database_2.pdbx_database_accession 
_database_2.pdbx_DOI 
PDB   5U9K         pdb_00005u9k 10.2210/pdb5u9k/pdb 
WWPDB D_1000225531 ?            ?                   
# 
loop_
_pdbx_database_related.db_name 
_pdbx_database_related.details 
_pdbx_database_related.db_id 
_pdbx_database_related.content_type 
PDB . 5U9A unspecified 
PDB . 5U9I unspecified 
PDB . 5U9J unspecified 
# 
_pdbx_database_status.status_code                     REL 
_pdbx_database_status.status_code_sf                  REL 
_pdbx_database_status.status_code_mr                  ? 
_pdbx_database_status.entry_id                        5U9K 
_pdbx_database_status.recvd_initial_deposition_date   2016-12-16 
_pdbx_database_status.SG_entry                        N 
_pdbx_database_status.deposit_site                    RCSB 
_pdbx_database_status.process_site                    RCSB 
_pdbx_database_status.status_code_cs                  ? 
_pdbx_database_status.methods_development_category    ? 
_pdbx_database_status.pdb_format_compatible           Y 
_pdbx_database_status.status_code_nmr_data            ? 
# 
loop_
_audit_author.name 
_audit_author.pdbx_ordinal 
_audit_author.identifier_ORCID 
'Yadav, R.P.'    1 ? 
'Gakhar, L.'     2 ? 
'Liping, Y.'     3 ? 
'Artemyev, N.O.' 4 ? 
# 
_citation.abstract                  ? 
_citation.abstract_id_CAS           ? 
_citation.book_id_ISBN              ? 
_citation.book_publisher            ? 
_citation.book_publisher_city       ? 
_citation.book_title                ? 
_citation.coordinate_linkage        ? 
_citation.country                   US 
_citation.database_id_Medline       ? 
_citation.details                   ? 
_citation.id                        primary 
_citation.journal_abbrev            'Proc. Natl. Acad. Sci. U.S.A.' 
_citation.journal_id_ASTM           PNASA6 
_citation.journal_id_CSD            0040 
_citation.journal_id_ISSN           1091-6490 
_citation.journal_full              ? 
_citation.journal_issue             ? 
_citation.journal_volume            114 
_citation.language                  ? 
_citation.page_first                E6536 
_citation.page_last                 E6545 
_citation.title                     
;Unique structural features of the AIPL1-FKBP domain that support prenyl lipid binding and underlie protein malfunction in blindness.
;
_citation.year                      2017 
_citation.database_id_CSD           ? 
_citation.pdbx_database_id_DOI      10.1073/pnas.1704782114 
_citation.pdbx_database_id_PubMed   28739921 
_citation.unpublished_flag          ? 
# 
loop_
_citation_author.citation_id 
_citation_author.name 
_citation_author.ordinal 
_citation_author.identifier_ORCID 
primary 'Yadav, R.P.'    1 ? 
primary 'Gakhar, L.'     2 ? 
primary 'Yu, L.'         3 ? 
primary 'Artemyev, N.O.' 4 ? 
# 
_cell.entry_id           5U9K 
_cell.length_a           51.790 
_cell.length_b           65.070 
_cell.length_c           106.180 
_cell.angle_alpha        90.00 
_cell.angle_beta         90.00 
_cell.angle_gamma        90.00 
_cell.Z_PDB              8 
_cell.pdbx_unique_axis   ? 
# 
_symmetry.entry_id                         5U9K 
_symmetry.space_group_name_H-M             'C 2 2 21' 
_symmetry.pdbx_full_space_group_name_H-M   ? 
_symmetry.cell_setting                     ? 
_symmetry.Int_Tables_number                20 
# 
_entity.id                         1 
_entity.type                       polymer 
_entity.src_method                 man 
_entity.pdbx_description           'Aryl hydrocarbon receptor-interacting protein-like 1 (AIPL1)' 
_entity.formula_weight             19375.152 
_entity.pdbx_number_of_molecules   1 
_entity.pdbx_ec                    ? 
_entity.pdbx_mutation              V71F 
_entity.pdbx_fragment              'UNP residues 2-161' 
_entity.details                    ? 
# 
_entity_poly.entity_id                      1 
_entity_poly.type                           'polypeptide(L)' 
_entity_poly.nstd_linkage                   no 
_entity_poly.nstd_monomer                   no 
_entity_poly.pdbx_seq_one_letter_code       
;MGHHHHHHGDAALLLNVEGVKKTILHGGTGELPNFITGSRVIFHFRTMKCDEERTVIDDSRQVGQPMHIIIGNMFKLEFW
EILLTSMRVHEVAEFWCDTIHTGVYPILSRSLRQMAQGKDPTEWHVHTCGLANMFAYHTLGYEDLDELQKEPQPLVFVIE
LLQVDAPSD
;
_entity_poly.pdbx_seq_one_letter_code_can   
;MGHHHHHHGDAALLLNVEGVKKTILHGGTGELPNFITGSRVIFHFRTMKCDEERTVIDDSRQVGQPMHIIIGNMFKLEFW
EILLTSMRVHEVAEFWCDTIHTGVYPILSRSLRQMAQGKDPTEWHVHTCGLANMFAYHTLGYEDLDELQKEPQPLVFVIE
LLQVDAPSD
;
_entity_poly.pdbx_strand_id                 A 
_entity_poly.pdbx_target_identifier         ? 
# 
loop_
_entity_poly_seq.entity_id 
_entity_poly_seq.num 
_entity_poly_seq.mon_id 
_entity_poly_seq.hetero 
1 1   MET n 
1 2   GLY n 
1 3   HIS n 
1 4   HIS n 
1 5   HIS n 
1 6   HIS n 
1 7   HIS n 
1 8   HIS n 
1 9   GLY n 
1 10  ASP n 
1 11  ALA n 
1 12  ALA n 
1 13  LEU n 
1 14  LEU n 
1 15  LEU n 
1 16  ASN n 
1 17  VAL n 
1 18  GLU n 
1 19  GLY n 
1 20  VAL n 
1 21  LYS n 
1 22  LYS n 
1 23  THR n 
1 24  ILE n 
1 25  LEU n 
1 26  HIS n 
1 27  GLY n 
1 28  GLY n 
1 29  THR n 
1 30  GLY n 
1 31  GLU n 
1 32  LEU n 
1 33  PRO n 
1 34  ASN n 
1 35  PHE n 
1 36  ILE n 
1 37  THR n 
1 38  GLY n 
1 39  SER n 
1 40  ARG n 
1 41  VAL n 
1 42  ILE n 
1 43  PHE n 
1 44  HIS n 
1 45  PHE n 
1 46  ARG n 
1 47  THR n 
1 48  MET n 
1 49  LYS n 
1 50  CYS n 
1 51  ASP n 
1 52  GLU n 
1 53  GLU n 
1 54  ARG n 
1 55  THR n 
1 56  VAL n 
1 57  ILE n 
1 58  ASP n 
1 59  ASP n 
1 60  SER n 
1 61  ARG n 
1 62  GLN n 
1 63  VAL n 
1 64  GLY n 
1 65  GLN n 
1 66  PRO n 
1 67  MET n 
1 68  HIS n 
1 69  ILE n 
1 70  ILE n 
1 71  ILE n 
1 72  GLY n 
1 73  ASN n 
1 74  MET n 
1 75  PHE n 
1 76  LYS n 
1 77  LEU n 
1 78  GLU n 
1 79  PHE n 
1 80  TRP n 
1 81  GLU n 
1 82  ILE n 
1 83  LEU n 
1 84  LEU n 
1 85  THR n 
1 86  SER n 
1 87  MET n 
1 88  ARG n 
1 89  VAL n 
1 90  HIS n 
1 91  GLU n 
1 92  VAL n 
1 93  ALA n 
1 94  GLU n 
1 95  PHE n 
1 96  TRP n 
1 97  CYS n 
1 98  ASP n 
1 99  THR n 
1 100 ILE n 
1 101 HIS n 
1 102 THR n 
1 103 GLY n 
1 104 VAL n 
1 105 TYR n 
1 106 PRO n 
1 107 ILE n 
1 108 LEU n 
1 109 SER n 
1 110 ARG n 
1 111 SER n 
1 112 LEU n 
1 113 ARG n 
1 114 GLN n 
1 115 MET n 
1 116 ALA n 
1 117 GLN n 
1 118 GLY n 
1 119 LYS n 
1 120 ASP n 
1 121 PRO n 
1 122 THR n 
1 123 GLU n 
1 124 TRP n 
1 125 HIS n 
1 126 VAL n 
1 127 HIS n 
1 128 THR n 
1 129 CYS n 
1 130 GLY n 
1 131 LEU n 
1 132 ALA n 
1 133 ASN n 
1 134 MET n 
1 135 PHE n 
1 136 ALA n 
1 137 TYR n 
1 138 HIS n 
1 139 THR n 
1 140 LEU n 
1 141 GLY n 
1 142 TYR n 
1 143 GLU n 
1 144 ASP n 
1 145 LEU n 
1 146 ASP n 
1 147 GLU n 
1 148 LEU n 
1 149 GLN n 
1 150 LYS n 
1 151 GLU n 
1 152 PRO n 
1 153 GLN n 
1 154 PRO n 
1 155 LEU n 
1 156 VAL n 
1 157 PHE n 
1 158 VAL n 
1 159 ILE n 
1 160 GLU n 
1 161 LEU n 
1 162 LEU n 
1 163 GLN n 
1 164 VAL n 
1 165 ASP n 
1 166 ALA n 
1 167 PRO n 
1 168 SER n 
1 169 ASP n 
# 
_entity_src_gen.entity_id                          1 
_entity_src_gen.pdbx_src_id                        1 
_entity_src_gen.pdbx_alt_source_flag               sample 
_entity_src_gen.pdbx_seq_type                      'Biological sequence' 
_entity_src_gen.pdbx_beg_seq_num                   1 
_entity_src_gen.pdbx_end_seq_num                   169 
_entity_src_gen.gene_src_common_name               Human 
_entity_src_gen.gene_src_genus                     ? 
_entity_src_gen.pdbx_gene_src_gene                 'AIPL1, AIPL2' 
_entity_src_gen.gene_src_species                   ? 
_entity_src_gen.gene_src_strain                    ? 
_entity_src_gen.gene_src_tissue                    ? 
_entity_src_gen.gene_src_tissue_fraction           ? 
_entity_src_gen.gene_src_details                   ? 
_entity_src_gen.pdbx_gene_src_fragment             ? 
_entity_src_gen.pdbx_gene_src_scientific_name      'Homo sapiens' 
_entity_src_gen.pdbx_gene_src_ncbi_taxonomy_id     9606 
_entity_src_gen.pdbx_gene_src_variant              ? 
_entity_src_gen.pdbx_gene_src_cell_line            ? 
_entity_src_gen.pdbx_gene_src_atcc                 ? 
_entity_src_gen.pdbx_gene_src_organ                ? 
_entity_src_gen.pdbx_gene_src_organelle            ? 
_entity_src_gen.pdbx_gene_src_cell                 ? 
_entity_src_gen.pdbx_gene_src_cellular_location    ? 
_entity_src_gen.host_org_common_name               ? 
_entity_src_gen.pdbx_host_org_scientific_name      'Escherichia coli' 
_entity_src_gen.pdbx_host_org_ncbi_taxonomy_id     469008 
_entity_src_gen.host_org_genus                     ? 
_entity_src_gen.pdbx_host_org_gene                 ? 
_entity_src_gen.pdbx_host_org_organ                ? 
_entity_src_gen.host_org_species                   ? 
_entity_src_gen.pdbx_host_org_tissue               ? 
_entity_src_gen.pdbx_host_org_tissue_fraction      ? 
_entity_src_gen.pdbx_host_org_strain               'BL21(DE3)' 
_entity_src_gen.pdbx_host_org_variant              ? 
_entity_src_gen.pdbx_host_org_cell_line            ? 
_entity_src_gen.pdbx_host_org_atcc                 ? 
_entity_src_gen.pdbx_host_org_culture_collection   ? 
_entity_src_gen.pdbx_host_org_cell                 ? 
_entity_src_gen.pdbx_host_org_organelle            ? 
_entity_src_gen.pdbx_host_org_cellular_location    ? 
_entity_src_gen.pdbx_host_org_vector_type          Plasmid 
_entity_src_gen.pdbx_host_org_vector               ? 
_entity_src_gen.host_org_details                   ? 
_entity_src_gen.expression_system_id               ? 
_entity_src_gen.plasmid_name                       pET-15b 
_entity_src_gen.plasmid_details                    ? 
_entity_src_gen.pdbx_description                   ? 
# 
_struct_ref.id                         1 
_struct_ref.db_name                    UNP 
_struct_ref.db_code                    AIPL1_HUMAN 
_struct_ref.pdbx_db_accession          Q9NZN9 
_struct_ref.pdbx_db_isoform            ? 
_struct_ref.entity_id                  1 
_struct_ref.pdbx_seq_one_letter_code   
;DAALLLNVEGVKKTILHGGTGELPNFITGSRVIFHFRTMKCDEERTVIDDSRQVGQPMHIIIGNMFKLEVWEILLTSMRV
HEVAEFWCDTIHTGVYPILSRSLRQMAQGKDPTEWHVHTCGLANMFAYHTLGYEDLDELQKEPQPLVFVIELLQVDAPSD

;
_struct_ref.pdbx_align_begin           2 
# 
_struct_ref_seq.align_id                      1 
_struct_ref_seq.ref_id                        1 
_struct_ref_seq.pdbx_PDB_id_code              5U9K 
_struct_ref_seq.pdbx_strand_id                A 
_struct_ref_seq.seq_align_beg                 10 
_struct_ref_seq.pdbx_seq_align_beg_ins_code   ? 
_struct_ref_seq.seq_align_end                 169 
_struct_ref_seq.pdbx_seq_align_end_ins_code   ? 
_struct_ref_seq.pdbx_db_accession             Q9NZN9 
_struct_ref_seq.db_align_beg                  2 
_struct_ref_seq.pdbx_db_align_beg_ins_code    ? 
_struct_ref_seq.db_align_end                  161 
_struct_ref_seq.pdbx_db_align_end_ins_code    ? 
_struct_ref_seq.pdbx_auth_seq_align_beg       2 
_struct_ref_seq.pdbx_auth_seq_align_end       161 
# 
loop_
_struct_ref_seq_dif.align_id 
_struct_ref_seq_dif.pdbx_pdb_id_code 
_struct_ref_seq_dif.mon_id 
_struct_ref_seq_dif.pdbx_pdb_strand_id 
_struct_ref_seq_dif.seq_num 
_struct_ref_seq_dif.pdbx_pdb_ins_code 
_struct_ref_seq_dif.pdbx_seq_db_name 
_struct_ref_seq_dif.pdbx_seq_db_accession_code 
_struct_ref_seq_dif.db_mon_id 
_struct_ref_seq_dif.pdbx_seq_db_seq_num 
_struct_ref_seq_dif.details 
_struct_ref_seq_dif.pdbx_auth_seq_num 
_struct_ref_seq_dif.pdbx_ordinal 
1 5U9K MET A 1  ? UNP Q9NZN9 ?   ?  'initiating methionine' -7 1  
1 5U9K GLY A 2  ? UNP Q9NZN9 ?   ?  'expression tag'        -6 2  
1 5U9K HIS A 3  ? UNP Q9NZN9 ?   ?  'expression tag'        -5 3  
1 5U9K HIS A 4  ? UNP Q9NZN9 ?   ?  'expression tag'        -4 4  
1 5U9K HIS A 5  ? UNP Q9NZN9 ?   ?  'expression tag'        -3 5  
1 5U9K HIS A 6  ? UNP Q9NZN9 ?   ?  'expression tag'        -2 6  
1 5U9K HIS A 7  ? UNP Q9NZN9 ?   ?  'expression tag'        -1 7  
1 5U9K HIS A 8  ? UNP Q9NZN9 ?   ?  'expression tag'        0  8  
1 5U9K GLY A 9  ? UNP Q9NZN9 ?   ?  'expression tag'        1  9  
1 5U9K PHE A 79 ? UNP Q9NZN9 VAL 71 'engineered mutation'   71 10 
# 
loop_
_chem_comp.id 
_chem_comp.type 
_chem_comp.mon_nstd_flag 
_chem_comp.name 
_chem_comp.pdbx_synonyms 
_chem_comp.formula 
_chem_comp.formula_weight 
ALA 'L-peptide linking' y ALANINE         ? 'C3 H7 N O2'     89.093  
ARG 'L-peptide linking' y ARGININE        ? 'C6 H15 N4 O2 1' 175.209 
ASN 'L-peptide linking' y ASPARAGINE      ? 'C4 H8 N2 O3'    132.118 
ASP 'L-peptide linking' y 'ASPARTIC ACID' ? 'C4 H7 N O4'     133.103 
CYS 'L-peptide linking' y CYSTEINE        ? 'C3 H7 N O2 S'   121.158 
GLN 'L-peptide linking' y GLUTAMINE       ? 'C5 H10 N2 O3'   146.144 
GLU 'L-peptide linking' y 'GLUTAMIC ACID' ? 'C5 H9 N O4'     147.129 
GLY 'peptide linking'   y GLYCINE         ? 'C2 H5 N O2'     75.067  
HIS 'L-peptide linking' y HISTIDINE       ? 'C6 H10 N3 O2 1' 156.162 
ILE 'L-peptide linking' y ISOLEUCINE      ? 'C6 H13 N O2'    131.173 
LEU 'L-peptide linking' y LEUCINE         ? 'C6 H13 N O2'    131.173 
LYS 'L-peptide linking' y LYSINE          ? 'C6 H15 N2 O2 1' 147.195 
MET 'L-peptide linking' y METHIONINE      ? 'C5 H11 N O2 S'  149.211 
PHE 'L-peptide linking' y PHENYLALANINE   ? 'C9 H11 N O2'    165.189 
PRO 'L-peptide linking' y PROLINE         ? 'C5 H9 N O2'     115.130 
SER 'L-peptide linking' y SERINE          ? 'C3 H7 N O3'     105.093 
THR 'L-peptide linking' y THREONINE       ? 'C4 H9 N O3'     119.119 
TRP 'L-peptide linking' y TRYPTOPHAN      ? 'C11 H12 N2 O2'  204.225 
TYR 'L-peptide linking' y TYROSINE        ? 'C9 H11 N O3'    181.189 
VAL 'L-peptide linking' y VALINE          ? 'C5 H11 N O2'    117.146 
# 
_exptl.absorpt_coefficient_mu     ? 
_exptl.absorpt_correction_T_max   ? 
_exptl.absorpt_correction_T_min   ? 
_exptl.absorpt_correction_type    ? 
_exptl.absorpt_process_details    ? 
_exptl.entry_id                   5U9K 
_exptl.crystals_number            1 
_exptl.details                    ? 
_exptl.method                     'X-RAY DIFFRACTION' 
_exptl.method_details             ? 
# 
_exptl_crystal.colour                      ? 
_exptl_crystal.density_diffrn              ? 
_exptl_crystal.density_Matthews            2.31 
_exptl_crystal.density_method              ? 
_exptl_crystal.density_percent_sol         46.72 
_exptl_crystal.description                 ? 
_exptl_crystal.F_000                       ? 
_exptl_crystal.id                          1 
_exptl_crystal.preparation                 ? 
_exptl_crystal.size_max                    ? 
_exptl_crystal.size_mid                    ? 
_exptl_crystal.size_min                    ? 
_exptl_crystal.size_rad                    ? 
_exptl_crystal.colour_lustre               ? 
_exptl_crystal.colour_modifier             ? 
_exptl_crystal.colour_primary              ? 
_exptl_crystal.density_meas                ? 
_exptl_crystal.density_meas_esd            ? 
_exptl_crystal.density_meas_gt             ? 
_exptl_crystal.density_meas_lt             ? 
_exptl_crystal.density_meas_temp           ? 
_exptl_crystal.density_meas_temp_esd       ? 
_exptl_crystal.density_meas_temp_gt        ? 
_exptl_crystal.density_meas_temp_lt        ? 
_exptl_crystal.pdbx_crystal_image_url      ? 
_exptl_crystal.pdbx_crystal_image_format   ? 
_exptl_crystal.pdbx_mosaicity              ? 
_exptl_crystal.pdbx_mosaicity_esd          ? 
# 
_exptl_crystal_grow.apparatus       ? 
_exptl_crystal_grow.atmosphere      ? 
_exptl_crystal_grow.crystal_id      1 
_exptl_crystal_grow.details         ? 
_exptl_crystal_grow.method          'VAPOR DIFFUSION, HANGING DROP' 
_exptl_crystal_grow.method_ref      ? 
_exptl_crystal_grow.pH              ? 
_exptl_crystal_grow.pressure        ? 
_exptl_crystal_grow.pressure_esd    ? 
_exptl_crystal_grow.seeding         ? 
_exptl_crystal_grow.seeding_ref     ? 
_exptl_crystal_grow.temp            291 
_exptl_crystal_grow.temp_details    ? 
_exptl_crystal_grow.temp_esd        ? 
_exptl_crystal_grow.time            ? 
_exptl_crystal_grow.pdbx_details    
;100 mM Na-Citrate
20% (W/V) PEG 4000
20% (V/V) 2-Propanol
;
_exptl_crystal_grow.pdbx_pH_range   5-7 
# 
_diffrn.ambient_environment    ? 
_diffrn.ambient_temp           100 
_diffrn.ambient_temp_details   ? 
_diffrn.ambient_temp_esd       ? 
_diffrn.crystal_id             1 
_diffrn.crystal_support        ? 
_diffrn.crystal_treatment      ? 
_diffrn.details                ? 
_diffrn.id                     1 
_diffrn.ambient_pressure       ? 
_diffrn.ambient_pressure_esd   ? 
_diffrn.ambient_pressure_gt    ? 
_diffrn.ambient_pressure_lt    ? 
_diffrn.ambient_temp_gt        ? 
_diffrn.ambient_temp_lt        ? 
# 
_diffrn_detector.details                      ? 
_diffrn_detector.detector                     CMOS 
_diffrn_detector.diffrn_id                    1 
_diffrn_detector.type                         'RDI CMOS_8M' 
_diffrn_detector.area_resol_mean              ? 
_diffrn_detector.dtime                        ? 
_diffrn_detector.pdbx_frames_total            ? 
_diffrn_detector.pdbx_collection_time_total   ? 
_diffrn_detector.pdbx_collection_date         2016-11-09 
# 
_diffrn_radiation.collimation                      ? 
_diffrn_radiation.diffrn_id                        1 
_diffrn_radiation.filter_edge                      ? 
_diffrn_radiation.inhomogeneity                    ? 
_diffrn_radiation.monochromator                    ? 
_diffrn_radiation.polarisn_norm                    ? 
_diffrn_radiation.polarisn_ratio                   ? 
_diffrn_radiation.probe                            ? 
_diffrn_radiation.type                             ? 
_diffrn_radiation.xray_symbol                      ? 
_diffrn_radiation.wavelength_id                    1 
_diffrn_radiation.pdbx_monochromatic_or_laue_m_l   M 
_diffrn_radiation.pdbx_wavelength_list             ? 
_diffrn_radiation.pdbx_wavelength                  ? 
_diffrn_radiation.pdbx_diffrn_protocol             'SINGLE WAVELENGTH' 
_diffrn_radiation.pdbx_analyzer                    ? 
_diffrn_radiation.pdbx_scattering_type             x-ray 
# 
_diffrn_radiation_wavelength.id           1 
_diffrn_radiation_wavelength.wavelength   1 
_diffrn_radiation_wavelength.wt           1.0 
# 
_diffrn_source.current                     ? 
_diffrn_source.details                     ? 
_diffrn_source.diffrn_id                   1 
_diffrn_source.power                       ? 
_diffrn_source.size                        ? 
_diffrn_source.source                      SYNCHROTRON 
_diffrn_source.target                      ? 
_diffrn_source.type                        'ALS BEAMLINE 4.2.2' 
_diffrn_source.voltage                     ? 
_diffrn_source.take-off_angle              ? 
_diffrn_source.pdbx_wavelength_list        1 
_diffrn_source.pdbx_wavelength             ? 
_diffrn_source.pdbx_synchrotron_beamline   4.2.2 
_diffrn_source.pdbx_synchrotron_site       ALS 
# 
_reflns.B_iso_Wilson_estimate            67.67 
_reflns.entry_id                         5U9K 
_reflns.data_reduction_details           ? 
_reflns.data_reduction_method            ? 
_reflns.d_resolution_high                2.7 
_reflns.d_resolution_low                 40.522 
_reflns.details                          ? 
_reflns.limit_h_max                      ? 
_reflns.limit_h_min                      ? 
_reflns.limit_k_max                      ? 
_reflns.limit_k_min                      ? 
_reflns.limit_l_max                      ? 
_reflns.limit_l_min                      ? 
_reflns.number_all                       ? 
_reflns.number_obs                       5195 
_reflns.observed_criterion               ? 
_reflns.observed_criterion_F_max         ? 
_reflns.observed_criterion_F_min         ? 
_reflns.observed_criterion_I_max         ? 
_reflns.observed_criterion_I_min         ? 
_reflns.observed_criterion_sigma_F       ? 
_reflns.observed_criterion_sigma_I       ? 
_reflns.percent_possible_obs             99.9 
_reflns.R_free_details                   ? 
_reflns.Rmerge_F_all                     ? 
_reflns.Rmerge_F_obs                     ? 
_reflns.Friedel_coverage                 ? 
_reflns.number_gt                        ? 
_reflns.threshold_expression             ? 
_reflns.pdbx_redundancy                  12.4 
_reflns.pdbx_Rmerge_I_obs                0.064 
_reflns.pdbx_Rmerge_I_all                ? 
_reflns.pdbx_Rsym_value                  ? 
_reflns.pdbx_netI_over_av_sigmaI         ? 
_reflns.pdbx_netI_over_sigmaI            23.3 
_reflns.pdbx_res_netI_over_av_sigmaI_2   ? 
_reflns.pdbx_res_netI_over_sigmaI_2      ? 
_reflns.pdbx_chi_squared                 ? 
_reflns.pdbx_scaling_rejects             ? 
_reflns.pdbx_d_res_high_opt              ? 
_reflns.pdbx_d_res_low_opt               ? 
_reflns.pdbx_d_res_opt_method            ? 
_reflns.phase_calculation_details        ? 
_reflns.pdbx_Rrim_I_all                  ? 
_reflns.pdbx_Rpim_I_all                  ? 
_reflns.pdbx_d_opt                       ? 
_reflns.pdbx_number_measured_all         ? 
_reflns.pdbx_diffrn_id                   1 
_reflns.pdbx_ordinal                     1 
_reflns.pdbx_CC_half                     1.00 
_reflns.pdbx_R_split                     ? 
# 
_reflns_shell.d_res_high                  2.7 
_reflns_shell.d_res_low                   2.85 
_reflns_shell.meanI_over_sigI_all         ? 
_reflns_shell.meanI_over_sigI_obs         3.2 
_reflns_shell.number_measured_all         ? 
_reflns_shell.number_measured_obs         ? 
_reflns_shell.number_possible             ? 
_reflns_shell.number_unique_all           ? 
_reflns_shell.number_unique_obs           732 
_reflns_shell.percent_possible_all        99.7 
_reflns_shell.percent_possible_obs        ? 
_reflns_shell.Rmerge_F_all                ? 
_reflns_shell.Rmerge_F_obs                ? 
_reflns_shell.Rmerge_I_all                ? 
_reflns_shell.Rmerge_I_obs                0.787 
_reflns_shell.meanI_over_sigI_gt          ? 
_reflns_shell.meanI_over_uI_all           ? 
_reflns_shell.meanI_over_uI_gt            ? 
_reflns_shell.number_measured_gt          ? 
_reflns_shell.number_unique_gt            ? 
_reflns_shell.percent_possible_gt         ? 
_reflns_shell.Rmerge_F_gt                 ? 
_reflns_shell.Rmerge_I_gt                 ? 
_reflns_shell.pdbx_redundancy             11.6 
_reflns_shell.pdbx_Rsym_value             ? 
_reflns_shell.pdbx_chi_squared            ? 
_reflns_shell.pdbx_netI_over_sigmaI_all   ? 
_reflns_shell.pdbx_netI_over_sigmaI_obs   ? 
_reflns_shell.pdbx_Rrim_I_all             ? 
_reflns_shell.pdbx_Rpim_I_all             ? 
_reflns_shell.pdbx_rejects                ? 
_reflns_shell.pdbx_ordinal                1 
_reflns_shell.pdbx_diffrn_id              1 
_reflns_shell.pdbx_CC_half                0.966 
_reflns_shell.pdbx_R_split                ? 
# 
_refine.pdbx_refine_id                           'X-RAY DIFFRACTION' 
_refine.entry_id                                 5U9K 
_refine.pdbx_diffrn_id                           1 
_refine.pdbx_TLS_residual_ADP_flag               ? 
_refine.ls_number_reflns_obs                     4926 
_refine.ls_number_reflns_all                     ? 
_refine.pdbx_ls_sigma_I                          ? 
_refine.pdbx_ls_sigma_F                          ? 
_refine.pdbx_data_cutoff_high_absF               ? 
_refine.pdbx_data_cutoff_low_absF                ? 
_refine.pdbx_data_cutoff_high_rms_absF           ? 
_refine.ls_d_res_low                             40.52 
_refine.ls_d_res_high                            2.70 
_refine.ls_percent_reflns_obs                    99.88 
_refine.ls_R_factor_obs                          0.20334 
_refine.ls_R_factor_all                          ? 
_refine.ls_R_factor_R_work                       0.20069 
_refine.ls_R_factor_R_free                       0.25741 
_refine.ls_R_factor_R_free_error                 ? 
_refine.ls_R_factor_R_free_error_details         ? 
_refine.ls_percent_reflns_R_free                 4.8 
_refine.ls_number_reflns_R_free                  250 
_refine.ls_number_parameters                     ? 
_refine.ls_number_restraints                     ? 
_refine.occupancy_min                            ? 
_refine.occupancy_max                            ? 
_refine.correlation_coeff_Fo_to_Fc               0.961 
_refine.correlation_coeff_Fo_to_Fc_free          0.926 
_refine.B_iso_mean                               83.991 
_refine.aniso_B[1][1]                            8.29 
_refine.aniso_B[2][2]                            0.48 
_refine.aniso_B[3][3]                            -8.77 
_refine.aniso_B[1][2]                            0.00 
_refine.aniso_B[1][3]                            -0.00 
_refine.aniso_B[2][3]                            0.00 
_refine.solvent_model_details                    MASK 
_refine.solvent_model_param_ksol                 ? 
_refine.solvent_model_param_bsol                 ? 
_refine.pdbx_solvent_vdw_probe_radii             1.20 
_refine.pdbx_solvent_ion_probe_radii             0.80 
_refine.pdbx_solvent_shrinkage_radii             0.80 
_refine.pdbx_ls_cross_valid_method               THROUGHOUT 
_refine.details                                  'HYDROGENS HAVE BEEN ADDED IN THE RIDING POSITIONS' 
_refine.pdbx_starting_model                      5U9A 
_refine.pdbx_method_to_determine_struct          'MOLECULAR REPLACEMENT' 
_refine.pdbx_isotropic_thermal_model             ? 
_refine.pdbx_stereochemistry_target_values       'MAXIMUM LIKELIHOOD' 
_refine.pdbx_stereochem_target_val_spec_case     ? 
_refine.pdbx_R_Free_selection_details            RANDOM 
_refine.pdbx_overall_ESU_R                       ? 
_refine.pdbx_overall_ESU_R_Free                  0.356 
_refine.overall_SU_ML                            0.366 
_refine.pdbx_overall_phase_error                 ? 
_refine.overall_SU_B                             19.741 
_refine.overall_SU_R_Cruickshank_DPI             ? 
_refine.pdbx_overall_SU_R_free_Cruickshank_DPI   ? 
_refine.pdbx_overall_SU_R_Blow_DPI               ? 
_refine.pdbx_overall_SU_R_free_Blow_DPI          ? 
# 
_refine_hist.pdbx_refine_id                   'X-RAY DIFFRACTION' 
_refine_hist.cycle_id                         1 
_refine_hist.pdbx_number_atoms_protein        1246 
_refine_hist.pdbx_number_atoms_nucleic_acid   0 
_refine_hist.pdbx_number_atoms_ligand         0 
_refine_hist.number_atoms_solvent             0 
_refine_hist.number_atoms_total               1246 
_refine_hist.d_res_high                       2.70 
_refine_hist.d_res_low                        40.52 
# 
loop_
_refine_ls_restr.type 
_refine_ls_restr.dev_ideal 
_refine_ls_restr.dev_ideal_target 
_refine_ls_restr.weight 
_refine_ls_restr.number 
_refine_ls_restr.pdbx_refine_id 
_refine_ls_restr.pdbx_restraint_function 
r_bond_refined_d             0.012  0.019  ? 1277 'X-RAY DIFFRACTION' ? 
r_bond_other_d               0.002  0.020  ? 1216 'X-RAY DIFFRACTION' ? 
r_angle_refined_deg          1.598  1.944  ? 1732 'X-RAY DIFFRACTION' ? 
r_angle_other_deg            0.964  3.000  ? 2797 'X-RAY DIFFRACTION' ? 
r_dihedral_angle_1_deg       8.248  5.000  ? 154  'X-RAY DIFFRACTION' ? 
r_dihedral_angle_2_deg       32.862 24.000 ? 60   'X-RAY DIFFRACTION' ? 
r_dihedral_angle_3_deg       18.065 15.000 ? 221  'X-RAY DIFFRACTION' ? 
r_dihedral_angle_4_deg       11.288 15.000 ? 7    'X-RAY DIFFRACTION' ? 
r_chiral_restr               0.087  0.200  ? 194  'X-RAY DIFFRACTION' ? 
r_gen_planes_refined         0.007  0.021  ? 1424 'X-RAY DIFFRACTION' ? 
r_gen_planes_other           0.002  0.020  ? 299  'X-RAY DIFFRACTION' ? 
r_nbd_refined                ?      ?      ? ?    'X-RAY DIFFRACTION' ? 
r_nbd_other                  ?      ?      ? ?    'X-RAY DIFFRACTION' ? 
r_nbtor_refined              ?      ?      ? ?    'X-RAY DIFFRACTION' ? 
r_nbtor_other                ?      ?      ? ?    'X-RAY DIFFRACTION' ? 
r_xyhbond_nbd_refined        ?      ?      ? ?    'X-RAY DIFFRACTION' ? 
r_xyhbond_nbd_other          ?      ?      ? ?    'X-RAY DIFFRACTION' ? 
r_metal_ion_refined          ?      ?      ? ?    'X-RAY DIFFRACTION' ? 
r_metal_ion_other            ?      ?      ? ?    'X-RAY DIFFRACTION' ? 
r_symmetry_vdw_refined       ?      ?      ? ?    'X-RAY DIFFRACTION' ? 
r_symmetry_vdw_other         ?      ?      ? ?    'X-RAY DIFFRACTION' ? 
r_symmetry_hbond_refined     ?      ?      ? ?    'X-RAY DIFFRACTION' ? 
r_symmetry_hbond_other       ?      ?      ? ?    'X-RAY DIFFRACTION' ? 
r_symmetry_metal_ion_refined ?      ?      ? ?    'X-RAY DIFFRACTION' ? 
r_symmetry_metal_ion_other   ?      ?      ? ?    'X-RAY DIFFRACTION' ? 
r_mcbond_it                  5.817  8.172  ? 619  'X-RAY DIFFRACTION' ? 
r_mcbond_other               5.820  8.165  ? 618  'X-RAY DIFFRACTION' ? 
r_mcangle_it                 9.142  12.237 ? 772  'X-RAY DIFFRACTION' ? 
r_mcangle_other              9.137  12.245 ? 773  'X-RAY DIFFRACTION' ? 
r_scbond_it                  6.195  8.653  ? 658  'X-RAY DIFFRACTION' ? 
r_scbond_other               6.193  8.653  ? 658  'X-RAY DIFFRACTION' ? 
r_scangle_it                 ?      ?      ? ?    'X-RAY DIFFRACTION' ? 
r_scangle_other              9.913  12.782 ? 961  'X-RAY DIFFRACTION' ? 
r_long_range_B_refined       13.499 65.794 ? 1499 'X-RAY DIFFRACTION' ? 
r_long_range_B_other         13.494 65.832 ? 1500 'X-RAY DIFFRACTION' ? 
r_rigid_bond_restr           ?      ?      ? ?    'X-RAY DIFFRACTION' ? 
r_sphericity_free            ?      ?      ? ?    'X-RAY DIFFRACTION' ? 
r_sphericity_bonded          ?      ?      ? ?    'X-RAY DIFFRACTION' ? 
# 
_refine_ls_shell.pdbx_refine_id                   'X-RAY DIFFRACTION' 
_refine_ls_shell.pdbx_total_number_of_bins_used   20 
_refine_ls_shell.d_res_high                       2.700 
_refine_ls_shell.d_res_low                        2.770 
_refine_ls_shell.number_reflns_R_work             357 
_refine_ls_shell.R_factor_R_work                  0.436 
_refine_ls_shell.percent_reflns_obs               99.74 
_refine_ls_shell.R_factor_R_free                  0.369 
_refine_ls_shell.R_factor_R_free_error            ? 
_refine_ls_shell.percent_reflns_R_free            ? 
_refine_ls_shell.number_reflns_R_free             22 
_refine_ls_shell.number_reflns_all                ? 
_refine_ls_shell.R_factor_all                     ? 
_refine_ls_shell.R_factor_obs                     ? 
_refine_ls_shell.number_reflns_obs                ? 
# 
_struct.entry_id                     5U9K 
_struct.title                        
'Crystal structure of V71F mutant of the FKBP domain of human aryl hydrocarbon receptor-interacting protein-like 1 (AIPL1)' 
_struct.pdbx_model_details           ? 
_struct.pdbx_formula_weight          ? 
_struct.pdbx_formula_weight_method   ? 
_struct.pdbx_model_type_details      ? 
_struct.pdbx_CASP_flag               N 
# 
_struct_keywords.entry_id        5U9K 
_struct_keywords.text            'AIPL1, FKBP, chaperone, PDE6, photoreceptor, LCA, isoprenyl, SIGNALING PROTEIN' 
_struct_keywords.pdbx_keywords   'SIGNALING PROTEIN' 
# 
_struct_asym.id                            A 
_struct_asym.pdbx_blank_PDB_chainid_flag   N 
_struct_asym.pdbx_modified                 N 
_struct_asym.entity_id                     1 
_struct_asym.details                       ? 
# 
loop_
_struct_conf.conf_type_id 
_struct_conf.id 
_struct_conf.pdbx_PDB_helix_id 
_struct_conf.beg_label_comp_id 
_struct_conf.beg_label_asym_id 
_struct_conf.beg_label_seq_id 
_struct_conf.pdbx_beg_PDB_ins_code 
_struct_conf.end_label_comp_id 
_struct_conf.end_label_asym_id 
_struct_conf.end_label_seq_id 
_struct_conf.pdbx_end_PDB_ins_code 
_struct_conf.beg_auth_comp_id 
_struct_conf.beg_auth_asym_id 
_struct_conf.beg_auth_seq_id 
_struct_conf.end_auth_comp_id 
_struct_conf.end_auth_asym_id 
_struct_conf.end_auth_seq_id 
_struct_conf.pdbx_PDB_helix_class 
_struct_conf.details 
_struct_conf.pdbx_PDB_helix_length 
HELX_P HELX_P1 AA1 GLU A 78  ? SER A 86  ? GLU A 70  SER A 78  1 ? 9  
HELX_P HELX_P2 AA2 ASP A 98  ? GLY A 103 ? ASP A 90  GLY A 95  1 ? 6  
HELX_P HELX_P3 AA3 VAL A 104 ? ALA A 116 ? VAL A 96  ALA A 108 1 ? 13 
HELX_P HELX_P4 AA4 TRP A 124 ? HIS A 138 ? TRP A 116 HIS A 130 1 ? 15 
HELX_P HELX_P5 AA5 TYR A 142 ? LYS A 150 ? TYR A 134 LYS A 142 1 ? 9  
# 
_struct_conf_type.id          HELX_P 
_struct_conf_type.criteria    ? 
_struct_conf_type.reference   ? 
# 
loop_
_struct_sheet.id 
_struct_sheet.type 
_struct_sheet.number_strands 
_struct_sheet.details 
AA1 ? 5 ? 
AA2 ? 5 ? 
# 
loop_
_struct_sheet_order.sheet_id 
_struct_sheet_order.range_id_1 
_struct_sheet_order.range_id_2 
_struct_sheet_order.offset 
_struct_sheet_order.sense 
AA1 1 2 ? anti-parallel 
AA1 2 3 ? anti-parallel 
AA1 3 4 ? anti-parallel 
AA1 4 5 ? anti-parallel 
AA2 1 2 ? anti-parallel 
AA2 2 3 ? anti-parallel 
AA2 3 4 ? anti-parallel 
AA2 4 5 ? anti-parallel 
# 
loop_
_struct_sheet_range.sheet_id 
_struct_sheet_range.id 
_struct_sheet_range.beg_label_comp_id 
_struct_sheet_range.beg_label_asym_id 
_struct_sheet_range.beg_label_seq_id 
_struct_sheet_range.pdbx_beg_PDB_ins_code 
_struct_sheet_range.end_label_comp_id 
_struct_sheet_range.end_label_asym_id 
_struct_sheet_range.end_label_seq_id 
_struct_sheet_range.pdbx_end_PDB_ins_code 
_struct_sheet_range.beg_auth_comp_id 
_struct_sheet_range.beg_auth_asym_id 
_struct_sheet_range.beg_auth_seq_id 
_struct_sheet_range.end_auth_comp_id 
_struct_sheet_range.end_auth_asym_id 
_struct_sheet_range.end_auth_seq_id 
AA1 1 VAL A 20  ? HIS A 26  ? VAL A 12  HIS A 18  
AA1 2 VAL A 92  ? CYS A 97  ? VAL A 84  CYS A 89  
AA1 3 LEU A 155 ? ASP A 165 ? LEU A 147 ASP A 157 
AA1 4 ARG A 40  ? LYS A 49  ? ARG A 32  LYS A 41  
AA1 5 VAL A 56  ? ASP A 59  ? VAL A 48  ASP A 51  
AA2 1 VAL A 20  ? HIS A 26  ? VAL A 12  HIS A 18  
AA2 2 VAL A 92  ? CYS A 97  ? VAL A 84  CYS A 89  
AA2 3 LEU A 155 ? ASP A 165 ? LEU A 147 ASP A 157 
AA2 4 ARG A 40  ? LYS A 49  ? ARG A 32  LYS A 41  
AA2 5 MET A 67  ? ILE A 70  ? MET A 59  ILE A 62  
# 
loop_
_pdbx_struct_sheet_hbond.sheet_id 
_pdbx_struct_sheet_hbond.range_id_1 
_pdbx_struct_sheet_hbond.range_id_2 
_pdbx_struct_sheet_hbond.range_1_label_atom_id 
_pdbx_struct_sheet_hbond.range_1_label_comp_id 
_pdbx_struct_sheet_hbond.range_1_label_asym_id 
_pdbx_struct_sheet_hbond.range_1_label_seq_id 
_pdbx_struct_sheet_hbond.range_1_PDB_ins_code 
_pdbx_struct_sheet_hbond.range_1_auth_atom_id 
_pdbx_struct_sheet_hbond.range_1_auth_comp_id 
_pdbx_struct_sheet_hbond.range_1_auth_asym_id 
_pdbx_struct_sheet_hbond.range_1_auth_seq_id 
_pdbx_struct_sheet_hbond.range_2_label_atom_id 
_pdbx_struct_sheet_hbond.range_2_label_comp_id 
_pdbx_struct_sheet_hbond.range_2_label_asym_id 
_pdbx_struct_sheet_hbond.range_2_label_seq_id 
_pdbx_struct_sheet_hbond.range_2_PDB_ins_code 
_pdbx_struct_sheet_hbond.range_2_auth_atom_id 
_pdbx_struct_sheet_hbond.range_2_auth_comp_id 
_pdbx_struct_sheet_hbond.range_2_auth_asym_id 
_pdbx_struct_sheet_hbond.range_2_auth_seq_id 
AA1 1 2 N THR A 23  ? N THR A 15  O GLU A 94  ? O GLU A 86  
AA1 2 3 N PHE A 95  ? N PHE A 87  O PHE A 157 ? O PHE A 149 
AA1 3 4 O GLU A 160 ? O GLU A 152 N HIS A 44  ? N HIS A 36  
AA1 4 5 N THR A 47  ? N THR A 39  O ASP A 58  ? O ASP A 50  
AA2 1 2 N THR A 23  ? N THR A 15  O GLU A 94  ? O GLU A 86  
AA2 2 3 N PHE A 95  ? N PHE A 87  O PHE A 157 ? O PHE A 149 
AA2 3 4 O GLU A 160 ? O GLU A 152 N HIS A 44  ? N HIS A 36  
AA2 4 5 N PHE A 43  ? N PHE A 35  O MET A 67  ? O MET A 59  
# 
_atom_sites.entry_id                    5U9K 
_atom_sites.fract_transf_matrix[1][1]   -0.00561438 
_atom_sites.fract_transf_matrix[1][2]   0.01722593 
_atom_sites.fract_transf_matrix[1][3]   -0.00667709 
_atom_sites.fract_transf_matrix[2][1]   0.01359859 
_atom_sites.fract_transf_matrix[2][2]   0.00596605 
_atom_sites.fract_transf_matrix[2][3]   0.00395728 
_atom_sites.fract_transf_matrix[3][1]   0.00342784 
_atom_sites.fract_transf_matrix[3][2]   -0.00217665 
_atom_sites.fract_transf_matrix[3][3]   -0.00849770 
_atom_sites.fract_transf_vector[1]      -0.013547 
_atom_sites.fract_transf_vector[2]      -0.314893 
_atom_sites.fract_transf_vector[3]      0.111748 
# 
loop_
_atom_type.symbol 
C 
H 
N 
O 
S 
# 
loop_
_atom_site.group_PDB 
_atom_site.id 
_atom_site.type_symbol 
_atom_site.label_atom_id 
_atom_site.label_alt_id 
_atom_site.label_comp_id 
_atom_site.label_asym_id 
_atom_site.label_entity_id 
_atom_site.label_seq_id 
_atom_site.pdbx_PDB_ins_code 
_atom_site.Cartn_x 
_atom_site.Cartn_y 
_atom_site.Cartn_z 
_atom_site.occupancy 
_atom_site.B_iso_or_equiv 
_atom_site.pdbx_formal_charge 
_atom_site.auth_seq_id 
_atom_site.auth_comp_id 
_atom_site.auth_asym_id 
_atom_site.auth_atom_id 
_atom_site.pdbx_PDB_model_num 
ATOM 1    N N   . LEU A 1 14  ? 16.608  9.107   0.950   1.00 118.73 ? 6   LEU A N   1 
ATOM 2    C CA  . LEU A 1 14  ? 16.452  8.022   1.943   1.00 130.31 ? 6   LEU A CA  1 
ATOM 3    C C   . LEU A 1 14  ? 16.267  8.659   3.325   1.00 141.23 ? 6   LEU A C   1 
ATOM 4    O O   . LEU A 1 14  ? 17.234  8.870   4.069   1.00 163.95 ? 6   LEU A O   1 
ATOM 5    C CB  . LEU A 1 14  ? 17.668  7.074   1.883   1.00 133.20 ? 6   LEU A CB  1 
ATOM 6    C CG  . LEU A 1 14  ? 17.557  5.648   2.464   1.00 141.93 ? 6   LEU A CG  1 
ATOM 7    C CD1 . LEU A 1 14  ? 18.754  4.806   2.027   1.00 142.47 ? 6   LEU A CD1 1 
ATOM 8    C CD2 . LEU A 1 14  ? 17.409  5.621   3.985   1.00 140.66 ? 6   LEU A CD2 1 
ATOM 9    N N   . LEU A 1 15  ? 15.022  8.991   3.657   1.00 123.08 ? 7   LEU A N   1 
ATOM 10   C CA  . LEU A 1 15  ? 14.720  9.485   4.998   1.00 122.10 ? 7   LEU A CA  1 
ATOM 11   C C   . LEU A 1 15  ? 14.756  8.280   5.948   1.00 126.71 ? 7   LEU A C   1 
ATOM 12   O O   . LEU A 1 15  ? 14.407  7.164   5.548   1.00 106.77 ? 7   LEU A O   1 
ATOM 13   C CB  . LEU A 1 15  ? 13.367  10.204  5.045   1.00 119.15 ? 7   LEU A CB  1 
ATOM 14   C CG  . LEU A 1 15  ? 13.285  11.636  4.495   1.00 109.30 ? 7   LEU A CG  1 
ATOM 15   C CD1 . LEU A 1 15  ? 14.110  12.605  5.342   1.00 98.82  ? 7   LEU A CD1 1 
ATOM 16   C CD2 . LEU A 1 15  ? 13.700  11.673  3.028   1.00 105.28 ? 7   LEU A CD2 1 
ATOM 17   N N   . ASN A 1 16  ? 15.229  8.504   7.178   1.00 136.79 ? 8   ASN A N   1 
ATOM 18   C CA  . ASN A 1 16  ? 15.328  7.439   8.190   1.00 137.12 ? 8   ASN A CA  1 
ATOM 19   C C   . ASN A 1 16  ? 14.080  7.393   9.047   1.00 135.42 ? 8   ASN A C   1 
ATOM 20   O O   . ASN A 1 16  ? 13.616  8.434   9.533   1.00 130.67 ? 8   ASN A O   1 
ATOM 21   C CB  . ASN A 1 16  ? 16.544  7.619   9.116   1.00 136.06 ? 8   ASN A CB  1 
ATOM 22   C CG  . ASN A 1 16  ? 16.546  6.633   10.295  1.00 132.69 ? 8   ASN A CG  1 
ATOM 23   O OD1 . ASN A 1 16  ? 16.618  5.414   10.114  1.00 126.52 ? 8   ASN A OD1 1 
ATOM 24   N ND2 . ASN A 1 16  ? 16.459  7.164   11.507  1.00 133.64 ? 8   ASN A ND2 1 
ATOM 25   N N   . VAL A 1 17  ? 13.535  6.178   9.183   1.00 129.28 ? 9   VAL A N   1 
ATOM 26   C CA  . VAL A 1 17  ? 12.515  5.836   10.181  1.00 116.00 ? 9   VAL A CA  1 
ATOM 27   C C   . VAL A 1 17  ? 12.620  4.410   10.755  1.00 109.38 ? 9   VAL A C   1 
ATOM 28   O O   . VAL A 1 17  ? 11.722  3.996   11.479  1.00 124.07 ? 9   VAL A O   1 
ATOM 29   C CB  . VAL A 1 17  ? 11.085  5.981   9.604   1.00 113.42 ? 9   VAL A CB  1 
ATOM 30   C CG1 . VAL A 1 17  ? 10.815  7.405   9.099   1.00 110.79 ? 9   VAL A CG1 1 
ATOM 31   C CG2 . VAL A 1 17  ? 10.837  4.923   8.527   1.00 108.31 ? 9   VAL A CG2 1 
ATOM 32   N N   . GLU A 1 18  ? 13.665  3.651   10.432  1.00 96.46  ? 10  GLU A N   1 
ATOM 33   C CA  . GLU A 1 18  ? 13.930  2.355   11.075  1.00 100.44 ? 10  GLU A CA  1 
ATOM 34   C C   . GLU A 1 18  ? 13.062  1.169   10.625  1.00 97.15  ? 10  GLU A C   1 
ATOM 35   O O   . GLU A 1 18  ? 11.830  1.237   10.625  1.00 102.79 ? 10  GLU A O   1 
ATOM 36   C CB  . GLU A 1 18  ? 13.865  2.469   12.596  1.00 105.34 ? 10  GLU A CB  1 
ATOM 37   C CG  . GLU A 1 18  ? 14.571  1.328   13.301  1.00 115.34 ? 10  GLU A CG  1 
ATOM 38   C CD  . GLU A 1 18  ? 15.057  1.719   14.678  1.00 125.51 ? 10  GLU A CD  1 
ATOM 39   O OE1 . GLU A 1 18  ? 14.627  1.069   15.655  1.00 133.11 ? 10  GLU A OE1 1 
ATOM 40   O OE2 . GLU A 1 18  ? 15.861  2.679   14.777  1.00 124.75 ? 10  GLU A OE2 1 
ATOM 41   N N   . GLY A 1 19  ? 13.741  0.064   10.295  1.00 90.93  ? 11  GLY A N   1 
ATOM 42   C CA  . GLY A 1 19  ? 13.133  -1.090  9.626   1.00 85.34  ? 11  GLY A CA  1 
ATOM 43   C C   . GLY A 1 19  ? 12.632  -0.792  8.219   1.00 85.51  ? 11  GLY A C   1 
ATOM 44   O O   . GLY A 1 19  ? 11.754  -1.488  7.722   1.00 84.76  ? 11  GLY A O   1 
ATOM 45   N N   . VAL A 1 20  ? 13.194  0.238   7.572   1.00 85.91  ? 12  VAL A N   1 
ATOM 46   C CA  . VAL A 1 20  ? 12.729  0.712   6.259   1.00 82.00  ? 12  VAL A CA  1 
ATOM 47   C C   . VAL A 1 20  ? 13.885  1.227   5.398   1.00 79.41  ? 12  VAL A C   1 
ATOM 48   O O   . VAL A 1 20  ? 14.538  2.199   5.764   1.00 85.61  ? 12  VAL A O   1 
ATOM 49   C CB  . VAL A 1 20  ? 11.719  1.864   6.408   1.00 75.91  ? 12  VAL A CB  1 
ATOM 50   C CG1 . VAL A 1 20  ? 11.220  2.305   5.035   1.00 73.84  ? 12  VAL A CG1 1 
ATOM 51   C CG2 . VAL A 1 20  ? 10.568  1.451   7.307   1.00 77.70  ? 12  VAL A CG2 1 
ATOM 52   N N   . LYS A 1 21  ? 14.109  0.612   4.243   1.00 82.25  ? 13  LYS A N   1 
ATOM 53   C CA  . LYS A 1 21  ? 15.197  1.032   3.353   1.00 93.34  ? 13  LYS A CA  1 
ATOM 54   C C   . LYS A 1 21  ? 14.641  1.548   2.027   1.00 85.76  ? 13  LYS A C   1 
ATOM 55   O O   . LYS A 1 21  ? 14.135  0.759   1.205   1.00 83.32  ? 13  LYS A O   1 
ATOM 56   C CB  . LYS A 1 21  ? 16.209  -0.097  3.098   1.00 99.20  ? 13  LYS A CB  1 
ATOM 57   C CG  . LYS A 1 21  ? 17.471  0.408   2.409   1.00 118.07 ? 13  LYS A CG  1 
ATOM 58   C CD  . LYS A 1 21  ? 18.233  -0.663  1.632   1.00 132.20 ? 13  LYS A CD  1 
ATOM 59   C CE  . LYS A 1 21  ? 19.239  -0.013  0.680   1.00 136.48 ? 13  LYS A CE  1 
ATOM 60   N NZ  . LYS A 1 21  ? 20.520  -0.763  0.565   1.00 137.17 ? 13  LYS A NZ  1 
ATOM 61   N N   . LYS A 1 22  ? 14.755  2.864   1.815   1.00 70.77  ? 14  LYS A N   1 
ATOM 62   C CA  . LYS A 1 22  ? 14.399  3.444   0.525   1.00 64.31  ? 14  LYS A CA  1 
ATOM 63   C C   . LYS A 1 22  ? 15.557  3.371   -0.465  1.00 70.52  ? 14  LYS A C   1 
ATOM 64   O O   . LYS A 1 22  ? 16.732  3.298   -0.077  1.00 81.56  ? 14  LYS A O   1 
ATOM 65   C CB  . LYS A 1 22  ? 13.923  4.879   0.663   1.00 56.09  ? 14  LYS A CB  1 
ATOM 66   C CG  . LYS A 1 22  ? 13.369  5.432   -0.640  1.00 52.19  ? 14  LYS A CG  1 
ATOM 67   C CD  . LYS A 1 22  ? 12.682  6.754   -0.421  1.00 52.26  ? 14  LYS A CD  1 
ATOM 68   C CE  . LYS A 1 22  ? 11.979  7.264   -1.663  1.00 52.83  ? 14  LYS A CE  1 
ATOM 69   N NZ  . LYS A 1 22  ? 11.463  8.649   -1.435  1.00 56.17  ? 14  LYS A NZ  1 
ATOM 70   N N   . THR A 1 23  ? 15.191  3.351   -1.742  1.00 70.48  ? 15  THR A N   1 
ATOM 71   C CA  . THR A 1 23  ? 16.111  3.333   -2.871  1.00 70.05  ? 15  THR A CA  1 
ATOM 72   C C   . THR A 1 23  ? 15.356  4.004   -4.020  1.00 72.40  ? 15  THR A C   1 
ATOM 73   O O   . THR A 1 23  ? 14.337  3.509   -4.476  1.00 78.78  ? 15  THR A O   1 
ATOM 74   C CB  . THR A 1 23  ? 16.447  1.884   -3.247  1.00 71.08  ? 15  THR A CB  1 
ATOM 75   O OG1 . THR A 1 23  ? 16.747  1.131   -2.061  1.00 73.76  ? 15  THR A OG1 1 
ATOM 76   C CG2 . THR A 1 23  ? 17.590  1.835   -4.211  1.00 73.00  ? 15  THR A CG2 1 
ATOM 77   N N   . ILE A 1 24  ? 15.807  5.156   -4.462  1.00 74.69  ? 16  ILE A N   1 
ATOM 78   C CA  . ILE A 1 24  ? 15.035  5.914   -5.458  1.00 76.67  ? 16  ILE A CA  1 
ATOM 79   C C   . ILE A 1 24  ? 15.488  5.453   -6.858  1.00 77.37  ? 16  ILE A C   1 
ATOM 80   O O   . ILE A 1 24  ? 16.676  5.444   -7.139  1.00 87.28  ? 16  ILE A O   1 
ATOM 81   C CB  . ILE A 1 24  ? 15.156  7.432   -5.214  1.00 78.38  ? 16  ILE A CB  1 
ATOM 82   C CG1 . ILE A 1 24  ? 14.588  8.219   -6.385  1.00 87.60  ? 16  ILE A CG1 1 
ATOM 83   C CG2 . ILE A 1 24  ? 16.601  7.860   -4.955  1.00 82.60  ? 16  ILE A CG2 1 
ATOM 84   C CD1 . ILE A 1 24  ? 14.316  9.663   -6.008  1.00 99.08  ? 16  ILE A CD1 1 
ATOM 85   N N   . LEU A 1 25  ? 14.565  5.031   -7.716  1.00 73.10  ? 17  LEU A N   1 
ATOM 86   C CA  . LEU A 1 25  ? 14.940  4.418   -8.997  1.00 74.63  ? 17  LEU A CA  1 
ATOM 87   C C   . LEU A 1 25  ? 14.934  5.436   -10.105 1.00 80.78  ? 17  LEU A C   1 
ATOM 88   O O   . LEU A 1 25  ? 15.943  5.632   -10.787 1.00 103.96 ? 17  LEU A O   1 
ATOM 89   C CB  . LEU A 1 25  ? 13.993  3.299   -9.394  1.00 70.47  ? 17  LEU A CB  1 
ATOM 90   C CG  . LEU A 1 25  ? 13.804  2.148   -8.416  1.00 66.74  ? 17  LEU A CG  1 
ATOM 91   C CD1 . LEU A 1 25  ? 12.553  1.422   -8.832  1.00 65.35  ? 17  LEU A CD1 1 
ATOM 92   C CD2 . LEU A 1 25  ? 14.979  1.188   -8.364  1.00 70.69  ? 17  LEU A CD2 1 
ATOM 93   N N   . HIS A 1 26  ? 13.790  6.066   -10.299 1.00 67.14  ? 18  HIS A N   1 
ATOM 94   C CA  . HIS A 1 26  ? 13.682  7.103   -11.262 1.00 67.39  ? 18  HIS A CA  1 
ATOM 95   C C   . HIS A 1 26  ? 13.318  8.325   -10.492 1.00 71.82  ? 18  HIS A C   1 
ATOM 96   O O   . HIS A 1 26  ? 12.269  8.379   -9.857  1.00 77.86  ? 18  HIS A O   1 
ATOM 97   C CB  . HIS A 1 26  ? 12.640  6.789   -12.286 1.00 73.81  ? 18  HIS A CB  1 
ATOM 98   C CG  . HIS A 1 26  ? 12.469  7.868   -13.288 1.00 72.45  ? 18  HIS A CG  1 
ATOM 99   N ND1 . HIS A 1 26  ? 11.395  8.734   -13.271 1.00 77.79  ? 18  HIS A ND1 1 
ATOM 100  C CD2 . HIS A 1 26  ? 13.248  8.242   -14.324 1.00 69.82  ? 18  HIS A CD2 1 
ATOM 101  C CE1 . HIS A 1 26  ? 11.504  9.585   -14.275 1.00 80.46  ? 18  HIS A CE1 1 
ATOM 102  N NE2 . HIS A 1 26  ? 12.627  9.314   -14.922 1.00 83.31  ? 18  HIS A NE2 1 
ATOM 103  N N   . GLY A 1 27  ? 14.205  9.309   -10.585 1.00 81.58  ? 19  GLY A N   1 
ATOM 104  C CA  . GLY A 1 27  ? 14.299  10.403  -9.654  1.00 77.72  ? 19  GLY A CA  1 
ATOM 105  C C   . GLY A 1 27  ? 13.070  11.267  -9.551  1.00 81.53  ? 19  GLY A C   1 
ATOM 106  O O   . GLY A 1 27  ? 12.742  11.726  -8.453  1.00 95.08  ? 19  GLY A O   1 
ATOM 107  N N   . GLY A 1 28  ? 12.394  11.513  -10.671 1.00 80.50  ? 20  GLY A N   1 
ATOM 108  C CA  . GLY A 1 28  ? 11.128  12.251  -10.628 1.00 92.07  ? 20  GLY A CA  1 
ATOM 109  C C   . GLY A 1 28  ? 11.274  13.703  -10.224 1.00 99.87  ? 20  GLY A C   1 
ATOM 110  O O   . GLY A 1 28  ? 12.163  14.081  -9.464  1.00 100.30 ? 20  GLY A O   1 
ATOM 111  N N   . THR A 1 29  ? 10.362  14.522  -10.716 1.00 116.75 ? 21  THR A N   1 
ATOM 112  C CA  . THR A 1 29  ? 10.622  15.946  -10.859 1.00 126.43 ? 21  THR A CA  1 
ATOM 113  C C   . THR A 1 29  ? 9.971   16.824  -9.780  1.00 129.06 ? 21  THR A C   1 
ATOM 114  O O   . THR A 1 29  ? 8.750   16.765  -9.595  1.00 118.43 ? 21  THR A O   1 
ATOM 115  C CB  . THR A 1 29  ? 10.144  16.418  -12.259 1.00 137.41 ? 21  THR A CB  1 
ATOM 116  O OG1 . THR A 1 29  ? 8.709   16.453  -12.310 1.00 148.11 ? 21  THR A OG1 1 
ATOM 117  C CG2 . THR A 1 29  ? 10.672  15.480  -13.360 1.00 133.19 ? 21  THR A CG2 1 
ATOM 118  N N   . GLY A 1 30  ? 10.792  17.613  -9.071  1.00 120.54 ? 22  GLY A N   1 
ATOM 119  C CA  . GLY A 1 30  ? 10.320  18.855  -8.452  1.00 113.48 ? 22  GLY A CA  1 
ATOM 120  C C   . GLY A 1 30  ? 10.649  19.146  -6.996  1.00 114.14 ? 22  GLY A C   1 
ATOM 121  O O   . GLY A 1 30  ? 11.687  18.737  -6.459  1.00 97.46  ? 22  GLY A O   1 
ATOM 122  N N   . GLU A 1 31  ? 9.730   19.878  -6.366  1.00 116.64 ? 23  GLU A N   1 
ATOM 123  C CA  . GLU A 1 31  ? 9.941   20.468  -5.052  1.00 114.24 ? 23  GLU A CA  1 
ATOM 124  C C   . GLU A 1 31  ? 9.065   19.881  -3.947  1.00 110.84 ? 23  GLU A C   1 
ATOM 125  O O   . GLU A 1 31  ? 8.655   20.619  -3.056  1.00 112.67 ? 23  GLU A O   1 
ATOM 126  C CB  . GLU A 1 31  ? 9.709   21.986  -5.131  1.00 126.13 ? 23  GLU A CB  1 
ATOM 127  C CG  . GLU A 1 31  ? 8.282   22.466  -5.411  1.00 126.45 ? 23  GLU A CG  1 
ATOM 128  C CD  . GLU A 1 31  ? 7.896   23.656  -4.542  1.00 124.24 ? 23  GLU A CD  1 
ATOM 129  O OE1 . GLU A 1 31  ? 7.531   23.448  -3.364  1.00 105.43 ? 23  GLU A OE1 1 
ATOM 130  O OE2 . GLU A 1 31  ? 7.963   24.800  -5.034  1.00 127.19 ? 23  GLU A OE2 1 
ATOM 131  N N   . LEU A 1 32  ? 8.790   18.573  -4.012  1.00 104.97 ? 24  LEU A N   1 
ATOM 132  C CA  . LEU A 1 32  ? 8.137   17.793  -2.935  1.00 92.47  ? 24  LEU A CA  1 
ATOM 133  C C   . LEU A 1 32  ? 6.736   18.295  -2.724  1.00 81.53  ? 24  LEU A C   1 
ATOM 134  O O   . LEU A 1 32  ? 6.556   19.369  -2.207  1.00 86.24  ? 24  LEU A O   1 
ATOM 135  C CB  . LEU A 1 32  ? 8.947   17.849  -1.618  1.00 96.45  ? 24  LEU A CB  1 
ATOM 136  C CG  . LEU A 1 32  ? 8.645   16.924  -0.411  1.00 96.53  ? 24  LEU A CG  1 
ATOM 137  C CD1 . LEU A 1 32  ? 7.200   17.028  0.099   1.00 95.29  ? 24  LEU A CD1 1 
ATOM 138  C CD2 . LEU A 1 32  ? 9.041   15.474  -0.699  1.00 88.89  ? 24  LEU A CD2 1 
ATOM 139  N N   . PRO A 1 33  ? 5.724   17.507  -3.087  1.00 88.82  ? 25  PRO A N   1 
ATOM 140  C CA  . PRO A 1 33  ? 4.424   18.185  -3.158  1.00 89.37  ? 25  PRO A CA  1 
ATOM 141  C C   . PRO A 1 33  ? 3.854   18.639  -1.805  1.00 81.51  ? 25  PRO A C   1 
ATOM 142  O O   . PRO A 1 33  ? 4.416   18.382  -0.728  1.00 72.93  ? 25  PRO A O   1 
ATOM 143  C CB  . PRO A 1 33  ? 3.514   17.162  -3.866  1.00 94.29  ? 25  PRO A CB  1 
ATOM 144  C CG  . PRO A 1 33  ? 4.189   15.841  -3.715  1.00 90.07  ? 25  PRO A CG  1 
ATOM 145  C CD  . PRO A 1 33  ? 5.644   16.070  -3.416  1.00 89.00  ? 25  PRO A CD  1 
ATOM 146  N N   . ASN A 1 34  ? 2.749   19.349  -1.899  1.00 76.50  ? 26  ASN A N   1 
ATOM 147  C CA  . ASN A 1 34  ? 2.089   19.844  -0.740  1.00 74.62  ? 26  ASN A CA  1 
ATOM 148  C C   . ASN A 1 34  ? 1.293   18.685  -0.179  1.00 74.27  ? 26  ASN A C   1 
ATOM 149  O O   . ASN A 1 34  ? 0.171   18.430  -0.613  1.00 80.55  ? 26  ASN A O   1 
ATOM 150  C CB  . ASN A 1 34  ? 1.193   21.006  -1.136  1.00 75.44  ? 26  ASN A CB  1 
ATOM 151  C CG  . ASN A 1 34  ? 0.377   21.520  0.009   1.00 78.09  ? 26  ASN A CG  1 
ATOM 152  O OD1 . ASN A 1 34  ? 0.656   21.227  1.170   1.00 79.82  ? 26  ASN A OD1 1 
ATOM 153  N ND2 . ASN A 1 34  ? -0.664  22.267  -0.311  1.00 85.44  ? 26  ASN A ND2 1 
ATOM 154  N N   . PHE A 1 35  ? 1.877   17.987  0.791   1.00 68.08  ? 27  PHE A N   1 
ATOM 155  C CA  . PHE A 1 35  ? 1.223   16.842  1.410   1.00 67.46  ? 27  PHE A CA  1 
ATOM 156  C C   . PHE A 1 35  ? 0.346   17.275  2.596   1.00 76.15  ? 27  PHE A C   1 
ATOM 157  O O   . PHE A 1 35  ? 0.557   16.856  3.753   1.00 64.18  ? 27  PHE A O   1 
ATOM 158  C CB  . PHE A 1 35  ? 2.256   15.795  1.842   1.00 68.35  ? 27  PHE A CB  1 
ATOM 159  C CG  . PHE A 1 35  ? 2.799   14.952  0.713   1.00 62.15  ? 27  PHE A CG  1 
ATOM 160  C CD1 . PHE A 1 35  ? 1.954   14.129  -0.028  1.00 64.91  ? 27  PHE A CD1 1 
ATOM 161  C CD2 . PHE A 1 35  ? 4.164   14.923  0.443   1.00 54.66  ? 27  PHE A CD2 1 
ATOM 162  C CE1 . PHE A 1 35  ? 2.457   13.337  -1.053  1.00 66.80  ? 27  PHE A CE1 1 
ATOM 163  C CE2 . PHE A 1 35  ? 4.675   14.139  -0.570  1.00 56.43  ? 27  PHE A CE2 1 
ATOM 164  C CZ  . PHE A 1 35  ? 3.829   13.335  -1.317  1.00 64.28  ? 27  PHE A CZ  1 
ATOM 165  N N   . ILE A 1 36  ? -0.674  18.080  2.284   1.00 86.58  ? 28  ILE A N   1 
ATOM 166  C CA  . ILE A 1 36  ? -1.564  18.647  3.297   1.00 84.32  ? 28  ILE A CA  1 
ATOM 167  C C   . ILE A 1 36  ? -2.577  17.589  3.701   1.00 79.46  ? 28  ILE A C   1 
ATOM 168  O O   . ILE A 1 36  ? -3.109  16.879  2.846   1.00 75.96  ? 28  ILE A O   1 
ATOM 169  C CB  . ILE A 1 36  ? -2.256  19.957  2.797   1.00 89.52  ? 28  ILE A CB  1 
ATOM 170  C CG1 . ILE A 1 36  ? -2.714  20.811  3.970   1.00 96.17  ? 28  ILE A CG1 1 
ATOM 171  C CG2 . ILE A 1 36  ? -3.460  19.704  1.896   1.00 91.32  ? 28  ILE A CG2 1 
ATOM 172  C CD1 . ILE A 1 36  ? -1.583  21.371  4.804   1.00 101.30 ? 28  ILE A CD1 1 
ATOM 173  N N   . THR A 1 37  ? -2.824  17.470  5.001   1.00 79.15  ? 29  THR A N   1 
ATOM 174  C CA  . THR A 1 37  ? -3.919  16.646  5.505   1.00 82.19  ? 29  THR A CA  1 
ATOM 175  C C   . THR A 1 37  ? -5.165  16.808  4.634   1.00 86.58  ? 29  THR A C   1 
ATOM 176  O O   . THR A 1 37  ? -5.620  17.923  4.394   1.00 83.07  ? 29  THR A O   1 
ATOM 177  C CB  . THR A 1 37  ? -4.256  17.043  6.939   1.00 80.90  ? 29  THR A CB  1 
ATOM 178  O OG1 . THR A 1 37  ? -3.100  16.826  7.751   1.00 86.54  ? 29  THR A OG1 1 
ATOM 179  C CG2 . THR A 1 37  ? -5.402  16.224  7.468   1.00 76.80  ? 29  THR A CG2 1 
ATOM 180  N N   . GLY A 1 38  ? -5.683  15.694  4.130   1.00 87.67  ? 30  GLY A N   1 
ATOM 181  C CA  . GLY A 1 38  ? -6.767  15.717  3.164   1.00 84.52  ? 30  GLY A CA  1 
ATOM 182  C C   . GLY A 1 38  ? -6.378  15.903  1.711   1.00 87.79  ? 30  GLY A C   1 
ATOM 183  O O   . GLY A 1 38  ? -7.259  15.997  0.856   1.00 93.17  ? 30  GLY A O   1 
ATOM 184  N N   . SER A 1 39  ? -5.083  15.964  1.401   1.00 90.78  ? 31  SER A N   1 
ATOM 185  C CA  . SER A 1 39  ? -4.656  15.858  0.006   1.00 92.28  ? 31  SER A CA  1 
ATOM 186  C C   . SER A 1 39  ? -4.942  14.427  -0.460  1.00 93.09  ? 31  SER A C   1 
ATOM 187  O O   . SER A 1 39  ? -4.955  13.510  0.363   1.00 88.61  ? 31  SER A O   1 
ATOM 188  C CB  . SER A 1 39  ? -3.166  16.188  -0.174  1.00 99.64  ? 31  SER A CB  1 
ATOM 189  O OG  . SER A 1 39  ? -2.943  17.580  -0.356  1.00 107.42 ? 31  SER A OG  1 
ATOM 190  N N   . ARG A 1 40  ? -5.182  14.253  -1.764  1.00 95.11  ? 32  ARG A N   1 
ATOM 191  C CA  . ARG A 1 40  ? -5.445  12.932  -2.382  1.00 92.59  ? 32  ARG A CA  1 
ATOM 192  C C   . ARG A 1 40  ? -4.202  12.413  -3.125  1.00 80.36  ? 32  ARG A C   1 
ATOM 193  O O   . ARG A 1 40  ? -3.816  12.956  -4.156  1.00 82.13  ? 32  ARG A O   1 
ATOM 194  C CB  . ARG A 1 40  ? -6.635  13.033  -3.347  1.00 101.06 ? 32  ARG A CB  1 
ATOM 195  C CG  . ARG A 1 40  ? -7.032  11.720  -4.021  1.00 113.42 ? 32  ARG A CG  1 
ATOM 196  C CD  . ARG A 1 40  ? -8.122  11.905  -5.082  1.00 120.31 ? 32  ARG A CD  1 
ATOM 197  N NE  . ARG A 1 40  ? -9.481  11.965  -4.515  1.00 131.25 ? 32  ARG A NE  1 
ATOM 198  C CZ  . ARG A 1 40  ? -10.250 10.918  -4.172  1.00 129.50 ? 32  ARG A CZ  1 
ATOM 199  N NH1 . ARG A 1 40  ? -9.832  9.655   -4.316  1.00 124.60 ? 32  ARG A NH1 1 
ATOM 200  N NH2 . ARG A 1 40  ? -11.467 11.138  -3.660  1.00 126.90 ? 32  ARG A NH2 1 
ATOM 201  N N   . VAL A 1 41  ? -3.599  11.344  -2.627  1.00 70.86  ? 33  VAL A N   1 
ATOM 202  C CA  . VAL A 1 41  ? -2.369  10.829  -3.214  1.00 70.92  ? 33  VAL A CA  1 
ATOM 203  C C   . VAL A 1 41  ? -2.724  9.720   -4.197  1.00 75.08  ? 33  VAL A C   1 
ATOM 204  O O   . VAL A 1 41  ? -3.488  8.809   -3.872  1.00 63.98  ? 33  VAL A O   1 
ATOM 205  C CB  . VAL A 1 41  ? -1.424  10.258  -2.148  1.00 74.89  ? 33  VAL A CB  1 
ATOM 206  C CG1 . VAL A 1 41  ? -0.030  10.027  -2.716  1.00 73.90  ? 33  VAL A CG1 1 
ATOM 207  C CG2 . VAL A 1 41  ? -1.360  11.179  -0.940  1.00 77.20  ? 33  VAL A CG2 1 
ATOM 208  N N   . ILE A 1 42  ? -2.139  9.798   -5.388  1.00 74.77  ? 34  ILE A N   1 
ATOM 209  C CA  . ILE A 1 42  ? -2.515  8.955   -6.510  1.00 72.62  ? 34  ILE A CA  1 
ATOM 210  C C   . ILE A 1 42  ? -1.257  8.289   -7.001  1.00 71.85  ? 34  ILE A C   1 
ATOM 211  O O   . ILE A 1 42  ? -0.247  8.952   -7.243  1.00 69.86  ? 34  ILE A O   1 
ATOM 212  C CB  . ILE A 1 42  ? -3.126  9.807   -7.614  1.00 74.69  ? 34  ILE A CB  1 
ATOM 213  C CG1 . ILE A 1 42  ? -4.480  10.352  -7.138  1.00 86.10  ? 34  ILE A CG1 1 
ATOM 214  C CG2 . ILE A 1 42  ? -3.293  8.998   -8.889  1.00 77.01  ? 34  ILE A CG2 1 
ATOM 215  C CD1 . ILE A 1 42  ? -4.776  11.753  -7.616  1.00 94.23  ? 34  ILE A CD1 1 
ATOM 216  N N   . PHE A 1 43  ? -1.309  6.970   -7.143  1.00 70.15  ? 35  PHE A N   1 
ATOM 217  C CA  . PHE A 1 43  ? -0.093  6.220   -7.387  1.00 69.44  ? 35  PHE A CA  1 
ATOM 218  C C   . PHE A 1 43  ? -0.348  4.828   -7.922  1.00 68.08  ? 35  PHE A C   1 
ATOM 219  O O   . PHE A 1 43  ? -1.470  4.334   -7.916  1.00 73.47  ? 35  PHE A O   1 
ATOM 220  C CB  . PHE A 1 43  ? 0.745   6.149   -6.102  1.00 66.84  ? 35  PHE A CB  1 
ATOM 221  C CG  . PHE A 1 43  ? 0.012   5.568   -4.925  1.00 65.46  ? 35  PHE A CG  1 
ATOM 222  C CD1 . PHE A 1 43  ? -0.840  6.359   -4.145  1.00 63.82  ? 35  PHE A CD1 1 
ATOM 223  C CD2 . PHE A 1 43  ? 0.205   4.235   -4.558  1.00 62.16  ? 35  PHE A CD2 1 
ATOM 224  C CE1 . PHE A 1 43  ? -1.510  5.821   -3.055  1.00 63.21  ? 35  PHE A CE1 1 
ATOM 225  C CE2 . PHE A 1 43  ? -0.453  3.701   -3.459  1.00 58.16  ? 35  PHE A CE2 1 
ATOM 226  C CZ  . PHE A 1 43  ? -1.322  4.483   -2.712  1.00 58.15  ? 35  PHE A CZ  1 
ATOM 227  N N   . HIS A 1 44  ? 0.715   4.242   -8.444  1.00 59.98  ? 36  HIS A N   1 
ATOM 228  C CA  . HIS A 1 44  ? 0.771   2.840   -8.729  1.00 57.98  ? 36  HIS A CA  1 
ATOM 229  C C   . HIS A 1 44  ? 1.779   2.285   -7.778  1.00 54.05  ? 36  HIS A C   1 
ATOM 230  O O   . HIS A 1 44  ? 2.749   2.951   -7.449  1.00 54.02  ? 36  HIS A O   1 
ATOM 231  C CB  . HIS A 1 44  ? 1.271   2.551   -10.155 1.00 64.91  ? 36  HIS A CB  1 
ATOM 232  C CG  . HIS A 1 44  ? 0.202   2.582   -11.207 1.00 71.46  ? 36  HIS A CG  1 
ATOM 233  N ND1 . HIS A 1 44  ? -0.728  1.576   -11.353 1.00 70.20  ? 36  HIS A ND1 1 
ATOM 234  C CD2 . HIS A 1 44  ? -0.057  3.481   -12.191 1.00 74.59  ? 36  HIS A CD2 1 
ATOM 235  C CE1 . HIS A 1 44  ? -1.525  1.861   -12.369 1.00 75.83  ? 36  HIS A CE1 1 
ATOM 236  N NE2 . HIS A 1 44  ? -1.147  3.017   -12.888 1.00 77.28  ? 36  HIS A NE2 1 
ATOM 237  N N   . PHE A 1 45  ? 1.575   1.026   -7.405  1.00 56.54  ? 37  PHE A N   1 
ATOM 238  C CA  . PHE A 1 45  ? 2.513   0.274   -6.598  1.00 51.60  ? 37  PHE A CA  1 
ATOM 239  C C   . PHE A 1 45  ? 2.481   -1.167  -7.028  1.00 52.14  ? 37  PHE A C   1 
ATOM 240  O O   . PHE A 1 45  ? 1.472   -1.659  -7.515  1.00 53.25  ? 37  PHE A O   1 
ATOM 241  C CB  . PHE A 1 45  ? 2.118   0.346   -5.124  1.00 55.53  ? 37  PHE A CB  1 
ATOM 242  C CG  . PHE A 1 45  ? 0.863   -0.425  -4.798  1.00 54.20  ? 37  PHE A CG  1 
ATOM 243  C CD1 . PHE A 1 45  ? -0.392  0.077   -5.129  1.00 54.46  ? 37  PHE A CD1 1 
ATOM 244  C CD2 . PHE A 1 45  ? 0.947   -1.685  -4.202  1.00 53.39  ? 37  PHE A CD2 1 
ATOM 245  C CE1 . PHE A 1 45  ? -1.545  -0.657  -4.841  1.00 56.51  ? 37  PHE A CE1 1 
ATOM 246  C CE2 . PHE A 1 45  ? -0.180  -2.434  -3.920  1.00 49.37  ? 37  PHE A CE2 1 
ATOM 247  C CZ  . PHE A 1 45  ? -1.433  -1.918  -4.239  1.00 56.27  ? 37  PHE A CZ  1 
ATOM 248  N N   . ARG A 1 46  ? 3.597   -1.833  -6.813  1.00 54.42  ? 38  ARG A N   1 
ATOM 249  C CA  . ARG A 1 46  ? 3.715   -3.257  -6.957  1.00 55.12  ? 38  ARG A CA  1 
ATOM 250  C C   . ARG A 1 46  ? 4.340   -3.704  -5.648  1.00 55.90  ? 38  ARG A C   1 
ATOM 251  O O   . ARG A 1 46  ? 5.187   -2.997  -5.131  1.00 62.62  ? 38  ARG A O   1 
ATOM 252  C CB  . ARG A 1 46  ? 4.623   -3.571  -8.158  1.00 59.81  ? 38  ARG A CB  1 
ATOM 253  C CG  . ARG A 1 46  ? 5.195   -5.004  -8.221  1.00 65.64  ? 38  ARG A CG  1 
ATOM 254  C CD  . ARG A 1 46  ? 5.666   -5.464  -9.606  1.00 62.36  ? 38  ARG A CD  1 
ATOM 255  N NE  . ARG A 1 46  ? 7.089   -5.220  -9.783  1.00 59.29  ? 38  ARG A NE  1 
ATOM 256  C CZ  . ARG A 1 46  ? 7.627   -4.071  -10.217 1.00 70.36  ? 38  ARG A CZ  1 
ATOM 257  N NH1 . ARG A 1 46  ? 6.885   -3.007  -10.583 1.00 64.99  ? 38  ARG A NH1 1 
ATOM 258  N NH2 . ARG A 1 46  ? 8.955   -3.975  -10.301 1.00 77.52  ? 38  ARG A NH2 1 
ATOM 259  N N   . THR A 1 47  ? 3.930   -4.837  -5.090  1.00 53.95  ? 39  THR A N   1 
ATOM 260  C CA  . THR A 1 47  ? 4.578   -5.337  -3.883  1.00 57.12  ? 39  THR A CA  1 
ATOM 261  C C   . THR A 1 47  ? 5.071   -6.764  -4.063  1.00 55.76  ? 39  THR A C   1 
ATOM 262  O O   . THR A 1 47  ? 4.395   -7.595  -4.658  1.00 53.11  ? 39  THR A O   1 
ATOM 263  C CB  . THR A 1 47  ? 3.666   -5.300  -2.636  1.00 59.45  ? 39  THR A CB  1 
ATOM 264  O OG1 . THR A 1 47  ? 3.187   -6.619  -2.360  1.00 73.34  ? 39  THR A OG1 1 
ATOM 265  C CG2 . THR A 1 47  ? 2.508   -4.356  -2.800  1.00 53.13  ? 39  THR A CG2 1 
ATOM 266  N N   . MET A 1 48  ? 6.242   -7.037  -3.506  1.00 55.39  ? 40  MET A N   1 
ATOM 267  C CA  . MET A 1 48  ? 6.923   -8.284  -3.735  1.00 58.87  ? 40  MET A CA  1 
ATOM 268  C C   . MET A 1 48  ? 7.606   -8.783  -2.486  1.00 62.99  ? 40  MET A C   1 
ATOM 269  O O   . MET A 1 48  ? 8.008   -8.019  -1.595  1.00 68.84  ? 40  MET A O   1 
ATOM 270  C CB  . MET A 1 48  ? 7.990   -8.126  -4.804  1.00 60.29  ? 40  MET A CB  1 
ATOM 271  C CG  . MET A 1 48  ? 7.494   -7.572  -6.134  1.00 64.99  ? 40  MET A CG  1 
ATOM 272  S SD  . MET A 1 48  ? 8.823   -6.751  -7.038  1.00 59.96  ? 40  MET A SD  1 
ATOM 273  C CE  . MET A 1 48  ? 9.159   -5.299  -6.073  1.00 53.44  ? 40  MET A CE  1 
ATOM 274  N N   . LYS A 1 49  ? 7.779   -10.091 -2.464  1.00 62.09  ? 41  LYS A N   1 
ATOM 275  C CA  . LYS A 1 49  ? 8.535   -10.730 -1.432  1.00 65.03  ? 41  LYS A CA  1 
ATOM 276  C C   . LYS A 1 49  ? 9.988   -10.478 -1.716  1.00 72.84  ? 41  LYS A C   1 
ATOM 277  O O   . LYS A 1 49  ? 10.356  -10.047 -2.824  1.00 68.76  ? 41  LYS A O   1 
ATOM 278  C CB  . LYS A 1 49  ? 8.227   -12.214 -1.436  1.00 66.13  ? 41  LYS A CB  1 
ATOM 279  C CG  . LYS A 1 49  ? 6.772   -12.462 -1.056  1.00 69.79  ? 41  LYS A CG  1 
ATOM 280  C CD  . LYS A 1 49  ? 6.282   -13.850 -1.411  1.00 76.50  ? 41  LYS A CD  1 
ATOM 281  C CE  . LYS A 1 49  ? 6.844   -14.910 -0.485  1.00 80.66  ? 41  LYS A CE  1 
ATOM 282  N NZ  . LYS A 1 49  ? 6.194   -16.224 -0.755  1.00 82.60  ? 41  LYS A NZ  1 
ATOM 283  N N   . CYS A 1 50  ? 10.815  -10.745 -0.716  1.00 78.72  ? 42  CYS A N   1 
ATOM 284  C CA  . CYS A 1 50  ? 12.256  -10.671 -0.891  1.00 83.44  ? 42  CYS A CA  1 
ATOM 285  C C   . CYS A 1 50  ? 12.865  -12.053 -1.147  1.00 84.51  ? 42  CYS A C   1 
ATOM 286  O O   . CYS A 1 50  ? 13.984  -12.314 -0.727  1.00 96.41  ? 42  CYS A O   1 
ATOM 287  C CB  . CYS A 1 50  ? 12.900  -9.972  0.306   1.00 81.82  ? 42  CYS A CB  1 
ATOM 288  S SG  . CYS A 1 50  ? 11.952  -8.517  0.793   1.00 86.42  ? 42  CYS A SG  1 
ATOM 289  N N   . ASP A 1 51  ? 12.148  -12.913 -1.867  1.00 82.94  ? 43  ASP A N   1 
ATOM 290  C CA  . ASP A 1 51  ? 12.693  -14.207 -2.298  1.00 90.64  ? 43  ASP A CA  1 
ATOM 291  C C   . ASP A 1 51  ? 13.500  -14.066 -3.606  1.00 101.92 ? 43  ASP A C   1 
ATOM 292  O O   . ASP A 1 51  ? 13.719  -12.946 -4.095  1.00 105.46 ? 43  ASP A O   1 
ATOM 293  C CB  . ASP A 1 51  ? 11.559  -15.231 -2.429  1.00 91.59  ? 43  ASP A CB  1 
ATOM 294  C CG  . ASP A 1 51  ? 10.491  -14.814 -3.423  1.00 94.58  ? 43  ASP A CG  1 
ATOM 295  O OD1 . ASP A 1 51  ? 10.460  -13.638 -3.864  1.00 93.00  ? 43  ASP A OD1 1 
ATOM 296  O OD2 . ASP A 1 51  ? 9.661   -15.676 -3.747  1.00 90.49  ? 43  ASP A OD2 1 
ATOM 297  N N   . GLU A 1 52  ? 13.944  -15.196 -4.162  1.00 108.58 ? 44  GLU A N   1 
ATOM 298  C CA  . GLU A 1 52  ? 14.733  -15.210 -5.404  1.00 112.73 ? 44  GLU A CA  1 
ATOM 299  C C   . GLU A 1 52  ? 13.942  -14.664 -6.589  1.00 106.82 ? 44  GLU A C   1 
ATOM 300  O O   . GLU A 1 52  ? 14.371  -13.727 -7.273  1.00 93.80  ? 44  GLU A O   1 
ATOM 301  C CB  . GLU A 1 52  ? 15.186  -16.637 -5.725  1.00 123.34 ? 44  GLU A CB  1 
ATOM 302  C CG  . GLU A 1 52  ? 16.162  -17.246 -4.721  1.00 135.26 ? 44  GLU A CG  1 
ATOM 303  C CD  . GLU A 1 52  ? 17.588  -16.734 -4.860  1.00 146.50 ? 44  GLU A CD  1 
ATOM 304  O OE1 . GLU A 1 52  ? 17.827  -15.729 -5.570  1.00 155.08 ? 44  GLU A OE1 1 
ATOM 305  O OE2 . GLU A 1 52  ? 18.485  -17.354 -4.246  1.00 156.07 ? 44  GLU A OE2 1 
ATOM 306  N N   . GLU A 1 53  ? 12.758  -15.238 -6.788  1.00 104.39 ? 45  GLU A N   1 
ATOM 307  C CA  . GLU A 1 53  ? 11.866  -14.819 -7.867  1.00 97.33  ? 45  GLU A CA  1 
ATOM 308  C C   . GLU A 1 53  ? 11.369  -13.383 -7.648  1.00 91.51  ? 45  GLU A C   1 
ATOM 309  O O   . GLU A 1 53  ? 10.822  -12.796 -8.572  1.00 91.78  ? 45  GLU A O   1 
ATOM 310  C CB  . GLU A 1 53  ? 10.629  -15.739 -8.023  1.00 100.26 ? 45  GLU A CB  1 
ATOM 311  C CG  . GLU A 1 53  ? 10.796  -17.231 -7.751  1.00 106.59 ? 45  GLU A CG  1 
ATOM 312  C CD  . GLU A 1 53  ? 11.933  -17.879 -8.528  1.00 113.03 ? 45  GLU A CD  1 
ATOM 313  O OE1 . GLU A 1 53  ? 11.876  -17.905 -9.775  1.00 108.93 ? 45  GLU A OE1 1 
ATOM 314  O OE2 . GLU A 1 53  ? 12.873  -18.400 -7.887  1.00 119.83 ? 45  GLU A OE2 1 
ATOM 315  N N   . ARG A 1 54  ? 11.516  -12.832 -6.437  1.00 85.64  ? 46  ARG A N   1 
ATOM 316  C CA  . ARG A 1 54  ? 10.954  -11.537 -6.103  1.00 81.93  ? 46  ARG A CA  1 
ATOM 317  C C   . ARG A 1 54  ? 9.474   -11.589 -6.459  1.00 83.70  ? 46  ARG A C   1 
ATOM 318  O O   . ARG A 1 54  ? 8.968   -10.786 -7.245  1.00 84.77  ? 46  ARG A O   1 
ATOM 319  C CB  . ARG A 1 54  ? 11.679  -10.430 -6.850  1.00 84.61  ? 46  ARG A CB  1 
ATOM 320  C CG  . ARG A 1 54  ? 12.732  -9.695  -6.050  1.00 87.15  ? 46  ARG A CG  1 
ATOM 321  C CD  . ARG A 1 54  ? 12.547  -8.210  -6.311  1.00 86.88  ? 46  ARG A CD  1 
ATOM 322  N NE  . ARG A 1 54  ? 13.465  -7.372  -5.567  1.00 85.55  ? 46  ARG A NE  1 
ATOM 323  C CZ  . ARG A 1 54  ? 13.501  -6.041  -5.651  1.00 89.31  ? 46  ARG A CZ  1 
ATOM 324  N NH1 . ARG A 1 54  ? 12.670  -5.370  -6.448  1.00 89.53  ? 46  ARG A NH1 1 
ATOM 325  N NH2 . ARG A 1 54  ? 14.393  -5.370  -4.940  1.00 93.24  ? 46  ARG A NH2 1 
ATOM 326  N N   . THR A 1 55  ? 8.802   -12.580 -5.886  1.00 76.35  ? 47  THR A N   1 
ATOM 327  C CA  . THR A 1 55  ? 7.432   -12.915 -6.241  1.00 74.81  ? 47  THR A CA  1 
ATOM 328  C C   . THR A 1 55  ? 6.511   -11.751 -6.116  1.00 67.81  ? 47  THR A C   1 
ATOM 329  O O   . THR A 1 55  ? 6.452   -11.133 -5.064  1.00 69.07  ? 47  THR A O   1 
ATOM 330  C CB  . THR A 1 55  ? 6.880   -13.970 -5.279  1.00 76.69  ? 47  THR A CB  1 
ATOM 331  O OG1 . THR A 1 55  ? 7.812   -15.051 -5.196  1.00 89.46  ? 47  THR A OG1 1 
ATOM 332  C CG2 . THR A 1 55  ? 5.496   -14.474 -5.729  1.00 74.87  ? 47  THR A CG2 1 
ATOM 333  N N   . VAL A 1 56  ? 5.763   -11.458 -7.160  1.00 63.90  ? 48  VAL A N   1 
ATOM 334  C CA  . VAL A 1 56  ? 4.764   -10.415 -7.010  1.00 64.83  ? 48  VAL A CA  1 
ATOM 335  C C   . VAL A 1 56  ? 3.584   -10.969 -6.229  1.00 63.96  ? 48  VAL A C   1 
ATOM 336  O O   . VAL A 1 56  ? 3.316   -12.153 -6.275  1.00 79.27  ? 48  VAL A O   1 
ATOM 337  C CB  . VAL A 1 56  ? 4.374   -9.808  -8.360  1.00 63.61  ? 48  VAL A CB  1 
ATOM 338  C CG1 . VAL A 1 56  ? 3.188   -8.864  -8.244  1.00 68.56  ? 48  VAL A CG1 1 
ATOM 339  C CG2 . VAL A 1 56  ? 5.554   -9.024  -8.904  1.00 65.24  ? 48  VAL A CG2 1 
ATOM 340  N N   . ILE A 1 57  ? 2.949   -10.094 -5.463  1.00 63.07  ? 49  ILE A N   1 
ATOM 341  C CA  . ILE A 1 57  ? 1.707   -10.340 -4.744  1.00 61.47  ? 49  ILE A CA  1 
ATOM 342  C C   . ILE A 1 57  ? 0.586   -9.412  -5.204  1.00 65.78  ? 49  ILE A C   1 
ATOM 343  O O   . ILE A 1 57  ? -0.562  -9.830  -5.299  1.00 78.83  ? 49  ILE A O   1 
ATOM 344  C CB  . ILE A 1 57  ? 1.936   -10.032 -3.258  1.00 62.49  ? 49  ILE A CB  1 
ATOM 345  C CG1 . ILE A 1 57  ? 2.908   -11.040 -2.653  1.00 65.28  ? 49  ILE A CG1 1 
ATOM 346  C CG2 . ILE A 1 57  ? 0.631   -9.967  -2.465  1.00 60.08  ? 49  ILE A CG2 1 
ATOM 347  C CD1 . ILE A 1 57  ? 3.653   -10.482 -1.466  1.00 65.81  ? 49  ILE A CD1 1 
ATOM 348  N N   . ASP A 1 58  ? 0.890   -8.129  -5.366  1.00 65.99  ? 50  ASP A N   1 
ATOM 349  C CA  . ASP A 1 58  ? -0.086  -7.139  -5.837  1.00 70.11  ? 50  ASP A CA  1 
ATOM 350  C C   . ASP A 1 58  ? 0.636   -6.125  -6.732  1.00 68.70  ? 50  ASP A C   1 
ATOM 351  O O   . ASP A 1 58  ? 1.780   -5.774  -6.452  1.00 69.45  ? 50  ASP A O   1 
ATOM 352  C CB  . ASP A 1 58  ? -0.730  -6.393  -4.664  1.00 72.13  ? 50  ASP A CB  1 
ATOM 353  C CG  . ASP A 1 58  ? -1.759  -7.216  -3.906  1.00 71.05  ? 50  ASP A CG  1 
ATOM 354  O OD1 . ASP A 1 58  ? -2.626  -7.854  -4.533  1.00 68.92  ? 50  ASP A OD1 1 
ATOM 355  O OD2 . ASP A 1 58  ? -1.723  -7.176  -2.661  1.00 68.76  ? 50  ASP A OD2 1 
ATOM 356  N N   . ASP A 1 59  ? -0.055  -5.652  -7.772  1.00 62.17  ? 51  ASP A N   1 
ATOM 357  C CA  . ASP A 1 59  ? 0.520   -4.814  -8.830  1.00 63.40  ? 51  ASP A CA  1 
ATOM 358  C C   . ASP A 1 59  ? -0.618  -4.031  -9.434  1.00 59.76  ? 51  ASP A C   1 
ATOM 359  O O   . ASP A 1 59  ? -1.392  -4.549  -10.218 1.00 69.20  ? 51  ASP A O   1 
ATOM 360  C CB  . ASP A 1 59  ? 1.221   -5.667  -9.912  1.00 69.19  ? 51  ASP A CB  1 
ATOM 361  C CG  . ASP A 1 59  ? 1.981   -4.820  -10.977 1.00 77.60  ? 51  ASP A CG  1 
ATOM 362  O OD1 . ASP A 1 59  ? 1.778   -3.590  -11.097 1.00 85.93  ? 51  ASP A OD1 1 
ATOM 363  O OD2 . ASP A 1 59  ? 2.807   -5.398  -11.715 1.00 80.17  ? 51  ASP A OD2 1 
ATOM 364  N N   . SER A 1 60  ? -0.727  -2.771  -9.075  1.00 54.53  ? 52  SER A N   1 
ATOM 365  C CA  . SER A 1 60  ? -1.847  -1.979  -9.526  1.00 56.13  ? 52  SER A CA  1 
ATOM 366  C C   . SER A 1 60  ? -1.931  -1.894  -11.043 1.00 56.05  ? 52  SER A C   1 
ATOM 367  O O   . SER A 1 60  ? -3.003  -1.711  -11.594 1.00 58.77  ? 52  SER A O   1 
ATOM 368  C CB  . SER A 1 60  ? -1.750  -0.596  -8.907  1.00 57.87  ? 52  SER A CB  1 
ATOM 369  O OG  . SER A 1 60  ? -0.401  -0.204  -8.875  1.00 58.62  ? 52  SER A OG  1 
ATOM 370  N N   . ARG A 1 61  ? -0.802  -2.028  -11.720 1.00 64.44  ? 53  ARG A N   1 
ATOM 371  C CA  . ARG A 1 61  ? -0.788  -2.031  -13.189 1.00 78.11  ? 53  ARG A CA  1 
ATOM 372  C C   . ARG A 1 61  ? -1.473  -3.284  -13.713 1.00 83.17  ? 53  ARG A C   1 
ATOM 373  O O   . ARG A 1 61  ? -2.302  -3.204  -14.615 1.00 91.59  ? 53  ARG A O   1 
ATOM 374  C CB  . ARG A 1 61  ? 0.645   -1.866  -13.767 1.00 82.35  ? 53  ARG A CB  1 
ATOM 375  C CG  . ARG A 1 61  ? 1.196   -0.439  -13.631 1.00 78.59  ? 53  ARG A CG  1 
ATOM 376  C CD  . ARG A 1 61  ? 2.646   -0.312  -14.046 1.00 80.96  ? 53  ARG A CD  1 
ATOM 377  N NE  . ARG A 1 61  ? 3.264   0.889   -13.483 1.00 81.41  ? 53  ARG A NE  1 
ATOM 378  C CZ  . ARG A 1 61  ? 3.076   2.138   -13.915 1.00 84.61  ? 53  ARG A CZ  1 
ATOM 379  N NH1 . ARG A 1 61  ? 2.269   2.439   -14.946 1.00 74.58  ? 53  ARG A NH1 1 
ATOM 380  N NH2 . ARG A 1 61  ? 3.705   3.113   -13.286 1.00 92.06  ? 53  ARG A NH2 1 
ATOM 381  N N   . GLN A 1 62  ? -1.174  -4.422  -13.100 1.00 83.35  ? 54  GLN A N   1 
ATOM 382  C CA  . GLN A 1 62  ? -1.882  -5.660  -13.398 1.00 76.95  ? 54  GLN A CA  1 
ATOM 383  C C   . GLN A 1 62  ? -3.411  -5.481  -13.290 1.00 73.92  ? 54  GLN A C   1 
ATOM 384  O O   . GLN A 1 62  ? -4.125  -5.880  -14.191 1.00 78.46  ? 54  GLN A O   1 
ATOM 385  C CB  . GLN A 1 62  ? -1.357  -6.796  -12.508 1.00 77.18  ? 54  GLN A CB  1 
ATOM 386  C CG  . GLN A 1 62  ? -1.714  -8.204  -12.950 1.00 81.42  ? 54  GLN A CG  1 
ATOM 387  C CD  . GLN A 1 62  ? -3.140  -8.618  -12.594 1.00 91.71  ? 54  GLN A CD  1 
ATOM 388  O OE1 . GLN A 1 62  ? -3.738  -8.106  -11.637 1.00 95.59  ? 54  GLN A OE1 1 
ATOM 389  N NE2 . GLN A 1 62  ? -3.694  -9.555  -13.374 1.00 98.54  ? 54  GLN A NE2 1 
ATOM 390  N N   . VAL A 1 63  ? -3.920  -4.856  -12.232 1.00 80.08  ? 55  VAL A N   1 
ATOM 391  C CA  . VAL A 1 63  ? -5.380  -4.624  -12.146 1.00 81.58  ? 55  VAL A CA  1 
ATOM 392  C C   . VAL A 1 63  ? -5.828  -3.456  -13.029 1.00 84.40  ? 55  VAL A C   1 
ATOM 393  O O   . VAL A 1 63  ? -7.007  -3.174  -13.102 1.00 85.84  ? 55  VAL A O   1 
ATOM 394  C CB  . VAL A 1 63  ? -5.909  -4.429  -10.695 1.00 81.23  ? 55  VAL A CB  1 
ATOM 395  C CG1 . VAL A 1 63  ? -5.319  -5.473  -9.764  1.00 79.16  ? 55  VAL A CG1 1 
ATOM 396  C CG2 . VAL A 1 63  ? -5.649  -3.023  -10.168 1.00 84.79  ? 55  VAL A CG2 1 
ATOM 397  N N   . GLY A 1 64  ? -4.889  -2.747  -13.646 1.00 92.21  ? 56  GLY A N   1 
ATOM 398  C CA  . GLY A 1 64  ? -5.198  -1.812  -14.715 1.00 97.18  ? 56  GLY A CA  1 
ATOM 399  C C   . GLY A 1 64  ? -5.405  -0.369  -14.295 1.00 99.59  ? 56  GLY A C   1 
ATOM 400  O O   . GLY A 1 64  ? -5.663  0.475   -15.154 1.00 102.36 ? 56  GLY A O   1 
ATOM 401  N N   . GLN A 1 65  ? -5.291  -0.063  -13.000 1.00 100.27 ? 57  GLN A N   1 
ATOM 402  C CA  . GLN A 1 65  ? -5.625  1.276   -12.512 1.00 99.22  ? 57  GLN A CA  1 
ATOM 403  C C   . GLN A 1 65  ? -4.876  1.699   -11.273 1.00 94.43  ? 57  GLN A C   1 
ATOM 404  O O   . GLN A 1 65  ? -4.557  0.852   -10.426 1.00 89.11  ? 57  GLN A O   1 
ATOM 405  C CB  . GLN A 1 65  ? -7.104  1.339   -12.193 1.00 108.15 ? 57  GLN A CB  1 
ATOM 406  C CG  . GLN A 1 65  ? -7.959  1.415   -13.433 1.00 121.07 ? 57  GLN A CG  1 
ATOM 407  C CD  . GLN A 1 65  ? -9.322  1.977   -13.160 1.00 132.37 ? 57  GLN A CD  1 
ATOM 408  O OE1 . GLN A 1 65  ? -9.482  2.853   -12.305 1.00 147.24 ? 57  GLN A OE1 1 
ATOM 409  N NE2 . GLN A 1 65  ? -10.321 1.490   -13.899 1.00 128.29 ? 57  GLN A NE2 1 
ATOM 410  N N   . PRO A 1 66  ? -4.658  3.022   -11.127 1.00 88.58  ? 58  PRO A N   1 
ATOM 411  C CA  . PRO A 1 66  ? -3.830  3.511   -10.050 1.00 84.83  ? 58  PRO A CA  1 
ATOM 412  C C   . PRO A 1 66  ? -4.615  3.617   -8.765  1.00 82.86  ? 58  PRO A C   1 
ATOM 413  O O   . PRO A 1 66  ? -5.812  3.943   -8.760  1.00 79.09  ? 58  PRO A O   1 
ATOM 414  C CB  . PRO A 1 66  ? -3.419  4.893   -10.536 1.00 88.59  ? 58  PRO A CB  1 
ATOM 415  C CG  . PRO A 1 66  ? -4.627  5.369   -11.261 1.00 93.12  ? 58  PRO A CG  1 
ATOM 416  C CD  . PRO A 1 66  ? -5.298  4.143   -11.840 1.00 92.81  ? 58  PRO A CD  1 
ATOM 417  N N   . MET A 1 67  ? -3.907  3.347   -7.680  1.00 81.66  ? 59  MET A N   1 
ATOM 418  C CA  . MET A 1 67  ? -4.458  3.382   -6.345  1.00 76.32  ? 59  MET A CA  1 
ATOM 419  C C   . MET A 1 67  ? -4.561  4.811   -5.825  1.00 73.03  ? 59  MET A C   1 
ATOM 420  O O   . MET A 1 67  ? -3.740  5.653   -6.180  1.00 84.19  ? 59  MET A O   1 
ATOM 421  C CB  . MET A 1 67  ? -3.532  2.563   -5.460  1.00 77.00  ? 59  MET A CB  1 
ATOM 422  C CG  . MET A 1 67  ? -3.994  2.367   -4.040  1.00 82.91  ? 59  MET A CG  1 
ATOM 423  S SD  . MET A 1 67  ? -5.703  1.857   -3.970  1.00 96.91  ? 59  MET A SD  1 
ATOM 424  C CE  . MET A 1 67  ? -5.800  0.516   -5.193  1.00 95.25  ? 59  MET A CE  1 
ATOM 425  N N   . HIS A 1 68  ? -5.566  5.100   -5.004  1.00 75.90  ? 60  HIS A N   1 
ATOM 426  C CA  . HIS A 1 68  ? -5.677  6.432   -4.374  1.00 84.10  ? 60  HIS A CA  1 
ATOM 427  C C   . HIS A 1 68  ? -5.987  6.393   -2.884  1.00 81.08  ? 60  HIS A C   1 
ATOM 428  O O   . HIS A 1 68  ? -6.893  5.698   -2.446  1.00 82.74  ? 60  HIS A O   1 
ATOM 429  C CB  . HIS A 1 68  ? -6.664  7.366   -5.089  1.00 79.86  ? 60  HIS A CB  1 
ATOM 430  C CG  . HIS A 1 68  ? -8.022  6.793   -5.263  1.00 91.64  ? 60  HIS A CG  1 
ATOM 431  N ND1 . HIS A 1 68  ? -8.934  6.728   -4.234  1.00 105.31 ? 60  HIS A ND1 1 
ATOM 432  C CD2 . HIS A 1 68  ? -8.636  6.264   -6.350  1.00 105.62 ? 60  HIS A CD2 1 
ATOM 433  C CE1 . HIS A 1 68  ? -10.052 6.176   -4.676  1.00 115.38 ? 60  HIS A CE1 1 
ATOM 434  N NE2 . HIS A 1 68  ? -9.898  5.884   -5.957  1.00 114.05 ? 60  HIS A NE2 1 
ATOM 435  N N   . ILE A 1 69  ? -5.212  7.167   -2.127  1.00 83.19  ? 61  ILE A N   1 
ATOM 436  C CA  . ILE A 1 69  ? -5.437  7.394   -0.709  1.00 75.37  ? 61  ILE A CA  1 
ATOM 437  C C   . ILE A 1 69  ? -5.555  8.882   -0.435  1.00 69.11  ? 61  ILE A C   1 
ATOM 438  O O   . ILE A 1 69  ? -5.290  9.719   -1.295  1.00 62.43  ? 61  ILE A O   1 
ATOM 439  C CB  . ILE A 1 69  ? -4.329  6.762   0.164   1.00 73.00  ? 61  ILE A CB  1 
ATOM 440  C CG1 . ILE A 1 69  ? -2.996  7.499   0.035   1.00 72.48  ? 61  ILE A CG1 1 
ATOM 441  C CG2 . ILE A 1 69  ? -4.147  5.302   -0.197  1.00 73.78  ? 61  ILE A CG2 1 
ATOM 442  C CD1 . ILE A 1 69  ? -2.710  8.472   1.160   1.00 75.89  ? 61  ILE A CD1 1 
ATOM 443  N N   . ILE A 1 70  ? -5.968  9.180   0.786   1.00 71.84  ? 62  ILE A N   1 
ATOM 444  C CA  . ILE A 1 70  ? -6.144  10.540  1.251   1.00 73.72  ? 62  ILE A CA  1 
ATOM 445  C C   . ILE A 1 70  ? -5.512  10.668  2.636   1.00 76.85  ? 62  ILE A C   1 
ATOM 446  O O   . ILE A 1 70  ? -5.602  9.744   3.455   1.00 69.83  ? 62  ILE A O   1 
ATOM 447  C CB  . ILE A 1 70  ? -7.633  10.916  1.262   1.00 72.53  ? 62  ILE A CB  1 
ATOM 448  C CG1 . ILE A 1 70  ? -8.188  10.770  -0.157  1.00 72.96  ? 62  ILE A CG1 1 
ATOM 449  C CG2 . ILE A 1 70  ? -7.813  12.330  1.785   1.00 77.28  ? 62  ILE A CG2 1 
ATOM 450  C CD1 . ILE A 1 70  ? -9.530  11.423  -0.399  1.00 72.50  ? 62  ILE A CD1 1 
ATOM 451  N N   . ILE A 1 71  ? -4.880  11.821  2.890   1.00 80.60  ? 63  ILE A N   1 
ATOM 452  C CA  . ILE A 1 71  ? -4.017  11.992  4.058   1.00 81.11  ? 63  ILE A CA  1 
ATOM 453  C C   . ILE A 1 71  ? -4.864  12.286  5.283   1.00 81.73  ? 63  ILE A C   1 
ATOM 454  O O   . ILE A 1 71  ? -5.422  13.387  5.384   1.00 92.41  ? 63  ILE A O   1 
ATOM 455  C CB  . ILE A 1 71  ? -2.959  13.108  3.859   1.00 83.72  ? 63  ILE A CB  1 
ATOM 456  C CG1 . ILE A 1 71  ? -2.085  12.833  2.627   1.00 86.20  ? 63  ILE A CG1 1 
ATOM 457  C CG2 . ILE A 1 71  ? -2.054  13.223  5.085   1.00 86.24  ? 63  ILE A CG2 1 
ATOM 458  C CD1 . ILE A 1 71  ? -1.101  11.674  2.765   1.00 83.39  ? 63  ILE A CD1 1 
ATOM 459  N N   . GLY A 1 72  ? -4.945  11.317  6.204   1.00 72.31  ? 64  GLY A N   1 
ATOM 460  C CA  . GLY A 1 72  ? -5.799  11.432  7.391   1.00 74.22  ? 64  GLY A CA  1 
ATOM 461  C C   . GLY A 1 72  ? -5.399  12.591  8.278   1.00 78.66  ? 64  GLY A C   1 
ATOM 462  O O   . GLY A 1 72  ? -6.182  13.497  8.531   1.00 76.51  ? 64  GLY A O   1 
ATOM 463  N N   . ASN A 1 73  ? -4.157  12.543  8.742   1.00 93.01  ? 65  ASN A N   1 
ATOM 464  C CA  . ASN A 1 73  ? -3.528  13.646  9.461   1.00 85.49  ? 65  ASN A CA  1 
ATOM 465  C C   . ASN A 1 73  ? -2.038  13.647  9.164   1.00 78.10  ? 65  ASN A C   1 
ATOM 466  O O   . ASN A 1 73  ? -1.374  12.628  9.350   1.00 70.34  ? 65  ASN A O   1 
ATOM 467  C CB  . ASN A 1 73  ? -3.747  13.468  10.956  1.00 89.63  ? 65  ASN A CB  1 
ATOM 468  C CG  . ASN A 1 73  ? -3.080  14.546  11.781  1.00 92.59  ? 65  ASN A CG  1 
ATOM 469  O OD1 . ASN A 1 73  ? -2.780  15.640  11.294  1.00 94.67  ? 65  ASN A OD1 1 
ATOM 470  N ND2 . ASN A 1 73  ? -2.832  14.236  13.039  1.00 89.46  ? 65  ASN A ND2 1 
ATOM 471  N N   . MET A 1 74  ? -1.517  14.785  8.711   1.00 74.15  ? 66  MET A N   1 
ATOM 472  C CA  . MET A 1 74  ? -0.060  14.914  8.473   1.00 74.80  ? 66  MET A CA  1 
ATOM 473  C C   . MET A 1 74  ? 0.846   14.800  9.740   1.00 71.60  ? 66  MET A C   1 
ATOM 474  O O   . MET A 1 74  ? 2.026   14.452  9.668   1.00 66.18  ? 66  MET A O   1 
ATOM 475  C CB  . MET A 1 74  ? 0.230   16.189  7.707   1.00 71.53  ? 66  MET A CB  1 
ATOM 476  C CG  . MET A 1 74  ? -0.045  17.450  8.490   1.00 75.34  ? 66  MET A CG  1 
ATOM 477  S SD  . MET A 1 74  ? -0.376  18.817  7.373   1.00 79.52  ? 66  MET A SD  1 
ATOM 478  C CE  . MET A 1 74  ? 1.271   18.999  6.704   1.00 77.13  ? 66  MET A CE  1 
ATOM 479  N N   . PHE A 1 75  ? 0.294   15.054  10.911  1.00 72.44  ? 67  PHE A N   1 
ATOM 480  C CA  . PHE A 1 75  ? 1.077   14.934  12.132  1.00 71.10  ? 67  PHE A CA  1 
ATOM 481  C C   . PHE A 1 75  ? 1.048   13.519  12.662  1.00 80.84  ? 67  PHE A C   1 
ATOM 482  O O   . PHE A 1 75  ? 1.984   13.096  13.342  1.00 89.51  ? 67  PHE A O   1 
ATOM 483  C CB  . PHE A 1 75  ? 0.615   15.989  13.108  1.00 68.55  ? 67  PHE A CB  1 
ATOM 484  C CG  . PHE A 1 75  ? 0.560   17.356  12.467  1.00 72.30  ? 67  PHE A CG  1 
ATOM 485  C CD1 . PHE A 1 75  ? 1.728   18.074  12.238  1.00 64.60  ? 67  PHE A CD1 1 
ATOM 486  C CD2 . PHE A 1 75  ? -0.644  17.873  11.980  1.00 70.23  ? 67  PHE A CD2 1 
ATOM 487  C CE1 . PHE A 1 75  ? 1.676   19.294  11.599  1.00 64.74  ? 67  PHE A CE1 1 
ATOM 488  C CE2 . PHE A 1 75  ? -0.691  19.097  11.335  1.00 59.33  ? 67  PHE A CE2 1 
ATOM 489  C CZ  . PHE A 1 75  ? 0.467   19.800  11.141  1.00 60.35  ? 67  PHE A CZ  1 
ATOM 490  N N   . LYS A 1 76  ? 0.009   12.774  12.286  1.00 88.32  ? 68  LYS A N   1 
ATOM 491  C CA  . LYS A 1 76  ? -0.134  11.369  12.636  1.00 93.84  ? 68  LYS A CA  1 
ATOM 492  C C   . LYS A 1 76  ? -0.280  10.609  11.337  1.00 87.11  ? 68  LYS A C   1 
ATOM 493  O O   . LYS A 1 76  ? -1.375  10.423  10.834  1.00 87.10  ? 68  LYS A O   1 
ATOM 494  C CB  . LYS A 1 76  ? -1.354  11.174  13.516  1.00 98.95  ? 68  LYS A CB  1 
ATOM 495  C CG  . LYS A 1 76  ? -1.633  9.738   13.922  1.00 107.38 ? 68  LYS A CG  1 
ATOM 496  C CD  . LYS A 1 76  ? -3.134  9.512   14.053  1.00 120.07 ? 68  LYS A CD  1 
ATOM 497  C CE  . LYS A 1 76  ? -3.746  10.406  15.125  1.00 119.02 ? 68  LYS A CE  1 
ATOM 498  N NZ  . LYS A 1 76  ? -5.209  10.205  15.252  1.00 120.98 ? 68  LYS A NZ  1 
ATOM 499  N N   . LEU A 1 77  ? 0.849   10.189  10.801  1.00 83.10  ? 69  LEU A N   1 
ATOM 500  C CA  . LEU A 1 77  ? 0.896   9.518   9.520   1.00 73.99  ? 69  LEU A CA  1 
ATOM 501  C C   . LEU A 1 77  ? 0.740   8.037   9.722   1.00 72.72  ? 69  LEU A C   1 
ATOM 502  O O   . LEU A 1 77  ? 1.421   7.434   10.564  1.00 65.88  ? 69  LEU A O   1 
ATOM 503  C CB  . LEU A 1 77  ? 2.244   9.764   8.821   1.00 70.21  ? 69  LEU A CB  1 
ATOM 504  C CG  . LEU A 1 77  ? 2.394   10.768  7.663   1.00 67.21  ? 69  LEU A CG  1 
ATOM 505  C CD1 . LEU A 1 77  ? 1.364   11.879  7.621   1.00 67.36  ? 69  LEU A CD1 1 
ATOM 506  C CD2 . LEU A 1 77  ? 3.785   11.366  7.677   1.00 65.09  ? 69  LEU A CD2 1 
ATOM 507  N N   . GLU A 1 78  ? -0.143  7.462   8.918   1.00 73.94  ? 70  GLU A N   1 
ATOM 508  C CA  . GLU A 1 78  ? -0.163  6.027   8.690   1.00 77.65  ? 70  GLU A CA  1 
ATOM 509  C C   . GLU A 1 78  ? 1.091   5.611   7.911   1.00 74.87  ? 70  GLU A C   1 
ATOM 510  O O   . GLU A 1 78  ? 1.635   6.379   7.110   1.00 76.80  ? 70  GLU A O   1 
ATOM 511  C CB  . GLU A 1 78  ? -1.421  5.613   7.922   1.00 85.19  ? 70  GLU A CB  1 
ATOM 512  C CG  . GLU A 1 78  ? -2.140  4.452   8.568   1.00 94.92  ? 70  GLU A CG  1 
ATOM 513  C CD  . GLU A 1 78  ? -3.324  4.877   9.411   1.00 106.04 ? 70  GLU A CD  1 
ATOM 514  O OE1 . GLU A 1 78  ? -4.089  5.770   8.968   1.00 105.63 ? 70  GLU A OE1 1 
ATOM 515  O OE2 . GLU A 1 78  ? -3.499  4.282   10.506  1.00 114.33 ? 70  GLU A OE2 1 
ATOM 516  N N   . PHE A 1 79  ? 1.520   4.377   8.125   1.00 67.73  ? 71  PHE A N   1 
ATOM 517  C CA  . PHE A 1 79  ? 2.805   3.915   7.629   1.00 62.07  ? 71  PHE A CA  1 
ATOM 518  C C   . PHE A 1 79  ? 2.945   4.020   6.127   1.00 61.27  ? 71  PHE A C   1 
ATOM 519  O O   . PHE A 1 79  ? 3.987   4.379   5.629   1.00 58.22  ? 71  PHE A O   1 
ATOM 520  C CB  . PHE A 1 79  ? 3.005   2.469   8.009   1.00 64.96  ? 71  PHE A CB  1 
ATOM 521  C CG  . PHE A 1 79  ? 4.302   1.918   7.545   1.00 68.75  ? 71  PHE A CG  1 
ATOM 522  C CD1 . PHE A 1 79  ? 5.453   2.148   8.269   1.00 68.40  ? 71  PHE A CD1 1 
ATOM 523  C CD2 . PHE A 1 79  ? 4.382   1.205   6.353   1.00 70.24  ? 71  PHE A CD2 1 
ATOM 524  C CE1 . PHE A 1 79  ? 6.667   1.658   7.826   1.00 68.70  ? 71  PHE A CE1 1 
ATOM 525  C CE2 . PHE A 1 79  ? 5.586   0.705   5.906   1.00 69.71  ? 71  PHE A CE2 1 
ATOM 526  C CZ  . PHE A 1 79  ? 6.732   0.940   6.643   1.00 73.78  ? 71  PHE A CZ  1 
ATOM 527  N N   . TRP A 1 80  ? 1.910   3.647   5.396   1.00 62.25  ? 72  TRP A N   1 
ATOM 528  C CA  . TRP A 1 80  ? 1.933   3.860   3.964   1.00 58.07  ? 72  TRP A CA  1 
ATOM 529  C C   . TRP A 1 80  ? 2.105   5.332   3.650   1.00 58.35  ? 72  TRP A C   1 
ATOM 530  O O   . TRP A 1 80  ? 2.837   5.654   2.740   1.00 63.48  ? 72  TRP A O   1 
ATOM 531  C CB  . TRP A 1 80  ? 0.695   3.296   3.269   1.00 58.70  ? 72  TRP A CB  1 
ATOM 532  C CG  . TRP A 1 80  ? -0.643  3.968   3.568   1.00 64.83  ? 72  TRP A CG  1 
ATOM 533  C CD1 . TRP A 1 80  ? -1.178  5.099   2.959   1.00 69.56  ? 72  TRP A CD1 1 
ATOM 534  C CD2 . TRP A 1 80  ? -1.629  3.524   4.496   1.00 66.51  ? 72  TRP A CD2 1 
ATOM 535  N NE1 . TRP A 1 80  ? -2.428  5.384   3.478   1.00 68.49  ? 72  TRP A NE1 1 
ATOM 536  C CE2 . TRP A 1 80  ? -2.728  4.441   4.424   1.00 70.63  ? 72  TRP A CE2 1 
ATOM 537  C CE3 . TRP A 1 80  ? -1.698  2.449   5.391   1.00 62.70  ? 72  TRP A CE3 1 
ATOM 538  C CZ2 . TRP A 1 80  ? -3.870  4.296   5.204   1.00 72.29  ? 72  TRP A CZ2 1 
ATOM 539  C CZ3 . TRP A 1 80  ? -2.821  2.317   6.178   1.00 64.72  ? 72  TRP A CZ3 1 
ATOM 540  C CH2 . TRP A 1 80  ? -3.905  3.229   6.072   1.00 73.36  ? 72  TRP A CH2 1 
ATOM 541  N N   . GLU A 1 81  ? 1.455   6.228   4.396   1.00 61.74  ? 73  GLU A N   1 
ATOM 542  C CA  . GLU A 1 81  ? 1.559   7.676   4.121   1.00 60.20  ? 73  GLU A CA  1 
ATOM 543  C C   . GLU A 1 81  ? 3.004   8.147   4.315   1.00 64.65  ? 73  GLU A C   1 
ATOM 544  O O   . GLU A 1 81  ? 3.495   8.982   3.571   1.00 66.92  ? 73  GLU A O   1 
ATOM 545  C CB  . GLU A 1 81  ? 0.640   8.499   5.021   1.00 59.01  ? 73  GLU A CB  1 
ATOM 546  C CG  . GLU A 1 81  ? -0.852  8.271   4.829   1.00 63.20  ? 73  GLU A CG  1 
ATOM 547  C CD  . GLU A 1 81  ? -1.719  8.849   5.959   1.00 65.38  ? 73  GLU A CD  1 
ATOM 548  O OE1 . GLU A 1 81  ? -1.335  8.710   7.146   1.00 63.72  ? 73  GLU A OE1 1 
ATOM 549  O OE2 . GLU A 1 81  ? -2.804  9.423   5.670   1.00 64.53  ? 73  GLU A OE2 1 
ATOM 550  N N   . ILE A 1 82  ? 3.684   7.579   5.302   1.00 62.12  ? 74  ILE A N   1 
ATOM 551  C CA  . ILE A 1 82  ? 5.087   7.856   5.531   1.00 63.22  ? 74  ILE A CA  1 
ATOM 552  C C   . ILE A 1 82  ? 5.838   7.669   4.217   1.00 64.66  ? 74  ILE A C   1 
ATOM 553  O O   . ILE A 1 82  ? 6.588   8.555   3.805   1.00 77.51  ? 74  ILE A O   1 
ATOM 554  C CB  . ILE A 1 82  ? 5.671   6.894   6.595   1.00 72.82  ? 74  ILE A CB  1 
ATOM 555  C CG1 . ILE A 1 82  ? 5.023   7.112   7.990   1.00 83.39  ? 74  ILE A CG1 1 
ATOM 556  C CG2 . ILE A 1 82  ? 7.188   6.978   6.679   1.00 70.87  ? 74  ILE A CG2 1 
ATOM 557  C CD1 . ILE A 1 82  ? 5.510   8.319   8.759   1.00 84.69  ? 74  ILE A CD1 1 
ATOM 558  N N   . LEU A 1 83  ? 5.611   6.535   3.554   1.00 59.27  ? 75  LEU A N   1 
ATOM 559  C CA  . LEU A 1 83  ? 6.303   6.202   2.301   1.00 54.41  ? 75  LEU A CA  1 
ATOM 560  C C   . LEU A 1 83  ? 5.921   7.148   1.208   1.00 55.93  ? 75  LEU A C   1 
ATOM 561  O O   . LEU A 1 83  ? 6.778   7.766   0.575   1.00 67.17  ? 75  LEU A O   1 
ATOM 562  C CB  . LEU A 1 83  ? 5.993   4.789   1.825   1.00 51.90  ? 75  LEU A CB  1 
ATOM 563  C CG  . LEU A 1 83  ? 6.185   3.631   2.814   1.00 56.01  ? 75  LEU A CG  1 
ATOM 564  C CD1 . LEU A 1 83  ? 6.161   2.282   2.103   1.00 59.17  ? 75  LEU A CD1 1 
ATOM 565  C CD2 . LEU A 1 83  ? 7.485   3.759   3.575   1.00 58.22  ? 75  LEU A CD2 1 
ATOM 566  N N   . LEU A 1 84  ? 4.633   7.281   0.992   1.00 51.23  ? 76  LEU A N   1 
ATOM 567  C CA  . LEU A 1 84  ? 4.167   8.155   -0.041  1.00 55.71  ? 76  LEU A CA  1 
ATOM 568  C C   . LEU A 1 84  ? 4.687   9.571   0.163   1.00 60.55  ? 76  LEU A C   1 
ATOM 569  O O   . LEU A 1 84  ? 5.200   10.171  -0.784  1.00 57.86  ? 76  LEU A O   1 
ATOM 570  C CB  . LEU A 1 84  ? 2.637   8.157   -0.094  1.00 59.74  ? 76  LEU A CB  1 
ATOM 571  C CG  . LEU A 1 84  ? 1.972   6.832   -0.500  1.00 60.24  ? 76  LEU A CG  1 
ATOM 572  C CD1 . LEU A 1 84  ? 0.497   7.016   -0.817  1.00 59.18  ? 76  LEU A CD1 1 
ATOM 573  C CD2 . LEU A 1 84  ? 2.681   6.212   -1.687  1.00 61.34  ? 76  LEU A CD2 1 
ATOM 574  N N   . THR A 1 85  ? 4.587   10.085  1.394   1.00 63.49  ? 77  THR A N   1 
ATOM 575  C CA  . THR A 1 85  ? 4.959   11.487  1.697   1.00 67.90  ? 77  THR A CA  1 
ATOM 576  C C   . THR A 1 85  ? 6.440   11.821  1.493   1.00 72.56  ? 77  THR A C   1 
ATOM 577  O O   . THR A 1 85  ? 6.796   13.003  1.458   1.00 65.02  ? 77  THR A O   1 
ATOM 578  C CB  . THR A 1 85  ? 4.610   11.899  3.139   1.00 70.71  ? 77  THR A CB  1 
ATOM 579  O OG1 . THR A 1 85  ? 5.094   10.902  4.065   1.00 73.03  ? 77  THR A OG1 1 
ATOM 580  C CG2 . THR A 1 85  ? 3.109   12.100  3.277   1.00 72.88  ? 77  THR A CG2 1 
ATOM 581  N N   . SER A 1 86  ? 7.282   10.785  1.383   1.00 67.38  ? 78  SER A N   1 
ATOM 582  C CA  . SER A 1 86  ? 8.686   10.932  1.068   1.00 64.12  ? 78  SER A CA  1 
ATOM 583  C C   . SER A 1 86  ? 9.003   11.002  -0.445  1.00 64.44  ? 78  SER A C   1 
ATOM 584  O O   . SER A 1 86  ? 10.149  10.763  -0.823  1.00 68.72  ? 78  SER A O   1 
ATOM 585  C CB  . SER A 1 86  ? 9.478   9.764   1.715   1.00 66.59  ? 78  SER A CB  1 
ATOM 586  O OG  . SER A 1 86  ? 9.571   8.610   0.872   1.00 61.36  ? 78  SER A OG  1 
ATOM 587  N N   . MET A 1 87  ? 8.037   11.333  -1.306  1.00 66.45  ? 79  MET A N   1 
ATOM 588  C CA  . MET A 1 87  ? 8.204   11.163  -2.770  1.00 69.51  ? 79  MET A CA  1 
ATOM 589  C C   . MET A 1 87  ? 7.735   12.378  -3.548  1.00 74.41  ? 79  MET A C   1 
ATOM 590  O O   . MET A 1 87  ? 6.779   13.049  -3.165  1.00 70.86  ? 79  MET A O   1 
ATOM 591  C CB  . MET A 1 87  ? 7.408   9.954   -3.278  1.00 73.52  ? 79  MET A CB  1 
ATOM 592  C CG  . MET A 1 87  ? 7.873   8.612   -2.707  1.00 77.32  ? 79  MET A CG  1 
ATOM 593  S SD  . MET A 1 87  ? 7.044   7.171   -3.418  1.00 66.72  ? 79  MET A SD  1 
ATOM 594  C CE  . MET A 1 87  ? 7.345   7.466   -5.158  1.00 71.69  ? 79  MET A CE  1 
ATOM 595  N N   . ARG A 1 88  ? 8.407   12.639  -4.662  1.00 82.19  ? 80  ARG A N   1 
ATOM 596  C CA  . ARG A 1 88  ? 8.030   13.711  -5.565  1.00 78.59  ? 80  ARG A CA  1 
ATOM 597  C C   . ARG A 1 88  ? 7.160   13.113  -6.628  1.00 72.66  ? 80  ARG A C   1 
ATOM 598  O O   . ARG A 1 88  ? 7.105   11.893  -6.763  1.00 68.69  ? 80  ARG A O   1 
ATOM 599  C CB  . ARG A 1 88  ? 9.272   14.307  -6.191  1.00 88.17  ? 80  ARG A CB  1 
ATOM 600  C CG  . ARG A 1 88  ? 10.292  14.704  -5.150  1.00 99.33  ? 80  ARG A CG  1 
ATOM 601  C CD  . ARG A 1 88  ? 11.253  15.778  -5.625  1.00 115.60 ? 80  ARG A CD  1 
ATOM 602  N NE  . ARG A 1 88  ? 11.582  16.705  -4.533  1.00 135.46 ? 80  ARG A NE  1 
ATOM 603  C CZ  . ARG A 1 88  ? 12.335  16.417  -3.462  1.00 149.07 ? 80  ARG A CZ  1 
ATOM 604  N NH1 . ARG A 1 88  ? 12.888  15.212  -3.291  1.00 155.75 ? 80  ARG A NH1 1 
ATOM 605  N NH2 . ARG A 1 88  ? 12.548  17.356  -2.539  1.00 149.76 ? 80  ARG A NH2 1 
ATOM 606  N N   . VAL A 1 89  ? 6.496   13.964  -7.400  1.00 70.09  ? 81  VAL A N   1 
ATOM 607  C CA  . VAL A 1 89  ? 5.683   13.499  -8.536  1.00 70.23  ? 81  VAL A CA  1 
ATOM 608  C C   . VAL A 1 89  ? 6.529   12.868  -9.657  1.00 73.12  ? 81  VAL A C   1 
ATOM 609  O O   . VAL A 1 89  ? 7.645   13.311  -9.959  1.00 77.93  ? 81  VAL A O   1 
ATOM 610  C CB  . VAL A 1 89  ? 4.755   14.621  -9.050  1.00 70.35  ? 81  VAL A CB  1 
ATOM 611  C CG1 . VAL A 1 89  ? 4.171   14.330  -10.434 1.00 72.06  ? 81  VAL A CG1 1 
ATOM 612  C CG2 . VAL A 1 89  ? 3.640   14.828  -8.035  1.00 69.31  ? 81  VAL A CG2 1 
ATOM 613  N N   . HIS A 1 90  ? 5.993   11.788  -10.223 1.00 72.32  ? 82  HIS A N   1 
ATOM 614  C CA  . HIS A 1 90  ? 6.686   10.947  -11.191 1.00 70.99  ? 82  HIS A CA  1 
ATOM 615  C C   . HIS A 1 90  ? 7.856   10.168  -10.619 1.00 63.77  ? 82  HIS A C   1 
ATOM 616  O O   . HIS A 1 90  ? 8.517   9.461   -11.370 1.00 73.93  ? 82  HIS A O   1 
ATOM 617  C CB  . HIS A 1 90  ? 7.143   11.728  -12.434 1.00 78.41  ? 82  HIS A CB  1 
ATOM 618  C CG  . HIS A 1 90  ? 6.051   12.490  -13.112 1.00 83.16  ? 82  HIS A CG  1 
ATOM 619  N ND1 . HIS A 1 90  ? 6.034   13.867  -13.172 1.00 85.11  ? 82  HIS A ND1 1 
ATOM 620  C CD2 . HIS A 1 90  ? 4.943   12.069  -13.765 1.00 85.37  ? 82  HIS A CD2 1 
ATOM 621  C CE1 . HIS A 1 90  ? 4.959   14.261  -13.831 1.00 93.11  ? 82  HIS A CE1 1 
ATOM 622  N NE2 . HIS A 1 90  ? 4.281   13.189  -14.203 1.00 92.74  ? 82  HIS A NE2 1 
ATOM 623  N N   . GLU A 1 91  ? 8.112   10.254  -9.318  1.00 60.52  ? 83  GLU A N   1 
ATOM 624  C CA  . GLU A 1 91  ? 9.210   9.507   -8.720  1.00 60.40  ? 83  GLU A CA  1 
ATOM 625  C C   . GLU A 1 91  ? 8.817   8.040   -8.669  1.00 61.54  ? 83  GLU A C   1 
ATOM 626  O O   . GLU A 1 91  ? 7.633   7.681   -8.532  1.00 54.25  ? 83  GLU A O   1 
ATOM 627  C CB  . GLU A 1 91  ? 9.486   9.981   -7.298  1.00 66.41  ? 83  GLU A CB  1 
ATOM 628  C CG  . GLU A 1 91  ? 10.677  9.307   -6.607  1.00 71.56  ? 83  GLU A CG  1 
ATOM 629  C CD  . GLU A 1 91  ? 10.972  9.876   -5.213  1.00 77.14  ? 83  GLU A CD  1 
ATOM 630  O OE1 . GLU A 1 91  ? 10.966  11.128  -5.035  1.00 87.67  ? 83  GLU A OE1 1 
ATOM 631  O OE2 . GLU A 1 91  ? 11.211  9.069   -4.288  1.00 66.00  ? 83  GLU A OE2 1 
ATOM 632  N N   . VAL A 1 92  ? 9.827   7.204   -8.774  1.00 53.53  ? 84  VAL A N   1 
ATOM 633  C CA  . VAL A 1 92  ? 9.651   5.803   -8.646  1.00 56.04  ? 84  VAL A CA  1 
ATOM 634  C C   . VAL A 1 92  ? 10.671  5.337   -7.667  1.00 55.79  ? 84  VAL A C   1 
ATOM 635  O O   . VAL A 1 92  ? 11.863  5.392   -7.929  1.00 58.66  ? 84  VAL A O   1 
ATOM 636  C CB  . VAL A 1 92  ? 9.890   5.126   -9.990  1.00 65.48  ? 84  VAL A CB  1 
ATOM 637  C CG1 . VAL A 1 92  ? 9.756   3.595   -9.893  1.00 65.68  ? 84  VAL A CG1 1 
ATOM 638  C CG2 . VAL A 1 92  ? 8.944   5.739   -11.021 1.00 67.98  ? 84  VAL A CG2 1 
ATOM 639  N N   . ALA A 1 93  ? 10.198  4.855   -6.543  1.00 58.97  ? 85  ALA A N   1 
ATOM 640  C CA  . ALA A 1 93  ? 11.081  4.443   -5.488  1.00 63.24  ? 85  ALA A CA  1 
ATOM 641  C C   . ALA A 1 93  ? 10.789  3.024   -5.049  1.00 61.14  ? 85  ALA A C   1 
ATOM 642  O O   . ALA A 1 93  ? 9.667   2.540   -5.195  1.00 62.73  ? 85  ALA A O   1 
ATOM 643  C CB  . ALA A 1 93  ? 10.912  5.394   -4.332  1.00 66.82  ? 85  ALA A CB  1 
ATOM 644  N N   . GLU A 1 94  ? 11.809  2.378   -4.503  1.00 57.53  ? 86  GLU A N   1 
ATOM 645  C CA  . GLU A 1 94  ? 11.710  1.029   -3.958  1.00 60.22  ? 86  GLU A CA  1 
ATOM 646  C C   . GLU A 1 94  ? 11.929  1.127   -2.460  1.00 58.89  ? 86  GLU A C   1 
ATOM 647  O O   . GLU A 1 94  ? 12.948  1.650   -2.017  1.00 57.81  ? 86  GLU A O   1 
ATOM 648  C CB  . GLU A 1 94  ? 12.780  0.123   -4.561  1.00 67.91  ? 86  GLU A CB  1 
ATOM 649  C CG  . GLU A 1 94  ? 12.691  -1.344  -4.168  1.00 74.67  ? 86  GLU A CG  1 
ATOM 650  C CD  . GLU A 1 94  ? 13.890  -2.162  -4.628  1.00 80.83  ? 86  GLU A CD  1 
ATOM 651  O OE1 . GLU A 1 94  ? 14.168  -2.237  -5.852  1.00 94.44  ? 86  GLU A OE1 1 
ATOM 652  O OE2 . GLU A 1 94  ? 14.555  -2.766  -3.758  1.00 81.68  ? 86  GLU A OE2 1 
ATOM 653  N N   . PHE A 1 95  ? 10.978  0.607   -1.691  1.00 60.30  ? 87  PHE A N   1 
ATOM 654  C CA  . PHE A 1 95  ? 11.015  0.649   -0.249  1.00 56.74  ? 87  PHE A CA  1 
ATOM 655  C C   . PHE A 1 95  ? 11.025  -0.765  0.278   1.00 60.41  ? 87  PHE A C   1 
ATOM 656  O O   . PHE A 1 95  ? 10.009  -1.478  0.181   1.00 58.12  ? 87  PHE A O   1 
ATOM 657  C CB  . PHE A 1 95  ? 9.767   1.290   0.303   1.00 55.24  ? 87  PHE A CB  1 
ATOM 658  C CG  . PHE A 1 95  ? 9.483   2.696   -0.164  1.00 52.36  ? 87  PHE A CG  1 
ATOM 659  C CD1 . PHE A 1 95  ? 8.801   2.931   -1.342  1.00 56.30  ? 87  PHE A CD1 1 
ATOM 660  C CD2 . PHE A 1 95  ? 9.735   3.765   0.655   1.00 51.39  ? 87  PHE A CD2 1 
ATOM 661  C CE1 . PHE A 1 95  ? 8.437   4.223   -1.726  1.00 55.07  ? 87  PHE A CE1 1 
ATOM 662  C CE2 . PHE A 1 95  ? 9.376   5.053   0.284   1.00 54.97  ? 87  PHE A CE2 1 
ATOM 663  C CZ  . PHE A 1 95  ? 8.724   5.292   -0.908  1.00 54.43  ? 87  PHE A CZ  1 
ATOM 664  N N   . TRP A 1 96  ? 12.164  -1.167  0.832   1.00 63.74  ? 88  TRP A N   1 
ATOM 665  C CA  . TRP A 1 96  ? 12.252  -2.390  1.634   1.00 67.37  ? 88  TRP A CA  1 
ATOM 666  C C   . TRP A 1 96  ? 11.734  -2.110  3.032   1.00 67.43  ? 88  TRP A C   1 
ATOM 667  O O   . TRP A 1 96  ? 12.054  -1.082  3.620   1.00 61.65  ? 88  TRP A O   1 
ATOM 668  C CB  . TRP A 1 96  ? 13.691  -2.856  1.731   1.00 73.54  ? 88  TRP A CB  1 
ATOM 669  C CG  . TRP A 1 96  ? 13.870  -4.054  2.565   1.00 77.11  ? 88  TRP A CG  1 
ATOM 670  C CD1 . TRP A 1 96  ? 13.811  -5.368  2.169   1.00 79.53  ? 88  TRP A CD1 1 
ATOM 671  C CD2 . TRP A 1 96  ? 14.140  -4.064  3.950   1.00 78.44  ? 88  TRP A CD2 1 
ATOM 672  N NE1 . TRP A 1 96  ? 14.043  -6.197  3.237   1.00 76.98  ? 88  TRP A NE1 1 
ATOM 673  C CE2 . TRP A 1 96  ? 14.242  -5.424  4.347   1.00 76.35  ? 88  TRP A CE2 1 
ATOM 674  C CE3 . TRP A 1 96  ? 14.302  -3.055  4.909   1.00 78.07  ? 88  TRP A CE3 1 
ATOM 675  C CZ2 . TRP A 1 96  ? 14.497  -5.795  5.652   1.00 76.54  ? 88  TRP A CZ2 1 
ATOM 676  C CZ3 . TRP A 1 96  ? 14.557  -3.418  6.213   1.00 77.61  ? 88  TRP A CZ3 1 
ATOM 677  C CH2 . TRP A 1 96  ? 14.656  -4.781  6.577   1.00 81.80  ? 88  TRP A CH2 1 
ATOM 678  N N   . CYS A 1 97  ? 10.956  -3.042  3.569   1.00 74.15  ? 89  CYS A N   1 
ATOM 679  C CA  . CYS A 1 97  ? 10.259  -2.843  4.844   1.00 71.99  ? 89  CYS A CA  1 
ATOM 680  C C   . CYS A 1 97  ? 10.359  -4.119  5.690   1.00 71.49  ? 89  CYS A C   1 
ATOM 681  O O   . CYS A 1 97  ? 10.001  -5.210  5.243   1.00 65.68  ? 89  CYS A O   1 
ATOM 682  C CB  . CYS A 1 97  ? 8.801   -2.453  4.573   1.00 67.73  ? 89  CYS A CB  1 
ATOM 683  S SG  . CYS A 1 97  ? 8.599   -0.912  3.616   1.00 67.38  ? 89  CYS A SG  1 
ATOM 684  N N   . ASP A 1 98  ? 10.874  -3.983  6.907   1.00 77.39  ? 90  ASP A N   1 
ATOM 685  C CA  . ASP A 1 98  ? 11.138  -5.147  7.747   1.00 84.42  ? 90  ASP A CA  1 
ATOM 686  C C   . ASP A 1 98  ? 9.844   -5.678  8.298   1.00 82.36  ? 90  ASP A C   1 
ATOM 687  O O   . ASP A 1 98  ? 8.872   -4.925  8.476   1.00 85.29  ? 90  ASP A O   1 
ATOM 688  C CB  . ASP A 1 98  ? 12.102  -4.836  8.915   1.00 91.47  ? 90  ASP A CB  1 
ATOM 689  C CG  . ASP A 1 98  ? 12.808  -6.103  9.469   1.00 94.69  ? 90  ASP A CG  1 
ATOM 690  O OD1 . ASP A 1 98  ? 12.646  -7.220  8.890   1.00 84.29  ? 90  ASP A OD1 1 
ATOM 691  O OD2 . ASP A 1 98  ? 13.530  -5.972  10.486  1.00 96.32  ? 90  ASP A OD2 1 
ATOM 692  N N   . THR A 1 99  ? 9.866   -6.971  8.601   1.00 73.34  ? 91  THR A N   1 
ATOM 693  C CA  . THR A 1 99  ? 8.728   -7.691  9.124   1.00 67.09  ? 91  THR A CA  1 
ATOM 694  C C   . THR A 1 99  ? 7.849   -6.948  10.114  1.00 63.54  ? 91  THR A C   1 
ATOM 695  O O   . THR A 1 99  ? 6.611   -7.056  10.061  1.00 68.04  ? 91  THR A O   1 
ATOM 696  C CB  . THR A 1 99  ? 9.196   -8.980  9.768   1.00 71.35  ? 91  THR A CB  1 
ATOM 697  O OG1 . THR A 1 99  ? 10.044  -9.672  8.839   1.00 73.05  ? 91  THR A OG1 1 
ATOM 698  C CG2 . THR A 1 99  ? 7.990   -9.858  10.164  1.00 70.06  ? 91  THR A CG2 1 
ATOM 699  N N   . ILE A 1 100 ? 8.448   -6.168  10.991  1.00 60.56  ? 92  ILE A N   1 
ATOM 700  C CA  . ILE A 1 100 ? 7.612   -5.352  11.872  1.00 78.60  ? 92  ILE A CA  1 
ATOM 701  C C   . ILE A 1 100 ? 6.538   -4.482  11.165  1.00 79.26  ? 92  ILE A C   1 
ATOM 702  O O   . ILE A 1 100 ? 5.505   -4.185  11.781  1.00 70.38  ? 92  ILE A O   1 
ATOM 703  C CB  . ILE A 1 100 ? 8.424   -4.456  12.843  1.00 88.88  ? 92  ILE A CB  1 
ATOM 704  C CG1 . ILE A 1 100 ? 9.338   -3.477  12.082  1.00 94.61  ? 92  ILE A CG1 1 
ATOM 705  C CG2 . ILE A 1 100 ? 9.190   -5.327  13.840  1.00 91.71  ? 92  ILE A CG2 1 
ATOM 706  C CD1 . ILE A 1 100 ? 9.528   -2.160  12.810  1.00 98.69  ? 92  ILE A CD1 1 
ATOM 707  N N   . HIS A 1 101 ? 6.779   -4.050  9.920   1.00 76.31  ? 93  HIS A N   1 
ATOM 708  C CA  . HIS A 1 101 ? 5.816   -3.165  9.238   1.00 81.00  ? 93  HIS A CA  1 
ATOM 709  C C   . HIS A 1 101 ? 4.853   -3.912  8.331   1.00 77.59  ? 93  HIS A C   1 
ATOM 710  O O   . HIS A 1 101 ? 3.882   -3.334  7.866   1.00 71.03  ? 93  HIS A O   1 
ATOM 711  C CB  . HIS A 1 101 ? 6.517   -2.079  8.422   1.00 80.34  ? 93  HIS A CB  1 
ATOM 712  C CG  . HIS A 1 101 ? 7.555   -1.312  9.183   1.00 79.56  ? 93  HIS A CG  1 
ATOM 713  N ND1 . HIS A 1 101 ? 7.243   -0.455  10.217  1.00 77.46  ? 93  HIS A ND1 1 
ATOM 714  C CD2 . HIS A 1 101 ? 8.904   -1.263  9.040   1.00 77.35  ? 93  HIS A CD2 1 
ATOM 715  C CE1 . HIS A 1 101 ? 8.360   0.089   10.676  1.00 85.66  ? 93  HIS A CE1 1 
ATOM 716  N NE2 . HIS A 1 101 ? 9.382   -0.377  9.974   1.00 76.30  ? 93  HIS A NE2 1 
ATOM 717  N N   . THR A 1 102 ? 5.108   -5.193  8.107   1.00 77.14  ? 94  THR A N   1 
ATOM 718  C CA  . THR A 1 102 ? 4.414   -5.938  7.080   1.00 75.80  ? 94  THR A CA  1 
ATOM 719  C C   . THR A 1 102 ? 3.389   -6.914  7.614   1.00 76.91  ? 94  THR A C   1 
ATOM 720  O O   . THR A 1 102 ? 2.745   -7.598  6.817   1.00 81.41  ? 94  THR A O   1 
ATOM 721  C CB  . THR A 1 102 ? 5.412   -6.761  6.285   1.00 76.26  ? 94  THR A CB  1 
ATOM 722  O OG1 . THR A 1 102 ? 5.938   -7.770  7.150   1.00 87.65  ? 94  THR A OG1 1 
ATOM 723  C CG2 . THR A 1 102 ? 6.532   -5.873  5.764   1.00 73.61  ? 94  THR A CG2 1 
ATOM 724  N N   . GLY A 1 103 ? 3.234   -7.014  8.935   1.00 79.62  ? 95  GLY A N   1 
ATOM 725  C CA  . GLY A 1 103 ? 2.194   -7.883  9.509   1.00 73.90  ? 95  GLY A CA  1 
ATOM 726  C C   . GLY A 1 103 ? 0.789   -7.611  8.977   1.00 66.11  ? 95  GLY A C   1 
ATOM 727  O O   . GLY A 1 103 ? 0.032   -8.535  8.724   1.00 66.29  ? 95  GLY A O   1 
ATOM 728  N N   . VAL A 1 104 ? 0.463   -6.338  8.787   1.00 63.99  ? 96  VAL A N   1 
ATOM 729  C CA  . VAL A 1 104 ? -0.870  -5.918  8.383   1.00 65.51  ? 96  VAL A CA  1 
ATOM 730  C C   . VAL A 1 104 ? -1.126  -6.044  6.891   1.00 68.07  ? 96  VAL A C   1 
ATOM 731  O O   . VAL A 1 104 ? -2.300  -6.023  6.469   1.00 75.04  ? 96  VAL A O   1 
ATOM 732  C CB  . VAL A 1 104 ? -1.132  -4.442  8.794   1.00 70.44  ? 96  VAL A CB  1 
ATOM 733  C CG1 . VAL A 1 104 ? -0.419  -3.439  7.876   1.00 68.56  ? 96  VAL A CG1 1 
ATOM 734  C CG2 . VAL A 1 104 ? -2.629  -4.141  8.873   1.00 69.20  ? 96  VAL A CG2 1 
ATOM 735  N N   . TYR A 1 105 ? -0.067  -6.173  6.082   1.00 60.55  ? 97  TYR A N   1 
ATOM 736  C CA  . TYR A 1 105 ? -0.242  -6.070  4.628   1.00 59.75  ? 97  TYR A CA  1 
ATOM 737  C C   . TYR A 1 105 ? -1.287  -7.026  4.069   1.00 56.12  ? 97  TYR A C   1 
ATOM 738  O O   . TYR A 1 105 ? -2.051  -6.636  3.202   1.00 66.82  ? 97  TYR A O   1 
ATOM 739  C CB  . TYR A 1 105 ? 1.084   -6.153  3.821   1.00 66.04  ? 97  TYR A CB  1 
ATOM 740  C CG  . TYR A 1 105 ? 0.812   -5.950  2.334   1.00 66.71  ? 97  TYR A CG  1 
ATOM 741  C CD1 . TYR A 1 105 ? 0.690   -4.667  1.787   1.00 57.32  ? 97  TYR A CD1 1 
ATOM 742  C CD2 . TYR A 1 105 ? 0.571   -7.041  1.501   1.00 68.82  ? 97  TYR A CD2 1 
ATOM 743  C CE1 . TYR A 1 105 ? 0.358   -4.489  0.453   1.00 55.23  ? 97  TYR A CE1 1 
ATOM 744  C CE2 . TYR A 1 105 ? 0.252   -6.861  0.166   1.00 70.86  ? 97  TYR A CE2 1 
ATOM 745  C CZ  . TYR A 1 105 ? 0.143   -5.589  -0.356  1.00 59.37  ? 97  TYR A CZ  1 
ATOM 746  O OH  . TYR A 1 105 ? -0.176  -5.456  -1.688  1.00 56.64  ? 97  TYR A OH  1 
ATOM 747  N N   . PRO A 1 106 ? -1.345  -8.263  4.566   1.00 54.16  ? 98  PRO A N   1 
ATOM 748  C CA  . PRO A 1 106 ? -2.410  -9.130  4.126   1.00 52.28  ? 98  PRO A CA  1 
ATOM 749  C C   . PRO A 1 106 ? -3.791  -8.554  4.340   1.00 59.99  ? 98  PRO A C   1 
ATOM 750  O O   . PRO A 1 106 ? -4.638  -8.650  3.441   1.00 70.83  ? 98  PRO A O   1 
ATOM 751  C CB  . PRO A 1 106 ? -2.221  -10.352 4.982   1.00 54.04  ? 98  PRO A CB  1 
ATOM 752  C CG  . PRO A 1 106 ? -0.753  -10.442 5.170   1.00 52.54  ? 98  PRO A CG  1 
ATOM 753  C CD  . PRO A 1 106 ? -0.309  -9.009  5.303   1.00 53.00  ? 98  PRO A CD  1 
ATOM 754  N N   . ILE A 1 107 ? -4.024  -7.918  5.479   1.00 61.46  ? 99  ILE A N   1 
ATOM 755  C CA  . ILE A 1 107 ? -5.343  -7.313  5.713   1.00 67.91  ? 99  ILE A CA  1 
ATOM 756  C C   . ILE A 1 107 ? -5.544  -6.080  4.807   1.00 64.62  ? 99  ILE A C   1 
ATOM 757  O O   . ILE A 1 107 ? -6.667  -5.784  4.386   1.00 65.89  ? 99  ILE A O   1 
ATOM 758  C CB  . ILE A 1 107 ? -5.584  -6.945  7.198   1.00 71.69  ? 99  ILE A CB  1 
ATOM 759  C CG1 . ILE A 1 107 ? -5.589  -8.195  8.093   1.00 77.83  ? 99  ILE A CG1 1 
ATOM 760  C CG2 . ILE A 1 107 ? -6.907  -6.208  7.355   1.00 71.44  ? 99  ILE A CG2 1 
ATOM 761  C CD1 . ILE A 1 107 ? -4.207  -8.693  8.487   1.00 88.98  ? 99  ILE A CD1 1 
ATOM 762  N N   . LEU A 1 108 ? -4.465  -5.360  4.524   1.00 59.19  ? 100 LEU A N   1 
ATOM 763  C CA  . LEU A 1 108 ? -4.559  -4.204  3.647   1.00 67.52  ? 100 LEU A CA  1 
ATOM 764  C C   . LEU A 1 108 ? -4.974  -4.672  2.249   1.00 68.46  ? 100 LEU A C   1 
ATOM 765  O O   . LEU A 1 108 ? -5.983  -4.216  1.666   1.00 65.27  ? 100 LEU A O   1 
ATOM 766  C CB  . LEU A 1 108 ? -3.205  -3.457  3.586   1.00 77.11  ? 100 LEU A CB  1 
ATOM 767  C CG  . LEU A 1 108 ? -3.176  -1.928  3.824   1.00 85.94  ? 100 LEU A CG  1 
ATOM 768  C CD1 . LEU A 1 108 ? -4.285  -1.161  3.098   1.00 90.79  ? 100 LEU A CD1 1 
ATOM 769  C CD2 . LEU A 1 108 ? -3.215  -1.598  5.313   1.00 88.23  ? 100 LEU A CD2 1 
ATOM 770  N N   . SER A 1 109 ? -4.183  -5.622  1.756   1.00 64.52  ? 101 SER A N   1 
ATOM 771  C CA  . SER A 1 109 ? -4.331  -6.203  0.436   1.00 62.56  ? 101 SER A CA  1 
ATOM 772  C C   . SER A 1 109 ? -5.725  -6.726  0.196   1.00 62.80  ? 101 SER A C   1 
ATOM 773  O O   . SER A 1 109 ? -6.336  -6.470  -0.846  1.00 61.94  ? 101 SER A O   1 
ATOM 774  C CB  . SER A 1 109 ? -3.323  -7.336  0.269   1.00 60.83  ? 101 SER A CB  1 
ATOM 775  O OG  . SER A 1 109 ? -3.467  -7.958  -0.991  1.00 63.23  ? 101 SER A OG  1 
ATOM 776  N N   . ARG A 1 110 ? -6.236  -7.455  1.173   1.00 65.80  ? 102 ARG A N   1 
ATOM 777  C CA  . ARG A 1 110 ? -7.602  -7.914  1.108   1.00 66.42  ? 102 ARG A CA  1 
ATOM 778  C C   . ARG A 1 110 ? -8.514  -6.720  0.835   1.00 66.15  ? 102 ARG A C   1 
ATOM 779  O O   . ARG A 1 110 ? -9.336  -6.771  -0.076  1.00 61.41  ? 102 ARG A O   1 
ATOM 780  C CB  . ARG A 1 110 ? -7.968  -8.590  2.410   1.00 71.99  ? 102 ARG A CB  1 
ATOM 781  C CG  . ARG A 1 110 ? -9.326  -9.250  2.417   1.00 78.81  ? 102 ARG A CG  1 
ATOM 782  C CD  . ARG A 1 110 ? -9.593  -9.804  3.797   1.00 83.20  ? 102 ARG A CD  1 
ATOM 783  N NE  . ARG A 1 110 ? -11.004 -10.025 4.030   1.00 92.28  ? 102 ARG A NE  1 
ATOM 784  C CZ  . ARG A 1 110 ? -11.880 -9.055  4.263   1.00 101.27 ? 102 ARG A CZ  1 
ATOM 785  N NH1 . ARG A 1 110 ? -11.508 -7.762  4.262   1.00 105.52 ? 102 ARG A NH1 1 
ATOM 786  N NH2 . ARG A 1 110 ? -13.149 -9.374  4.476   1.00 104.65 ? 102 ARG A NH2 1 
ATOM 787  N N   . SER A 1 111 ? -8.333  -5.645  1.607   1.00 73.81  ? 103 SER A N   1 
ATOM 788  C CA  . SER A 1 111 ? -9.137  -4.420  1.454   1.00 77.19  ? 103 SER A CA  1 
ATOM 789  C C   . SER A 1 111 ? -8.944  -3.788  0.095   1.00 72.39  ? 103 SER A C   1 
ATOM 790  O O   . SER A 1 111 ? -9.903  -3.346  -0.515  1.00 74.34  ? 103 SER A O   1 
ATOM 791  C CB  . SER A 1 111 ? -8.899  -3.420  2.588   1.00 77.42  ? 103 SER A CB  1 
ATOM 792  O OG  . SER A 1 111 ? -9.448  -3.960  3.787   1.00 82.89  ? 103 SER A OG  1 
ATOM 793  N N   . LEU A 1 112 ? -7.726  -3.808  -0.411  1.00 69.41  ? 104 LEU A N   1 
ATOM 794  C CA  . LEU A 1 112 ? -7.491  -3.369  -1.787  1.00 70.77  ? 104 LEU A CA  1 
ATOM 795  C C   . LEU A 1 112 ? -8.132  -4.262  -2.843  1.00 72.12  ? 104 LEU A C   1 
ATOM 796  O O   . LEU A 1 112 ? -8.739  -3.763  -3.794  1.00 72.15  ? 104 LEU A O   1 
ATOM 797  C CB  . LEU A 1 112 ? -5.988  -3.222  -2.068  1.00 65.56  ? 104 LEU A CB  1 
ATOM 798  C CG  . LEU A 1 112 ? -5.368  -1.852  -1.745  1.00 65.45  ? 104 LEU A CG  1 
ATOM 799  C CD1 . LEU A 1 112 ? -6.138  -0.955  -0.765  1.00 63.39  ? 104 LEU A CD1 1 
ATOM 800  C CD2 . LEU A 1 112 ? -3.959  -2.095  -1.241  1.00 65.97  ? 104 LEU A CD2 1 
ATOM 801  N N   . ARG A 1 113 ? -7.983  -5.573  -2.710  1.00 69.38  ? 105 ARG A N   1 
ATOM 802  C CA  . ARG A 1 113 ? -8.543  -6.442  -3.718  1.00 65.43  ? 105 ARG A CA  1 
ATOM 803  C C   . ARG A 1 113 ? -10.082 -6.311  -3.720  1.00 75.07  ? 105 ARG A C   1 
ATOM 804  O O   . ARG A 1 113 ? -10.706 -6.369  -4.783  1.00 78.94  ? 105 ARG A O   1 
ATOM 805  C CB  . ARG A 1 113 ? -8.093  -7.865  -3.516  1.00 57.51  ? 105 ARG A CB  1 
ATOM 806  C CG  . ARG A 1 113 ? -6.615  -8.088  -3.764  1.00 57.61  ? 105 ARG A CG  1 
ATOM 807  C CD  . ARG A 1 113 ? -6.211  -9.565  -3.538  1.00 53.57  ? 105 ARG A CD  1 
ATOM 808  N NE  . ARG A 1 113 ? -4.762  -9.711  -3.486  1.00 54.05  ? 105 ARG A NE  1 
ATOM 809  C CZ  . ARG A 1 113 ? -4.084  -10.852 -3.371  1.00 58.99  ? 105 ARG A CZ  1 
ATOM 810  N NH1 . ARG A 1 113 ? -4.697  -12.015 -3.298  1.00 58.31  ? 105 ARG A NH1 1 
ATOM 811  N NH2 . ARG A 1 113 ? -2.751  -10.825 -3.348  1.00 66.79  ? 105 ARG A NH2 1 
ATOM 812  N N   . GLN A 1 114 ? -10.682 -6.087  -2.545  1.00 81.00  ? 106 GLN A N   1 
ATOM 813  C CA  . GLN A 1 114 ? -12.113 -5.823  -2.460  1.00 79.01  ? 106 GLN A CA  1 
ATOM 814  C C   . GLN A 1 114 ? -12.429 -4.586  -3.274  1.00 85.85  ? 106 GLN A C   1 
ATOM 815  O O   . GLN A 1 114 ? -13.155 -4.689  -4.238  1.00 89.47  ? 106 GLN A O   1 
ATOM 816  C CB  . GLN A 1 114 ? -12.577 -5.651  -1.021  1.00 84.08  ? 106 GLN A CB  1 
ATOM 817  C CG  . GLN A 1 114 ? -12.745 -6.956  -0.252  1.00 89.90  ? 106 GLN A CG  1 
ATOM 818  C CD  . GLN A 1 114 ? -13.120 -6.756  1.229   1.00 105.37 ? 106 GLN A CD  1 
ATOM 819  O OE1 . GLN A 1 114 ? -13.225 -7.730  1.974   1.00 103.14 ? 106 GLN A OE1 1 
ATOM 820  N NE2 . GLN A 1 114 ? -13.324 -5.496  1.657   1.00 110.88 ? 106 GLN A NE2 1 
ATOM 821  N N   . MET A 1 115 ? -11.838 -3.441  -2.919  1.00 97.95  ? 107 MET A N   1 
ATOM 822  C CA  . MET A 1 115 ? -11.911 -2.196  -3.728  1.00 95.54  ? 107 MET A CA  1 
ATOM 823  C C   . MET A 1 115 ? -11.666 -2.410  -5.226  1.00 94.58  ? 107 MET A C   1 
ATOM 824  O O   . MET A 1 115 ? -12.362 -1.827  -6.052  1.00 95.30  ? 107 MET A O   1 
ATOM 825  C CB  . MET A 1 115 ? -10.911 -1.147  -3.215  1.00 106.42 ? 107 MET A CB  1 
ATOM 826  C CG  . MET A 1 115 ? -11.342 -0.442  -1.934  1.00 120.85 ? 107 MET A CG  1 
ATOM 827  S SD  . MET A 1 115 ? -10.047 0.594   -1.196  1.00 136.47 ? 107 MET A SD  1 
ATOM 828  C CE  . MET A 1 115 ? -10.975 1.553   0.010   1.00 134.55 ? 107 MET A CE  1 
ATOM 829  N N   . ALA A 1 116 ? -10.702 -3.261  -5.576  1.00 93.69  ? 108 ALA A N   1 
ATOM 830  C CA  . ALA A 1 116 ? -10.415 -3.589  -6.986  1.00 90.85  ? 108 ALA A CA  1 
ATOM 831  C C   . ALA A 1 116 ? -11.601 -4.130  -7.787  1.00 92.41  ? 108 ALA A C   1 
ATOM 832  O O   . ALA A 1 116 ? -11.556 -4.099  -9.002  1.00 99.37  ? 108 ALA A O   1 
ATOM 833  C CB  . ALA A 1 116 ? -9.244  -4.561  -7.093  1.00 89.24  ? 108 ALA A CB  1 
ATOM 834  N N   . GLN A 1 117 ? -12.639 -4.639  -7.127  1.00 92.97  ? 109 GLN A N   1 
ATOM 835  C CA  . GLN A 1 117 ? -13.846 -5.132  -7.800  1.00 95.51  ? 109 GLN A CA  1 
ATOM 836  C C   . GLN A 1 117 ? -15.062 -4.199  -7.644  1.00 102.78 ? 109 GLN A C   1 
ATOM 837  O O   . GLN A 1 117 ? -16.202 -4.628  -7.860  1.00 99.30  ? 109 GLN A O   1 
ATOM 838  C CB  . GLN A 1 117 ? -14.192 -6.508  -7.247  1.00 97.76  ? 109 GLN A CB  1 
ATOM 839  C CG  . GLN A 1 117 ? -13.022 -7.491  -7.262  1.00 103.79 ? 109 GLN A CG  1 
ATOM 840  C CD  . GLN A 1 117 ? -12.944 -8.379  -6.027  1.00 109.80 ? 109 GLN A CD  1 
ATOM 841  O OE1 . GLN A 1 117 ? -13.659 -8.183  -5.042  1.00 110.98 ? 109 GLN A OE1 1 
ATOM 842  N NE2 . GLN A 1 117 ? -12.051 -9.361  -6.072  1.00 113.07 ? 109 GLN A NE2 1 
ATOM 843  N N   . GLY A 1 118 ? -14.823 -2.940  -7.262  1.00 109.84 ? 110 GLY A N   1 
ATOM 844  C CA  . GLY A 1 118 ? -15.869 -1.911  -7.218  1.00 118.72 ? 110 GLY A CA  1 
ATOM 845  C C   . GLY A 1 118 ? -16.822 -1.977  -6.037  1.00 125.98 ? 110 GLY A C   1 
ATOM 846  O O   . GLY A 1 118 ? -18.031 -1.733  -6.190  1.00 128.59 ? 110 GLY A O   1 
ATOM 847  N N   . LYS A 1 119 ? -16.266 -2.267  -4.859  1.00 124.68 ? 111 LYS A N   1 
ATOM 848  C CA  . LYS A 1 119 ? -17.047 -2.438  -3.625  1.00 114.98 ? 111 LYS A CA  1 
ATOM 849  C C   . LYS A 1 119 ? -16.266 -1.894  -2.444  1.00 111.33 ? 111 LYS A C   1 
ATOM 850  O O   . LYS A 1 119 ? -15.045 -2.057  -2.367  1.00 110.11 ? 111 LYS A O   1 
ATOM 851  C CB  . LYS A 1 119 ? -17.412 -3.903  -3.403  1.00 106.83 ? 111 LYS A CB  1 
ATOM 852  C CG  . LYS A 1 119 ? -16.250 -4.869  -3.560  1.00 105.68 ? 111 LYS A CG  1 
ATOM 853  C CD  . LYS A 1 119 ? -16.713 -6.286  -3.855  1.00 108.37 ? 111 LYS A CD  1 
ATOM 854  C CE  . LYS A 1 119 ? -17.206 -6.988  -2.605  1.00 112.87 ? 111 LYS A CE  1 
ATOM 855  N NZ  . LYS A 1 119 ? -17.636 -8.383  -2.906  1.00 119.90 ? 111 LYS A NZ  1 
ATOM 856  N N   . ASP A 1 120 ? -16.995 -1.267  -1.528  1.00 112.44 ? 112 ASP A N   1 
ATOM 857  C CA  . ASP A 1 120 ? -16.419 -0.414  -0.511  1.00 116.71 ? 112 ASP A CA  1 
ATOM 858  C C   . ASP A 1 120 ? -16.915 -0.883  0.840   1.00 115.59 ? 112 ASP A C   1 
ATOM 859  O O   . ASP A 1 120 ? -18.124 -1.037  0.981   1.00 117.18 ? 112 ASP A O   1 
ATOM 860  C CB  . ASP A 1 120 ? -16.904 1.022   -0.764  1.00 121.67 ? 112 ASP A CB  1 
ATOM 861  C CG  . ASP A 1 120 ? -16.184 2.061   0.095   1.00 127.47 ? 112 ASP A CG  1 
ATOM 862  O OD1 . ASP A 1 120 ? -15.232 1.722   0.832   1.00 134.15 ? 112 ASP A OD1 1 
ATOM 863  O OD2 . ASP A 1 120 ? -16.580 3.242   0.036   1.00 136.89 ? 112 ASP A OD2 1 
ATOM 864  N N   . PRO A 1 121 ? -16.004 -1.104  1.833   1.00 115.59 ? 113 PRO A N   1 
ATOM 865  C CA  . PRO A 1 121 ? -16.372 -1.228  3.277   1.00 117.37 ? 113 PRO A CA  1 
ATOM 866  C C   . PRO A 1 121 ? -17.455 -0.244  3.842   1.00 125.18 ? 113 PRO A C   1 
ATOM 867  O O   . PRO A 1 121 ? -18.041 -0.498  4.907   1.00 115.71 ? 113 PRO A O   1 
ATOM 868  C CB  . PRO A 1 121 ? -15.024 -1.070  3.968   1.00 106.07 ? 113 PRO A CB  1 
ATOM 869  C CG  . PRO A 1 121 ? -14.076 -1.756  3.019   1.00 106.81 ? 113 PRO A CG  1 
ATOM 870  C CD  . PRO A 1 121 ? -14.618 -1.579  1.618   1.00 104.72 ? 113 PRO A CD  1 
ATOM 871  N N   . THR A 1 122 ? -17.688 0.867   3.139   1.00 146.75 ? 114 THR A N   1 
ATOM 872  C CA  . THR A 1 122 ? -18.966 1.612   3.185   1.00 156.44 ? 114 THR A CA  1 
ATOM 873  C C   . THR A 1 122 ? -20.183 0.666   3.037   1.00 155.58 ? 114 THR A C   1 
ATOM 874  O O   . THR A 1 122 ? -20.942 0.499   3.993   1.00 150.63 ? 114 THR A O   1 
ATOM 875  C CB  . THR A 1 122 ? -19.015 2.722   2.087   1.00 151.08 ? 114 THR A CB  1 
ATOM 876  O OG1 . THR A 1 122 ? -17.923 3.630   2.270   1.00 135.93 ? 114 THR A OG1 1 
ATOM 877  C CG2 . THR A 1 122 ? -20.329 3.514   2.118   1.00 147.42 ? 114 THR A CG2 1 
ATOM 878  N N   . GLU A 1 123 ? -20.315 0.022   1.867   1.00 148.11 ? 115 GLU A N   1 
ATOM 879  C CA  . GLU A 1 123 ? -21.454 -0.862  1.510   1.00 140.51 ? 115 GLU A CA  1 
ATOM 880  C C   . GLU A 1 123 ? -21.972 -1.814  2.604   1.00 141.93 ? 115 GLU A C   1 
ATOM 881  O O   . GLU A 1 123 ? -23.078 -2.342  2.466   1.00 140.14 ? 115 GLU A O   1 
ATOM 882  C CB  . GLU A 1 123 ? -21.131 -1.680  0.247   1.00 130.82 ? 115 GLU A CB  1 
ATOM 883  N N   . TRP A 1 124 ? -21.167 -2.069  3.644   1.00 138.18 ? 116 TRP A N   1 
ATOM 884  C CA  . TRP A 1 124 ? -21.638 -2.594  4.941   1.00 139.27 ? 116 TRP A CA  1 
ATOM 885  C C   . TRP A 1 124 ? -22.104 -4.062  4.940   1.00 143.07 ? 116 TRP A C   1 
ATOM 886  O O   . TRP A 1 124 ? -21.832 -4.741  5.919   1.00 142.04 ? 116 TRP A O   1 
ATOM 887  C CB  . TRP A 1 124 ? -22.701 -1.683  5.577   1.00 139.24 ? 116 TRP A CB  1 
ATOM 888  C CG  . TRP A 1 124 ? -22.971 -1.959  7.035   1.00 139.20 ? 116 TRP A CG  1 
ATOM 889  C CD1 . TRP A 1 124 ? -23.715 -2.983  7.547   1.00 145.03 ? 116 TRP A CD1 1 
ATOM 890  C CD2 . TRP A 1 124 ? -22.526 -1.189  8.162   1.00 139.01 ? 116 TRP A CD2 1 
ATOM 891  N NE1 . TRP A 1 124 ? -23.752 -2.912  8.919   1.00 146.79 ? 116 TRP A NE1 1 
ATOM 892  C CE2 . TRP A 1 124 ? -23.034 -1.820  9.327   1.00 139.41 ? 116 TRP A CE2 1 
ATOM 893  C CE3 . TRP A 1 124 ? -21.742 -0.035  8.305   1.00 139.15 ? 116 TRP A CE3 1 
ATOM 894  C CZ2 . TRP A 1 124 ? -22.784 -1.340  10.614  1.00 130.20 ? 116 TRP A CZ2 1 
ATOM 895  C CZ3 . TRP A 1 124 ? -21.493 0.445   9.589   1.00 140.79 ? 116 TRP A CZ3 1 
ATOM 896  C CH2 . TRP A 1 124 ? -22.014 -0.215  10.728  1.00 141.72 ? 116 TRP A CH2 1 
ATOM 897  N N   . HIS A 1 125 ? -22.823 -4.548  3.910   1.00 144.12 ? 117 HIS A N   1 
ATOM 898  C CA  . HIS A 1 125 ? -22.853 -6.001  3.626   1.00 140.87 ? 117 HIS A CA  1 
ATOM 899  C C   . HIS A 1 125 ? -21.408 -6.412  3.711   1.00 135.18 ? 117 HIS A C   1 
ATOM 900  O O   . HIS A 1 125 ? -21.034 -7.246  4.520   1.00 135.80 ? 117 HIS A O   1 
ATOM 901  C CB  . HIS A 1 125 ? -23.239 -6.388  2.182   1.00 145.59 ? 117 HIS A CB  1 
ATOM 902  C CG  . HIS A 1 125 ? -24.676 -6.238  1.831   1.00 149.22 ? 117 HIS A CG  1 
ATOM 903  N ND1 . HIS A 1 125 ? -25.203 -5.041  1.400   1.00 163.27 ? 117 HIS A ND1 1 
ATOM 904  C CD2 . HIS A 1 125 ? -25.665 -7.154  1.719   1.00 147.44 ? 117 HIS A CD2 1 
ATOM 905  C CE1 . HIS A 1 125 ? -26.477 -5.212  1.097   1.00 168.97 ? 117 HIS A CE1 1 
ATOM 906  N NE2 . HIS A 1 125 ? -26.783 -6.484  1.284   1.00 165.06 ? 117 HIS A NE2 1 
ATOM 907  N N   . VAL A 1 126 ? -20.608 -5.783  2.850   1.00 134.09 ? 118 VAL A N   1 
ATOM 908  C CA  . VAL A 1 126 ? -19.239 -6.193  2.578   1.00 136.71 ? 118 VAL A CA  1 
ATOM 909  C C   . VAL A 1 126 ? -18.397 -6.151  3.845   1.00 129.50 ? 118 VAL A C   1 
ATOM 910  O O   . VAL A 1 126 ? -17.652 -7.104  4.121   1.00 123.23 ? 118 VAL A O   1 
ATOM 911  C CB  . VAL A 1 126 ? -18.600 -5.380  1.412   1.00 141.46 ? 118 VAL A CB  1 
ATOM 912  C CG1 . VAL A 1 126 ? -18.667 -3.877  1.632   1.00 143.09 ? 118 VAL A CG1 1 
ATOM 913  C CG2 . VAL A 1 126 ? -17.154 -5.804  1.167   1.00 148.00 ? 118 VAL A CG2 1 
ATOM 914  N N   . HIS A 1 127 ? -18.554 -5.082  4.627   1.00 116.48 ? 119 HIS A N   1 
ATOM 915  C CA  . HIS A 1 127 ? -17.843 -4.966  5.888   1.00 106.94 ? 119 HIS A CA  1 
ATOM 916  C C   . HIS A 1 127 ? -18.293 -6.070  6.833   1.00 95.80  ? 119 HIS A C   1 
ATOM 917  O O   . HIS A 1 127 ? -17.471 -6.795  7.367   1.00 94.01  ? 119 HIS A O   1 
ATOM 918  C CB  . HIS A 1 127 ? -18.062 -3.602  6.531   1.00 115.01 ? 119 HIS A CB  1 
ATOM 919  C CG  . HIS A 1 127 ? -17.380 -3.459  7.852   1.00 119.73 ? 119 HIS A CG  1 
ATOM 920  N ND1 . HIS A 1 127 ? -18.050 -3.113  9.006   1.00 124.94 ? 119 HIS A ND1 1 
ATOM 921  C CD2 . HIS A 1 127 ? -16.090 -3.663  8.209   1.00 114.21 ? 119 HIS A CD2 1 
ATOM 922  C CE1 . HIS A 1 127 ? -17.194 -3.090  10.014  1.00 126.14 ? 119 HIS A CE1 1 
ATOM 923  N NE2 . HIS A 1 127 ? -16.000 -3.423  9.556   1.00 114.42 ? 119 HIS A NE2 1 
ATOM 924  N N   . THR A 1 128 ? -19.604 -6.195  7.001   1.00 89.35  ? 120 THR A N   1 
ATOM 925  C CA  . THR A 1 128 ? -20.231 -7.240  7.817   1.00 92.00  ? 120 THR A CA  1 
ATOM 926  C C   . THR A 1 128 ? -19.947 -8.671  7.309   1.00 92.91  ? 120 THR A C   1 
ATOM 927  O O   . THR A 1 128 ? -19.269 -9.470  7.965   1.00 90.68  ? 120 THR A O   1 
ATOM 928  C CB  . THR A 1 128 ? -21.763 -7.003  7.859   1.00 100.18 ? 120 THR A CB  1 
ATOM 929  O OG1 . THR A 1 128 ? -22.040 -5.705  8.421   1.00 97.30  ? 120 THR A OG1 1 
ATOM 930  C CG2 . THR A 1 128 ? -22.500 -8.113  8.622   1.00 101.43 ? 120 THR A CG2 1 
ATOM 931  N N   . CYS A 1 129 ? -20.480 -8.980  6.139   1.00 93.00  ? 121 CYS A N   1 
ATOM 932  C CA  . CYS A 1 129 ? -20.264 -10.255 5.484   1.00 95.00  ? 121 CYS A CA  1 
ATOM 933  C C   . CYS A 1 129 ? -18.781 -10.636 5.339   1.00 87.45  ? 121 CYS A C   1 
ATOM 934  O O   . CYS A 1 129 ? -18.439 -11.829 5.412   1.00 85.46  ? 121 CYS A O   1 
ATOM 935  C CB  . CYS A 1 129 ? -20.924 -10.233 4.109   1.00 97.93  ? 121 CYS A CB  1 
ATOM 936  S SG  . CYS A 1 129 ? -21.024 -11.866 3.394   1.00 102.23 ? 121 CYS A SG  1 
ATOM 937  N N   . GLY A 1 130 ? -17.915 -9.641  5.129   1.00 71.83  ? 122 GLY A N   1 
ATOM 938  C CA  . GLY A 1 130 ? -16.477 -9.865  5.145   1.00 72.32  ? 122 GLY A CA  1 
ATOM 939  C C   . GLY A 1 130 ? -15.997 -10.485 6.457   1.00 77.09  ? 122 GLY A C   1 
ATOM 940  O O   . GLY A 1 130 ? -15.493 -11.621 6.487   1.00 74.71  ? 122 GLY A O   1 
ATOM 941  N N   . LEU A 1 131 ? -16.180 -9.735  7.543   1.00 80.50  ? 123 LEU A N   1 
ATOM 942  C CA  . LEU A 1 131 ? -15.888 -10.190 8.921   1.00 79.16  ? 123 LEU A CA  1 
ATOM 943  C C   . LEU A 1 131 ? -16.480 -11.553 9.237   1.00 71.90  ? 123 LEU A C   1 
ATOM 944  O O   . LEU A 1 131 ? -15.846 -12.385 9.902   1.00 63.48  ? 123 LEU A O   1 
ATOM 945  C CB  . LEU A 1 131 ? -16.420 -9.181  9.963   1.00 88.89  ? 123 LEU A CB  1 
ATOM 946  C CG  . LEU A 1 131 ? -15.480 -8.032  10.380  1.00 94.88  ? 123 LEU A CG  1 
ATOM 947  C CD1 . LEU A 1 131 ? -16.215 -6.735  10.705  1.00 93.93  ? 123 LEU A CD1 1 
ATOM 948  C CD2 . LEU A 1 131 ? -14.607 -8.450  11.553  1.00 99.62  ? 123 LEU A CD2 1 
ATOM 949  N N   . ALA A 1 132 ? -17.702 -11.771 8.772   1.00 68.72  ? 124 ALA A N   1 
ATOM 950  C CA  . ALA A 1 132 ? -18.329 -13.069 8.940   1.00 72.57  ? 124 ALA A CA  1 
ATOM 951  C C   . ALA A 1 132 ? -17.468 -14.177 8.330   1.00 68.21  ? 124 ALA A C   1 
ATOM 952  O O   . ALA A 1 132 ? -17.105 -15.125 9.014   1.00 65.15  ? 124 ALA A O   1 
ATOM 953  C CB  . ALA A 1 132 ? -19.717 -13.067 8.346   1.00 75.30  ? 124 ALA A CB  1 
ATOM 954  N N   . ASN A 1 133 ? -17.108 -14.035 7.062   1.00 71.68  ? 125 ASN A N   1 
ATOM 955  C CA  . ASN A 1 133 ? -16.267 -15.042 6.425   1.00 76.46  ? 125 ASN A CA  1 
ATOM 956  C C   . ASN A 1 133 ? -14.926 -15.227 7.153   1.00 76.88  ? 125 ASN A C   1 
ATOM 957  O O   . ASN A 1 133 ? -14.521 -16.356 7.428   1.00 70.04  ? 125 ASN A O   1 
ATOM 958  C CB  . ASN A 1 133 ? -16.069 -14.745 4.926   1.00 79.70  ? 125 ASN A CB  1 
ATOM 959  C CG  . ASN A 1 133 ? -17.139 -15.394 4.068   1.00 83.78  ? 125 ASN A CG  1 
ATOM 960  O OD1 . ASN A 1 133 ? -17.041 -16.579 3.715   1.00 85.28  ? 125 ASN A OD1 1 
ATOM 961  N ND2 . ASN A 1 133 ? -18.180 -14.629 3.744   1.00 89.15  ? 125 ASN A ND2 1 
ATOM 962  N N   . MET A 1 134 ? -14.260 -14.130 7.493   1.00 75.85  ? 126 MET A N   1 
ATOM 963  C CA  . MET A 1 134 ? -12.982 -14.233 8.167   1.00 84.90  ? 126 MET A CA  1 
ATOM 964  C C   . MET A 1 134 ? -13.057 -15.125 9.397   1.00 79.44  ? 126 MET A C   1 
ATOM 965  O O   . MET A 1 134 ? -12.275 -16.072 9.542   1.00 68.47  ? 126 MET A O   1 
ATOM 966  C CB  . MET A 1 134 ? -12.501 -12.865 8.607   1.00 102.80 ? 126 MET A CB  1 
ATOM 967  C CG  . MET A 1 134 ? -11.260 -12.941 9.493   1.00 116.20 ? 126 MET A CG  1 
ATOM 968  S SD  . MET A 1 134 ? -10.174 -11.525 9.342   1.00 134.56 ? 126 MET A SD  1 
ATOM 969  C CE  . MET A 1 134 ? -9.630  -11.691 7.641   1.00 130.97 ? 126 MET A CE  1 
ATOM 970  N N   . PHE A 1 135 ? -14.006 -14.789 10.267  1.00 79.87  ? 127 PHE A N   1 
ATOM 971  C CA  . PHE A 1 135 ? -14.169 -15.437 11.571  1.00 82.58  ? 127 PHE A CA  1 
ATOM 972  C C   . PHE A 1 135 ? -14.519 -16.933 11.411  1.00 74.31  ? 127 PHE A C   1 
ATOM 973  O O   . PHE A 1 135 ? -13.819 -17.833 11.920  1.00 68.00  ? 127 PHE A O   1 
ATOM 974  C CB  . PHE A 1 135 ? -15.232 -14.688 12.412  1.00 78.93  ? 127 PHE A CB  1 
ATOM 975  C CG  . PHE A 1 135 ? -15.127 -14.943 13.895  1.00 91.01  ? 127 PHE A CG  1 
ATOM 976  C CD1 . PHE A 1 135 ? -14.420 -14.068 14.723  1.00 86.79  ? 127 PHE A CD1 1 
ATOM 977  C CD2 . PHE A 1 135 ? -15.724 -16.076 14.472  1.00 104.46 ? 127 PHE A CD2 1 
ATOM 978  C CE1 . PHE A 1 135 ? -14.314 -14.304 16.086  1.00 93.36  ? 127 PHE A CE1 1 
ATOM 979  C CE2 . PHE A 1 135 ? -15.623 -16.319 15.842  1.00 106.50 ? 127 PHE A CE2 1 
ATOM 980  C CZ  . PHE A 1 135 ? -14.919 -15.429 16.650  1.00 104.63 ? 127 PHE A CZ  1 
ATOM 981  N N   . ALA A 1 136 ? -15.588 -17.168 10.665  1.00 67.58  ? 128 ALA A N   1 
ATOM 982  C CA  . ALA A 1 136 ? -16.097 -18.505 10.409  1.00 68.19  ? 128 ALA A CA  1 
ATOM 983  C C   . ALA A 1 136 ? -15.047 -19.432 9.785   1.00 68.43  ? 128 ALA A C   1 
ATOM 984  O O   . ALA A 1 136 ? -14.852 -20.555 10.250  1.00 64.85  ? 128 ALA A O   1 
ATOM 985  C CB  . ALA A 1 136 ? -17.330 -18.416 9.524   1.00 65.38  ? 128 ALA A CB  1 
ATOM 986  N N   . TYR A 1 137 ? -14.350 -18.944 8.759   1.00 70.96  ? 129 TYR A N   1 
ATOM 987  C CA  . TYR A 1 137 ? -13.428 -19.775 7.969   1.00 66.82  ? 129 TYR A CA  1 
ATOM 988  C C   . TYR A 1 137 ? -11.925 -19.531 8.175   1.00 70.72  ? 129 TYR A C   1 
ATOM 989  O O   . TYR A 1 137 ? -11.122 -20.307 7.652   1.00 76.71  ? 129 TYR A O   1 
ATOM 990  C CB  . TYR A 1 137 ? -13.792 -19.677 6.486   1.00 60.48  ? 129 TYR A CB  1 
ATOM 991  C CG  . TYR A 1 137 ? -15.251 -19.966 6.216   1.00 58.21  ? 129 TYR A CG  1 
ATOM 992  C CD1 . TYR A 1 137 ? -15.784 -21.240 6.490   1.00 59.17  ? 129 TYR A CD1 1 
ATOM 993  C CD2 . TYR A 1 137 ? -16.106 -18.986 5.679   1.00 54.27  ? 129 TYR A CD2 1 
ATOM 994  C CE1 . TYR A 1 137 ? -17.125 -21.528 6.251   1.00 58.83  ? 129 TYR A CE1 1 
ATOM 995  C CE2 . TYR A 1 137 ? -17.450 -19.273 5.424   1.00 56.27  ? 129 TYR A CE2 1 
ATOM 996  C CZ  . TYR A 1 137 ? -17.950 -20.550 5.722   1.00 57.77  ? 129 TYR A CZ  1 
ATOM 997  O OH  . TYR A 1 137 ? -19.264 -20.878 5.550   1.00 58.95  ? 129 TYR A OH  1 
ATOM 998  N N   . HIS A 1 138 ? -11.538 -18.497 8.933   1.00 75.18  ? 130 HIS A N   1 
ATOM 999  C CA  . HIS A 1 138 ? -10.122 -18.261 9.277   1.00 81.85  ? 130 HIS A CA  1 
ATOM 1000 C C   . HIS A 1 138 ? -9.320  -18.062 8.000   1.00 78.78  ? 130 HIS A C   1 
ATOM 1001 O O   . HIS A 1 138 ? -8.349  -18.781 7.717   1.00 75.76  ? 130 HIS A O   1 
ATOM 1002 C CB  . HIS A 1 138 ? -9.540  -19.410 10.129  1.00 90.95  ? 130 HIS A CB  1 
ATOM 1003 C CG  . HIS A 1 138 ? -10.376 -19.762 11.330  1.00 109.19 ? 130 HIS A CG  1 
ATOM 1004 N ND1 . HIS A 1 138 ? -10.146 -19.232 12.584  1.00 119.24 ? 130 HIS A ND1 1 
ATOM 1005 C CD2 . HIS A 1 138 ? -11.441 -20.591 11.465  1.00 105.59 ? 130 HIS A CD2 1 
ATOM 1006 C CE1 . HIS A 1 138 ? -11.031 -19.719 13.437  1.00 108.91 ? 130 HIS A CE1 1 
ATOM 1007 N NE2 . HIS A 1 138 ? -11.831 -20.539 12.782  1.00 102.90 ? 130 HIS A NE2 1 
ATOM 1008 N N   . THR A 1 139 ? -9.774  -17.088 7.221   1.00 74.96  ? 131 THR A N   1 
ATOM 1009 C CA  . THR A 1 139 ? -9.166  -16.776 5.943   1.00 73.99  ? 131 THR A CA  1 
ATOM 1010 C C   . THR A 1 139 ? -9.497  -15.338 5.489   1.00 72.20  ? 131 THR A C   1 
ATOM 1011 O O   . THR A 1 139 ? -10.623 -14.861 5.654   1.00 62.86  ? 131 THR A O   1 
ATOM 1012 C CB  . THR A 1 139 ? -9.606  -17.790 4.870   1.00 73.32  ? 131 THR A CB  1 
ATOM 1013 O OG1 . THR A 1 139 ? -8.779  -17.641 3.720   1.00 78.61  ? 131 THR A OG1 1 
ATOM 1014 C CG2 . THR A 1 139 ? -11.065 -17.575 4.450   1.00 72.30  ? 131 THR A CG2 1 
ATOM 1015 N N   . LEU A 1 140 ? -8.503  -14.671 4.910   1.00 71.33  ? 132 LEU A N   1 
ATOM 1016 C CA  . LEU A 1 140 ? -8.680  -13.344 4.316   1.00 73.29  ? 132 LEU A CA  1 
ATOM 1017 C C   . LEU A 1 140 ? -9.268  -13.469 2.900   1.00 74.88  ? 132 LEU A C   1 
ATOM 1018 O O   . LEU A 1 140 ? -9.593  -12.452 2.251   1.00 68.83  ? 132 LEU A O   1 
ATOM 1019 C CB  . LEU A 1 140 ? -7.340  -12.639 4.234   1.00 73.53  ? 132 LEU A CB  1 
ATOM 1020 C CG  . LEU A 1 140 ? -6.554  -12.504 5.533   1.00 79.59  ? 132 LEU A CG  1 
ATOM 1021 C CD1 . LEU A 1 140 ? -5.068  -12.704 5.249   1.00 83.06  ? 132 LEU A CD1 1 
ATOM 1022 C CD2 . LEU A 1 140 ? -6.793  -11.168 6.210   1.00 85.89  ? 132 LEU A CD2 1 
ATOM 1023 N N   . GLY A 1 141 ? -9.348  -14.710 2.400   1.00 64.23  ? 133 GLY A N   1 
ATOM 1024 C CA  . GLY A 1 141 ? -10.045 -14.995 1.158   1.00 63.55  ? 133 GLY A CA  1 
ATOM 1025 C C   . GLY A 1 141 ? -9.189  -15.226 -0.072  1.00 63.31  ? 133 GLY A C   1 
ATOM 1026 O O   . GLY A 1 141 ? -9.744  -15.247 -1.183  1.00 63.57  ? 133 GLY A O   1 
ATOM 1027 N N   . TYR A 1 142 ? -7.866  -15.396 0.114   1.00 55.20  ? 134 TYR A N   1 
ATOM 1028 C CA  . TYR A 1 142 ? -6.912  -15.628 -0.972  1.00 53.34  ? 134 TYR A CA  1 
ATOM 1029 C C   . TYR A 1 142 ? -5.687  -16.397 -0.420  1.00 62.06  ? 134 TYR A C   1 
ATOM 1030 O O   . TYR A 1 142 ? -5.094  -16.011 0.609   1.00 60.45  ? 134 TYR A O   1 
ATOM 1031 C CB  . TYR A 1 142 ? -6.453  -14.290 -1.629  1.00 54.52  ? 134 TYR A CB  1 
ATOM 1032 C CG  . TYR A 1 142 ? -7.549  -13.306 -2.071  1.00 49.19  ? 134 TYR A CG  1 
ATOM 1033 C CD1 . TYR A 1 142 ? -8.164  -12.456 -1.158  1.00 48.76  ? 134 TYR A CD1 1 
ATOM 1034 C CD2 . TYR A 1 142 ? -7.950  -13.219 -3.408  1.00 51.00  ? 134 TYR A CD2 1 
ATOM 1035 C CE1 . TYR A 1 142 ? -9.155  -11.565 -1.554  1.00 54.52  ? 134 TYR A CE1 1 
ATOM 1036 C CE2 . TYR A 1 142 ? -8.931  -12.310 -3.826  1.00 51.36  ? 134 TYR A CE2 1 
ATOM 1037 C CZ  . TYR A 1 142 ? -9.538  -11.489 -2.896  1.00 58.20  ? 134 TYR A CZ  1 
ATOM 1038 O OH  . TYR A 1 142 ? -10.541 -10.593 -3.286  1.00 71.23  ? 134 TYR A OH  1 
ATOM 1039 N N   . GLU A 1 143 ? -5.296  -17.468 -1.113  1.00 70.23  ? 135 GLU A N   1 
ATOM 1040 C CA  . GLU A 1 143 ? -4.283  -18.385 -0.597  1.00 76.16  ? 135 GLU A CA  1 
ATOM 1041 C C   . GLU A 1 143 ? -3.004  -17.633 -0.264  1.00 74.65  ? 135 GLU A C   1 
ATOM 1042 O O   . GLU A 1 143 ? -2.524  -17.716 0.863   1.00 69.99  ? 135 GLU A O   1 
ATOM 1043 C CB  . GLU A 1 143 ? -4.023  -19.504 -1.605  1.00 87.99  ? 135 GLU A CB  1 
ATOM 1044 C CG  . GLU A 1 143 ? -3.030  -20.591 -1.181  1.00 99.05  ? 135 GLU A CG  1 
ATOM 1045 C CD  . GLU A 1 143 ? -2.595  -21.476 -2.362  1.00 110.42 ? 135 GLU A CD  1 
ATOM 1046 O OE1 . GLU A 1 143 ? -3.390  -21.612 -3.320  1.00 108.05 ? 135 GLU A OE1 1 
ATOM 1047 O OE2 . GLU A 1 143 ? -1.465  -22.034 -2.349  1.00 109.84 ? 135 GLU A OE2 1 
ATOM 1048 N N   . ASP A 1 144 ? -2.493  -16.874 -1.240  1.00 82.45  ? 136 ASP A N   1 
ATOM 1049 C CA  . ASP A 1 144 ? -1.224  -16.096 -1.104  1.00 75.88  ? 136 ASP A CA  1 
ATOM 1050 C C   . ASP A 1 144 ? -1.228  -15.242 0.138   1.00 71.96  ? 136 ASP A C   1 
ATOM 1051 O O   . ASP A 1 144 ? -0.266  -15.277 0.905   1.00 75.62  ? 136 ASP A O   1 
ATOM 1052 C CB  . ASP A 1 144 ? -0.912  -15.211 -2.338  1.00 71.63  ? 136 ASP A CB  1 
ATOM 1053 C CG  . ASP A 1 144 ? -2.083  -14.296 -2.753  1.00 75.02  ? 136 ASP A CG  1 
ATOM 1054 O OD1 . ASP A 1 144 ? -3.143  -14.315 -2.078  1.00 76.19  ? 136 ASP A OD1 1 
ATOM 1055 O OD2 . ASP A 1 144 ? -1.952  -13.560 -3.768  1.00 70.83  ? 136 ASP A OD2 1 
ATOM 1056 N N   . LEU A 1 145 ? -2.326  -14.518 0.355   1.00 66.50  ? 137 LEU A N   1 
ATOM 1057 C CA  . LEU A 1 145 ? -2.420  -13.627 1.503   1.00 70.01  ? 137 LEU A CA  1 
ATOM 1058 C C   . LEU A 1 145 ? -2.433  -14.447 2.772   1.00 75.91  ? 137 LEU A C   1 
ATOM 1059 O O   . LEU A 1 145 ? -1.776  -14.091 3.759   1.00 70.92  ? 137 LEU A O   1 
ATOM 1060 C CB  . LEU A 1 145 ? -3.656  -12.731 1.411   1.00 64.46  ? 137 LEU A CB  1 
ATOM 1061 C CG  . LEU A 1 145 ? -3.697  -11.748 0.231   1.00 60.52  ? 137 LEU A CG  1 
ATOM 1062 C CD1 . LEU A 1 145 ? -4.682  -10.642 0.533   1.00 61.66  ? 137 LEU A CD1 1 
ATOM 1063 C CD2 . LEU A 1 145 ? -2.349  -11.130 -0.078  1.00 58.80  ? 137 LEU A CD2 1 
ATOM 1064 N N   . ASP A 1 146 ? -3.146  -15.574 2.708   1.00 85.39  ? 138 ASP A N   1 
ATOM 1065 C CA  . ASP A 1 146 ? -3.178  -16.537 3.803   1.00 83.39  ? 138 ASP A CA  1 
ATOM 1066 C C   . ASP A 1 146 ? -1.795  -17.154 4.096   1.00 80.75  ? 138 ASP A C   1 
ATOM 1067 O O   . ASP A 1 146 ? -1.336  -17.121 5.248   1.00 72.44  ? 138 ASP A O   1 
ATOM 1068 C CB  . ASP A 1 146 ? -4.273  -17.595 3.566   1.00 87.15  ? 138 ASP A CB  1 
ATOM 1069 C CG  . ASP A 1 146 ? -5.623  -17.196 4.196   1.00 91.23  ? 138 ASP A CG  1 
ATOM 1070 O OD1 . ASP A 1 146 ? -5.735  -17.214 5.447   1.00 100.35 ? 138 ASP A OD1 1 
ATOM 1071 O OD2 . ASP A 1 146 ? -6.568  -16.863 3.454   1.00 81.42  ? 138 ASP A OD2 1 
ATOM 1072 N N   . GLU A 1 147 ? -1.120  -17.679 3.070   1.00 83.77  ? 139 GLU A N   1 
ATOM 1073 C CA  . GLU A 1 147 ? 0.235   -18.219 3.249   1.00 89.92  ? 139 GLU A CA  1 
ATOM 1074 C C   . GLU A 1 147 ? 1.100   -17.186 3.947   1.00 90.48  ? 139 GLU A C   1 
ATOM 1075 O O   . GLU A 1 147 ? 1.767   -17.474 4.942   1.00 99.42  ? 139 GLU A O   1 
ATOM 1076 C CB  . GLU A 1 147 ? 0.897   -18.542 1.913   1.00 100.66 ? 139 GLU A CB  1 
ATOM 1077 C CG  . GLU A 1 147 ? 0.456   -19.818 1.209   1.00 108.56 ? 139 GLU A CG  1 
ATOM 1078 C CD  . GLU A 1 147 ? 1.193   -19.998 -0.125  1.00 113.11 ? 139 GLU A CD  1 
ATOM 1079 O OE1 . GLU A 1 147 ? 2.436   -19.813 -0.158  1.00 93.98  ? 139 GLU A OE1 1 
ATOM 1080 O OE2 . GLU A 1 147 ? 0.536   -20.305 -1.149  1.00 113.69 ? 139 GLU A OE2 1 
ATOM 1081 N N   . LEU A 1 148 ? 1.051   -15.973 3.405   1.00 84.44  ? 140 LEU A N   1 
ATOM 1082 C CA  . LEU A 1 148 ? 1.866   -14.850 3.855   1.00 77.14  ? 140 LEU A CA  1 
ATOM 1083 C C   . LEU A 1 148 ? 1.541   -14.434 5.274   1.00 72.96  ? 140 LEU A C   1 
ATOM 1084 O O   . LEU A 1 148 ? 2.430   -14.078 6.052   1.00 62.16  ? 140 LEU A O   1 
ATOM 1085 C CB  . LEU A 1 148 ? 1.613   -13.675 2.917   1.00 75.82  ? 140 LEU A CB  1 
ATOM 1086 C CG  . LEU A 1 148 ? 2.372   -12.378 3.115   1.00 65.28  ? 140 LEU A CG  1 
ATOM 1087 C CD1 . LEU A 1 148 ? 3.805   -12.593 2.717   1.00 65.33  ? 140 LEU A CD1 1 
ATOM 1088 C CD2 . LEU A 1 148 ? 1.729   -11.318 2.258   1.00 64.27  ? 140 LEU A CD2 1 
ATOM 1089 N N   . GLN A 1 149 ? 0.253   -14.456 5.597   1.00 79.92  ? 141 GLN A N   1 
ATOM 1090 C CA  . GLN A 1 149 ? -0.201  -14.194 6.967   1.00 88.50  ? 141 GLN A CA  1 
ATOM 1091 C C   . GLN A 1 149 ? 0.512   -15.101 7.953   1.00 94.23  ? 141 GLN A C   1 
ATOM 1092 O O   . GLN A 1 149 ? 1.085   -14.642 8.942   1.00 97.27  ? 141 GLN A O   1 
ATOM 1093 C CB  . GLN A 1 149 ? -1.697  -14.432 7.090   1.00 82.69  ? 141 GLN A CB  1 
ATOM 1094 C CG  . GLN A 1 149 ? -2.281  -14.017 8.418   1.00 85.11  ? 141 GLN A CG  1 
ATOM 1095 C CD  . GLN A 1 149 ? -2.713  -12.574 8.420   1.00 87.99  ? 141 GLN A CD  1 
ATOM 1096 O OE1 . GLN A 1 149 ? -3.899  -12.281 8.293   1.00 85.45  ? 141 GLN A OE1 1 
ATOM 1097 N NE2 . GLN A 1 149 ? -1.754  -11.659 8.552   1.00 93.70  ? 141 GLN A NE2 1 
ATOM 1098 N N   . LYS A 1 150 ? 0.506   -16.388 7.641   1.00 100.18 ? 142 LYS A N   1 
ATOM 1099 C CA  . LYS A 1 150 ? 1.027   -17.397 8.538   1.00 106.12 ? 142 LYS A CA  1 
ATOM 1100 C C   . LYS A 1 150 ? 2.535   -17.626 8.397   1.00 101.60 ? 142 LYS A C   1 
ATOM 1101 O O   . LYS A 1 150 ? 3.048   -18.615 8.912   1.00 99.22  ? 142 LYS A O   1 
ATOM 1102 C CB  . LYS A 1 150 ? 0.225   -18.687 8.332   1.00 124.32 ? 142 LYS A CB  1 
ATOM 1103 C CG  . LYS A 1 150 ? -1.243  -18.508 8.737   1.00 142.48 ? 142 LYS A CG  1 
ATOM 1104 C CD  . LYS A 1 150 ? -2.071  -19.792 8.675   1.00 149.69 ? 142 LYS A CD  1 
ATOM 1105 C CE  . LYS A 1 150 ? -3.117  -19.768 7.564   1.00 158.63 ? 142 LYS A CE  1 
ATOM 1106 N NZ  . LYS A 1 150 ? -4.272  -18.861 7.849   1.00 155.34 ? 142 LYS A NZ  1 
ATOM 1107 N N   . GLU A 1 151 ? 3.246   -16.700 7.742   1.00 102.27 ? 143 GLU A N   1 
ATOM 1108 C CA  . GLU A 1 151 ? 4.688   -16.818 7.493   1.00 97.67  ? 143 GLU A CA  1 
ATOM 1109 C C   . GLU A 1 151 ? 5.323   -15.409 7.436   1.00 92.72  ? 143 GLU A C   1 
ATOM 1110 O O   . GLU A 1 151 ? 5.732   -14.947 6.380   1.00 93.07  ? 143 GLU A O   1 
ATOM 1111 C CB  . GLU A 1 151 ? 4.906   -17.609 6.193   1.00 100.41 ? 143 GLU A CB  1 
ATOM 1112 C CG  . GLU A 1 151 ? 6.255   -18.310 6.072   1.00 106.17 ? 143 GLU A CG  1 
ATOM 1113 C CD  . GLU A 1 151 ? 6.273   -19.393 4.987   1.00 118.02 ? 143 GLU A CD  1 
ATOM 1114 O OE1 . GLU A 1 151 ? 5.317   -20.206 4.902   1.00 118.03 ? 143 GLU A OE1 1 
ATOM 1115 O OE2 . GLU A 1 151 ? 7.258   -19.451 4.215   1.00 117.10 ? 143 GLU A OE2 1 
ATOM 1116 N N   . PRO A 1 152 ? 5.390   -14.711 8.584   1.00 96.31  ? 144 PRO A N   1 
ATOM 1117 C CA  . PRO A 1 152 ? 5.878   -13.332 8.686   1.00 92.72  ? 144 PRO A CA  1 
ATOM 1118 C C   . PRO A 1 152 ? 7.144   -13.081 7.924   1.00 92.89  ? 144 PRO A C   1 
ATOM 1119 O O   . PRO A 1 152 ? 7.971   -13.984 7.792   1.00 92.69  ? 144 PRO A O   1 
ATOM 1120 C CB  . PRO A 1 152 ? 6.145   -13.174 10.173  1.00 92.87  ? 144 PRO A CB  1 
ATOM 1121 C CG  . PRO A 1 152 ? 5.071   -13.986 10.776  1.00 102.35 ? 144 PRO A CG  1 
ATOM 1122 C CD  . PRO A 1 152 ? 4.954   -15.202 9.902   1.00 102.76 ? 144 PRO A CD  1 
ATOM 1123 N N   . GLN A 1 153 ? 7.300   -11.851 7.441   1.00 96.71  ? 145 GLN A N   1 
ATOM 1124 C CA  . GLN A 1 153 ? 8.236   -11.597 6.364   1.00 91.20  ? 145 GLN A CA  1 
ATOM 1125 C C   . GLN A 1 153 ? 8.494   -10.126 6.036   1.00 88.64  ? 145 GLN A C   1 
ATOM 1126 O O   . GLN A 1 153 ? 7.564   -9.337  6.068   1.00 96.29  ? 145 GLN A O   1 
ATOM 1127 C CB  . GLN A 1 153 ? 7.620   -12.226 5.144   1.00 87.41  ? 145 GLN A CB  1 
ATOM 1128 C CG  . GLN A 1 153 ? 8.625   -12.614 4.123   1.00 91.88  ? 145 GLN A CG  1 
ATOM 1129 C CD  . GLN A 1 153 ? 7.950   -13.290 2.982   1.00 91.12  ? 145 GLN A CD  1 
ATOM 1130 O OE1 . GLN A 1 153 ? 6.946   -13.993 3.166   1.00 71.70  ? 145 GLN A OE1 1 
ATOM 1131 N NE2 . GLN A 1 153 ? 8.480   -13.074 1.787   1.00 99.94  ? 145 GLN A NE2 1 
ATOM 1132 N N   . PRO A 1 154 ? 9.736   -9.762  5.656   1.00 85.19  ? 146 PRO A N   1 
ATOM 1133 C CA  . PRO A 1 154 ? 9.906   -8.417  5.088   1.00 85.01  ? 146 PRO A CA  1 
ATOM 1134 C C   . PRO A 1 154 ? 9.394   -8.379  3.643   1.00 82.07  ? 146 PRO A C   1 
ATOM 1135 O O   . PRO A 1 154 ? 9.235   -9.434  3.020   1.00 88.94  ? 146 PRO A O   1 
ATOM 1136 C CB  . PRO A 1 154 ? 11.426  -8.193  5.128   1.00 87.15  ? 146 PRO A CB  1 
ATOM 1137 C CG  . PRO A 1 154 ? 12.039  -9.485  5.584   1.00 88.17  ? 146 PRO A CG  1 
ATOM 1138 C CD  . PRO A 1 154 ? 10.978  -10.544 5.561   1.00 83.36  ? 146 PRO A CD  1 
ATOM 1139 N N   . LEU A 1 155 ? 9.146   -7.181  3.119   1.00 78.57  ? 147 LEU A N   1 
ATOM 1140 C CA  . LEU A 1 155 ? 8.651   -7.006  1.738   1.00 76.72  ? 147 LEU A CA  1 
ATOM 1141 C C   . LEU A 1 155 ? 9.238   -5.786  1.057   1.00 73.04  ? 147 LEU A C   1 
ATOM 1142 O O   . LEU A 1 155 ? 9.766   -4.874  1.711   1.00 77.77  ? 147 LEU A O   1 
ATOM 1143 C CB  . LEU A 1 155 ? 7.136   -6.849  1.712   1.00 74.49  ? 147 LEU A CB  1 
ATOM 1144 C CG  . LEU A 1 155 ? 6.239   -7.952  2.257   1.00 77.07  ? 147 LEU A CG  1 
ATOM 1145 C CD1 . LEU A 1 155 ? 4.799   -7.463  2.238   1.00 76.89  ? 147 LEU A CD1 1 
ATOM 1146 C CD2 . LEU A 1 155 ? 6.353   -9.246  1.471   1.00 78.96  ? 147 LEU A CD2 1 
ATOM 1147 N N   . VAL A 1 156 ? 9.114   -5.773  -0.266  1.00 66.55  ? 148 VAL A N   1 
ATOM 1148 C CA  . VAL A 1 156 ? 9.574   -4.650  -1.057  1.00 68.61  ? 148 VAL A CA  1 
ATOM 1149 C C   . VAL A 1 156 ? 8.407   -4.083  -1.794  1.00 64.01  ? 148 VAL A C   1 
ATOM 1150 O O   . VAL A 1 156 ? 7.756   -4.791  -2.535  1.00 64.10  ? 148 VAL A O   1 
ATOM 1151 C CB  . VAL A 1 156 ? 10.611  -5.033  -2.121  1.00 68.04  ? 148 VAL A CB  1 
ATOM 1152 C CG1 . VAL A 1 156 ? 10.955  -3.807  -2.947  1.00 77.13  ? 148 VAL A CG1 1 
ATOM 1153 C CG2 . VAL A 1 156 ? 11.875  -5.564  -1.476  1.00 70.50  ? 148 VAL A CG2 1 
ATOM 1154 N N   . PHE A 1 157 ? 8.197   -2.793  -1.628  1.00 59.61  ? 149 PHE A N   1 
ATOM 1155 C CA  . PHE A 1 157 ? 7.217   -2.080  -2.399  1.00 62.38  ? 149 PHE A CA  1 
ATOM 1156 C C   . PHE A 1 157 ? 7.908   -1.212  -3.410  1.00 63.14  ? 149 PHE A C   1 
ATOM 1157 O O   . PHE A 1 157 ? 8.888   -0.590  -3.087  1.00 74.36  ? 149 PHE A O   1 
ATOM 1158 C CB  . PHE A 1 157 ? 6.432   -1.181  -1.486  1.00 64.00  ? 149 PHE A CB  1 
ATOM 1159 C CG  . PHE A 1 157 ? 5.716   -1.918  -0.424  1.00 61.19  ? 149 PHE A CG  1 
ATOM 1160 C CD1 . PHE A 1 157 ? 6.363   -2.248  0.747   1.00 66.28  ? 149 PHE A CD1 1 
ATOM 1161 C CD2 . PHE A 1 157 ? 4.395   -2.295  -0.606  1.00 62.59  ? 149 PHE A CD2 1 
ATOM 1162 C CE1 . PHE A 1 157 ? 5.706   -2.946  1.742   1.00 66.86  ? 149 PHE A CE1 1 
ATOM 1163 C CE2 . PHE A 1 157 ? 3.724   -2.971  0.378   1.00 64.68  ? 149 PHE A CE2 1 
ATOM 1164 C CZ  . PHE A 1 157 ? 4.384   -3.310  1.555   1.00 67.69  ? 149 PHE A CZ  1 
ATOM 1165 N N   . VAL A 1 158 ? 7.377   -1.158  -4.622  1.00 62.67  ? 150 VAL A N   1 
ATOM 1166 C CA  . VAL A 1 158 ? 7.835   -0.231  -5.634  1.00 63.03  ? 150 VAL A CA  1 
ATOM 1167 C C   . VAL A 1 158 ? 6.667   0.648   -5.974  1.00 59.65  ? 150 VAL A C   1 
ATOM 1168 O O   . VAL A 1 158 ? 5.672   0.161   -6.477  1.00 61.92  ? 150 VAL A O   1 
ATOM 1169 C CB  . VAL A 1 158 ? 8.321   -0.956  -6.906  1.00 67.42  ? 150 VAL A CB  1 
ATOM 1170 C CG1 . VAL A 1 158 ? 8.626   0.045   -8.047  1.00 63.45  ? 150 VAL A CG1 1 
ATOM 1171 C CG2 . VAL A 1 158 ? 9.541   -1.815  -6.569  1.00 66.20  ? 150 VAL A CG2 1 
ATOM 1172 N N   . ILE A 1 159 ? 6.802   1.942   -5.703  1.00 60.64  ? 151 ILE A N   1 
ATOM 1173 C CA  . ILE A 1 159 ? 5.688   2.888   -5.818  1.00 58.99  ? 151 ILE A CA  1 
ATOM 1174 C C   . ILE A 1 159 ? 6.042   3.919   -6.832  1.00 55.68  ? 151 ILE A C   1 
ATOM 1175 O O   . ILE A 1 159 ? 7.191   4.324   -6.907  1.00 55.13  ? 151 ILE A O   1 
ATOM 1176 C CB  . ILE A 1 159 ? 5.421   3.602   -4.490  1.00 57.46  ? 151 ILE A CB  1 
ATOM 1177 C CG1 . ILE A 1 159 ? 5.008   2.552   -3.476  1.00 53.61  ? 151 ILE A CG1 1 
ATOM 1178 C CG2 . ILE A 1 159 ? 4.365   4.705   -4.653  1.00 59.45  ? 151 ILE A CG2 1 
ATOM 1179 C CD1 . ILE A 1 159 ? 4.877   3.092   -2.098  1.00 57.43  ? 151 ILE A CD1 1 
ATOM 1180 N N   . GLU A 1 160 ? 5.054   4.298   -7.622  1.00 56.19  ? 152 GLU A N   1 
ATOM 1181 C CA  . GLU A 1 160 ? 5.201   5.347   -8.584  1.00 65.39  ? 152 GLU A CA  1 
ATOM 1182 C C   . GLU A 1 160 ? 4.159   6.334   -8.167  1.00 63.99  ? 152 GLU A C   1 
ATOM 1183 O O   . GLU A 1 160 ? 2.979   5.997   -8.132  1.00 59.47  ? 152 GLU A O   1 
ATOM 1184 C CB  . GLU A 1 160 ? 4.967   4.853   -10.025 1.00 79.66  ? 152 GLU A CB  1 
ATOM 1185 C CG  . GLU A 1 160 ? 4.933   5.974   -11.092 1.00 98.06  ? 152 GLU A CG  1 
ATOM 1186 C CD  . GLU A 1 160 ? 5.660   5.659   -12.415 1.00 110.65 ? 152 GLU A CD  1 
ATOM 1187 O OE1 . GLU A 1 160 ? 5.588   4.507   -12.899 1.00 123.32 ? 152 GLU A OE1 1 
ATOM 1188 O OE2 . GLU A 1 160 ? 6.308   6.578   -12.986 1.00 110.37 ? 152 GLU A OE2 1 
ATOM 1189 N N   . LEU A 1 161 ? 4.590   7.543   -7.828  1.00 62.58  ? 153 LEU A N   1 
ATOM 1190 C CA  . LEU A 1 161 ? 3.647   8.582   -7.492  1.00 68.57  ? 153 LEU A CA  1 
ATOM 1191 C C   . LEU A 1 161 ? 3.319   9.344   -8.766  1.00 71.04  ? 153 LEU A C   1 
ATOM 1192 O O   . LEU A 1 161 ? 4.210   9.799   -9.469  1.00 76.59  ? 153 LEU A O   1 
ATOM 1193 C CB  . LEU A 1 161 ? 4.217   9.501   -6.417  1.00 71.93  ? 153 LEU A CB  1 
ATOM 1194 C CG  . LEU A 1 161 ? 3.300   10.633  -5.953  1.00 73.45  ? 153 LEU A CG  1 
ATOM 1195 C CD1 . LEU A 1 161 ? 2.143   10.103  -5.127  1.00 74.55  ? 153 LEU A CD1 1 
ATOM 1196 C CD2 . LEU A 1 161 ? 4.102   11.619  -5.140  1.00 75.90  ? 153 LEU A CD2 1 
ATOM 1197 N N   . LEU A 1 162 ? 2.032   9.451   -9.060  1.00 74.01  ? 154 LEU A N   1 
ATOM 1198 C CA  . LEU A 1 162 ? 1.537   10.118  -10.264 1.00 75.88  ? 154 LEU A CA  1 
ATOM 1199 C C   . LEU A 1 162 ? 0.965   11.494  -9.955  1.00 79.52  ? 154 LEU A C   1 
ATOM 1200 O O   . LEU A 1 162 ? 1.039   12.393  -10.790 1.00 77.45  ? 154 LEU A O   1 
ATOM 1201 C CB  . LEU A 1 162 ? 0.421   9.283   -10.892 1.00 77.13  ? 154 LEU A CB  1 
ATOM 1202 C CG  . LEU A 1 162 ? 0.657   7.776   -11.026 1.00 80.94  ? 154 LEU A CG  1 
ATOM 1203 C CD1 . LEU A 1 162 ? -0.658  7.033   -11.195 1.00 84.48  ? 154 LEU A CD1 1 
ATOM 1204 C CD2 . LEU A 1 162 ? 1.615   7.477   -12.173 1.00 80.83  ? 154 LEU A CD2 1 
ATOM 1205 N N   . GLN A 1 163 ? 0.355   11.641  -8.773  1.00 87.39  ? 155 GLN A N   1 
ATOM 1206 C CA  . GLN A 1 163 ? -0.420  12.834  -8.446  1.00 91.81  ? 155 GLN A CA  1 
ATOM 1207 C C   . GLN A 1 163 ? -0.744  13.038  -6.961  1.00 100.26 ? 155 GLN A C   1 
ATOM 1208 O O   . GLN A 1 163 ? -1.022  12.080  -6.225  1.00 103.80 ? 155 GLN A O   1 
ATOM 1209 C CB  . GLN A 1 163 ? -1.744  12.817  -9.199  1.00 88.07  ? 155 GLN A CB  1 
ATOM 1210 C CG  . GLN A 1 163 ? -1.730  13.540  -10.524 1.00 88.21  ? 155 GLN A CG  1 
ATOM 1211 C CD  . GLN A 1 163 ? -3.033  14.246  -10.807 1.00 90.29  ? 155 GLN A CD  1 
ATOM 1212 O OE1 . GLN A 1 163 ? -3.922  14.310  -9.962  1.00 81.60  ? 155 GLN A OE1 1 
ATOM 1213 N NE2 . GLN A 1 163 ? -3.138  14.810  -12.000 1.00 104.79 ? 155 GLN A NE2 1 
ATOM 1214 N N   . VAL A 1 164 ? -0.735  14.318  -6.571  1.00 98.29  ? 156 VAL A N   1 
ATOM 1215 C CA  . VAL A 1 164 ? -1.199  14.815  -5.271  1.00 93.00  ? 156 VAL A CA  1 
ATOM 1216 C C   . VAL A 1 164 ? -2.184  15.955  -5.577  1.00 87.22  ? 156 VAL A C   1 
ATOM 1217 O O   . VAL A 1 164 ? -1.857  16.838  -6.355  1.00 90.54  ? 156 VAL A O   1 
ATOM 1218 C CB  . VAL A 1 164 ? 0.003   15.333  -4.415  1.00 91.17  ? 156 VAL A CB  1 
ATOM 1219 C CG1 . VAL A 1 164 ? -0.421  15.690  -2.992  1.00 84.70  ? 156 VAL A CG1 1 
ATOM 1220 C CG2 . VAL A 1 164 ? 1.137   14.306  -4.380  1.00 91.42  ? 156 VAL A CG2 1 
ATOM 1221 N N   . ASP A 1 165 ? -3.394  15.920  -5.018  1.00 90.79  ? 157 ASP A N   1 
ATOM 1222 C CA  . ASP A 1 165 ? -4.383  17.007  -5.203  1.00 97.55  ? 157 ASP A CA  1 
ATOM 1223 C C   . ASP A 1 165 ? -4.869  17.526  -3.842  1.00 105.92 ? 157 ASP A C   1 
ATOM 1224 O O   . ASP A 1 165 ? -5.219  16.725  -2.970  1.00 109.92 ? 157 ASP A O   1 
ATOM 1225 C CB  . ASP A 1 165 ? -5.584  16.521  -6.030  1.00 99.27  ? 157 ASP A CB  1 
ATOM 1226 C CG  . ASP A 1 165 ? -5.179  15.891  -7.366  1.00 101.22 ? 157 ASP A CG  1 
ATOM 1227 O OD1 . ASP A 1 165 ? -4.343  16.473  -8.093  1.00 103.20 ? 157 ASP A OD1 1 
ATOM 1228 O OD2 . ASP A 1 165 ? -5.716  14.809  -7.690  1.00 93.97  ? 157 ASP A OD2 1 
ATOM 1229 N N   . ALA A 1 166 ? -4.905  18.852  -3.668  1.00 109.74 ? 158 ALA A N   1 
ATOM 1230 C CA  . ALA A 1 166 ? -5.336  19.482  -2.399  1.00 112.03 ? 158 ALA A CA  1 
ATOM 1231 C C   . ALA A 1 166 ? -6.888  19.428  -2.176  1.00 114.39 ? 158 ALA A C   1 
ATOM 1232 O O   . ALA A 1 166 ? -7.646  19.282  -3.150  1.00 115.38 ? 158 ALA A O   1 
ATOM 1233 C CB  . ALA A 1 166 ? -4.822  20.915  -2.333  1.00 104.51 ? 158 ALA A CB  1 
ATOM 1234 N N   . PRO A 1 167 ? -7.359  19.551  -0.901  1.00 108.05 ? 159 PRO A N   1 
ATOM 1235 C CA  . PRO A 1 167 ? -8.767  19.246  -0.543  1.00 111.32 ? 159 PRO A CA  1 
ATOM 1236 C C   . PRO A 1 167 ? -9.898  19.987  -1.305  1.00 123.30 ? 159 PRO A C   1 
ATOM 1237 O O   . PRO A 1 167 ? -9.685  21.096  -1.808  1.00 124.18 ? 159 PRO A O   1 
ATOM 1238 C CB  . PRO A 1 167 ? -8.829  19.589  0.957   1.00 101.47 ? 159 PRO A CB  1 
ATOM 1239 C CG  . PRO A 1 167 ? -7.436  19.469  1.450   1.00 95.29  ? 159 PRO A CG  1 
ATOM 1240 C CD  . PRO A 1 167 ? -6.559  19.875  0.303   1.00 101.04 ? 159 PRO A CD  1 
ATOM 1241 N N   . SER A 1 168 ? -11.080 19.354  -1.365  1.00 130.08 ? 160 SER A N   1 
ATOM 1242 C CA  . SER A 1 168 ? -12.294 19.932  -1.975  1.00 125.90 ? 160 SER A CA  1 
ATOM 1243 C C   . SER A 1 168 ? -12.581 21.323  -1.428  1.00 123.18 ? 160 SER A C   1 
ATOM 1244 O O   . SER A 1 168 ? -12.982 22.210  -2.172  1.00 121.38 ? 160 SER A O   1 
ATOM 1245 C CB  . SER A 1 168 ? -13.524 19.047  -1.713  1.00 125.56 ? 160 SER A CB  1 
ATOM 1246 O OG  . SER A 1 168 ? -13.374 17.752  -2.264  1.00 121.74 ? 160 SER A OG  1 
# 
loop_
_pdbx_poly_seq_scheme.asym_id 
_pdbx_poly_seq_scheme.entity_id 
_pdbx_poly_seq_scheme.seq_id 
_pdbx_poly_seq_scheme.mon_id 
_pdbx_poly_seq_scheme.ndb_seq_num 
_pdbx_poly_seq_scheme.pdb_seq_num 
_pdbx_poly_seq_scheme.auth_seq_num 
_pdbx_poly_seq_scheme.pdb_mon_id 
_pdbx_poly_seq_scheme.auth_mon_id 
_pdbx_poly_seq_scheme.pdb_strand_id 
_pdbx_poly_seq_scheme.pdb_ins_code 
_pdbx_poly_seq_scheme.hetero 
A 1 1   MET 1   -7  ?   ?   ?   A . n 
A 1 2   GLY 2   -6  ?   ?   ?   A . n 
A 1 3   HIS 3   -5  ?   ?   ?   A . n 
A 1 4   HIS 4   -4  ?   ?   ?   A . n 
A 1 5   HIS 5   -3  ?   ?   ?   A . n 
A 1 6   HIS 6   -2  ?   ?   ?   A . n 
A 1 7   HIS 7   -1  ?   ?   ?   A . n 
A 1 8   HIS 8   0   ?   ?   ?   A . n 
A 1 9   GLY 9   1   ?   ?   ?   A . n 
A 1 10  ASP 10  2   ?   ?   ?   A . n 
A 1 11  ALA 11  3   ?   ?   ?   A . n 
A 1 12  ALA 12  4   ?   ?   ?   A . n 
A 1 13  LEU 13  5   ?   ?   ?   A . n 
A 1 14  LEU 14  6   6   LEU LEU A . n 
A 1 15  LEU 15  7   7   LEU LEU A . n 
A 1 16  ASN 16  8   8   ASN ASN A . n 
A 1 17  VAL 17  9   9   VAL VAL A . n 
A 1 18  GLU 18  10  10  GLU GLU A . n 
A 1 19  GLY 19  11  11  GLY GLY A . n 
A 1 20  VAL 20  12  12  VAL VAL A . n 
A 1 21  LYS 21  13  13  LYS LYS A . n 
A 1 22  LYS 22  14  14  LYS LYS A . n 
A 1 23  THR 23  15  15  THR THR A . n 
A 1 24  ILE 24  16  16  ILE ILE A . n 
A 1 25  LEU 25  17  17  LEU LEU A . n 
A 1 26  HIS 26  18  18  HIS HIS A . n 
A 1 27  GLY 27  19  19  GLY GLY A . n 
A 1 28  GLY 28  20  20  GLY GLY A . n 
A 1 29  THR 29  21  21  THR THR A . n 
A 1 30  GLY 30  22  22  GLY GLY A . n 
A 1 31  GLU 31  23  23  GLU GLU A . n 
A 1 32  LEU 32  24  24  LEU LEU A . n 
A 1 33  PRO 33  25  25  PRO PRO A . n 
A 1 34  ASN 34  26  26  ASN ASN A . n 
A 1 35  PHE 35  27  27  PHE PHE A . n 
A 1 36  ILE 36  28  28  ILE ILE A . n 
A 1 37  THR 37  29  29  THR THR A . n 
A 1 38  GLY 38  30  30  GLY GLY A . n 
A 1 39  SER 39  31  31  SER SER A . n 
A 1 40  ARG 40  32  32  ARG ARG A . n 
A 1 41  VAL 41  33  33  VAL VAL A . n 
A 1 42  ILE 42  34  34  ILE ILE A . n 
A 1 43  PHE 43  35  35  PHE PHE A . n 
A 1 44  HIS 44  36  36  HIS HIS A . n 
A 1 45  PHE 45  37  37  PHE PHE A . n 
A 1 46  ARG 46  38  38  ARG ARG A . n 
A 1 47  THR 47  39  39  THR THR A . n 
A 1 48  MET 48  40  40  MET MET A . n 
A 1 49  LYS 49  41  41  LYS LYS A . n 
A 1 50  CYS 50  42  42  CYS CYS A . n 
A 1 51  ASP 51  43  43  ASP ASP A . n 
A 1 52  GLU 52  44  44  GLU GLU A . n 
A 1 53  GLU 53  45  45  GLU GLU A . n 
A 1 54  ARG 54  46  46  ARG ARG A . n 
A 1 55  THR 55  47  47  THR THR A . n 
A 1 56  VAL 56  48  48  VAL VAL A . n 
A 1 57  ILE 57  49  49  ILE ILE A . n 
A 1 58  ASP 58  50  50  ASP ASP A . n 
A 1 59  ASP 59  51  51  ASP ASP A . n 
A 1 60  SER 60  52  52  SER SER A . n 
A 1 61  ARG 61  53  53  ARG ARG A . n 
A 1 62  GLN 62  54  54  GLN GLN A . n 
A 1 63  VAL 63  55  55  VAL VAL A . n 
A 1 64  GLY 64  56  56  GLY GLY A . n 
A 1 65  GLN 65  57  57  GLN GLN A . n 
A 1 66  PRO 66  58  58  PRO PRO A . n 
A 1 67  MET 67  59  59  MET MET A . n 
A 1 68  HIS 68  60  60  HIS HIS A . n 
A 1 69  ILE 69  61  61  ILE ILE A . n 
A 1 70  ILE 70  62  62  ILE ILE A . n 
A 1 71  ILE 71  63  63  ILE ILE A . n 
A 1 72  GLY 72  64  64  GLY GLY A . n 
A 1 73  ASN 73  65  65  ASN ASN A . n 
A 1 74  MET 74  66  66  MET MET A . n 
A 1 75  PHE 75  67  67  PHE PHE A . n 
A 1 76  LYS 76  68  68  LYS LYS A . n 
A 1 77  LEU 77  69  69  LEU LEU A . n 
A 1 78  GLU 78  70  70  GLU GLU A . n 
A 1 79  PHE 79  71  71  PHE PHE A . n 
A 1 80  TRP 80  72  72  TRP TRP A . n 
A 1 81  GLU 81  73  73  GLU GLU A . n 
A 1 82  ILE 82  74  74  ILE ILE A . n 
A 1 83  LEU 83  75  75  LEU LEU A . n 
A 1 84  LEU 84  76  76  LEU LEU A . n 
A 1 85  THR 85  77  77  THR THR A . n 
A 1 86  SER 86  78  78  SER SER A . n 
A 1 87  MET 87  79  79  MET MET A . n 
A 1 88  ARG 88  80  80  ARG ARG A . n 
A 1 89  VAL 89  81  81  VAL VAL A . n 
A 1 90  HIS 90  82  82  HIS HIS A . n 
A 1 91  GLU 91  83  83  GLU GLU A . n 
A 1 92  VAL 92  84  84  VAL VAL A . n 
A 1 93  ALA 93  85  85  ALA ALA A . n 
A 1 94  GLU 94  86  86  GLU GLU A . n 
A 1 95  PHE 95  87  87  PHE PHE A . n 
A 1 96  TRP 96  88  88  TRP TRP A . n 
A 1 97  CYS 97  89  89  CYS CYS A . n 
A 1 98  ASP 98  90  90  ASP ASP A . n 
A 1 99  THR 99  91  91  THR THR A . n 
A 1 100 ILE 100 92  92  ILE ILE A . n 
A 1 101 HIS 101 93  93  HIS HIS A . n 
A 1 102 THR 102 94  94  THR THR A . n 
A 1 103 GLY 103 95  95  GLY GLY A . n 
A 1 104 VAL 104 96  96  VAL VAL A . n 
A 1 105 TYR 105 97  97  TYR TYR A . n 
A 1 106 PRO 106 98  98  PRO PRO A . n 
A 1 107 ILE 107 99  99  ILE ILE A . n 
A 1 108 LEU 108 100 100 LEU LEU A . n 
A 1 109 SER 109 101 101 SER SER A . n 
A 1 110 ARG 110 102 102 ARG ARG A . n 
A 1 111 SER 111 103 103 SER SER A . n 
A 1 112 LEU 112 104 104 LEU LEU A . n 
A 1 113 ARG 113 105 105 ARG ARG A . n 
A 1 114 GLN 114 106 106 GLN GLN A . n 
A 1 115 MET 115 107 107 MET MET A . n 
A 1 116 ALA 116 108 108 ALA ALA A . n 
A 1 117 GLN 117 109 109 GLN GLN A . n 
A 1 118 GLY 118 110 110 GLY GLY A . n 
A 1 119 LYS 119 111 111 LYS LYS A . n 
A 1 120 ASP 120 112 112 ASP ASP A . n 
A 1 121 PRO 121 113 113 PRO PRO A . n 
A 1 122 THR 122 114 114 THR THR A . n 
A 1 123 GLU 123 115 115 GLU GLU A . n 
A 1 124 TRP 124 116 116 TRP TRP A . n 
A 1 125 HIS 125 117 117 HIS HIS A . n 
A 1 126 VAL 126 118 118 VAL VAL A . n 
A 1 127 HIS 127 119 119 HIS HIS A . n 
A 1 128 THR 128 120 120 THR THR A . n 
A 1 129 CYS 129 121 121 CYS CYS A . n 
A 1 130 GLY 130 122 122 GLY GLY A . n 
A 1 131 LEU 131 123 123 LEU LEU A . n 
A 1 132 ALA 132 124 124 ALA ALA A . n 
A 1 133 ASN 133 125 125 ASN ASN A . n 
A 1 134 MET 134 126 126 MET MET A . n 
A 1 135 PHE 135 127 127 PHE PHE A . n 
A 1 136 ALA 136 128 128 ALA ALA A . n 
A 1 137 TYR 137 129 129 TYR TYR A . n 
A 1 138 HIS 138 130 130 HIS HIS A . n 
A 1 139 THR 139 131 131 THR THR A . n 
A 1 140 LEU 140 132 132 LEU LEU A . n 
A 1 141 GLY 141 133 133 GLY GLY A . n 
A 1 142 TYR 142 134 134 TYR TYR A . n 
A 1 143 GLU 143 135 135 GLU GLU A . n 
A 1 144 ASP 144 136 136 ASP ASP A . n 
A 1 145 LEU 145 137 137 LEU LEU A . n 
A 1 146 ASP 146 138 138 ASP ASP A . n 
A 1 147 GLU 147 139 139 GLU GLU A . n 
A 1 148 LEU 148 140 140 LEU LEU A . n 
A 1 149 GLN 149 141 141 GLN GLN A . n 
A 1 150 LYS 150 142 142 LYS LYS A . n 
A 1 151 GLU 151 143 143 GLU GLU A . n 
A 1 152 PRO 152 144 144 PRO PRO A . n 
A 1 153 GLN 153 145 145 GLN GLN A . n 
A 1 154 PRO 154 146 146 PRO PRO A . n 
A 1 155 LEU 155 147 147 LEU LEU A . n 
A 1 156 VAL 156 148 148 VAL VAL A . n 
A 1 157 PHE 157 149 149 PHE PHE A . n 
A 1 158 VAL 158 150 150 VAL VAL A . n 
A 1 159 ILE 159 151 151 ILE ILE A . n 
A 1 160 GLU 160 152 152 GLU GLU A . n 
A 1 161 LEU 161 153 153 LEU LEU A . n 
A 1 162 LEU 162 154 154 LEU LEU A . n 
A 1 163 GLN 163 155 155 GLN GLN A . n 
A 1 164 VAL 164 156 156 VAL VAL A . n 
A 1 165 ASP 165 157 157 ASP ASP A . n 
A 1 166 ALA 166 158 158 ALA ALA A . n 
A 1 167 PRO 167 159 159 PRO PRO A . n 
A 1 168 SER 168 160 160 SER SER A . n 
A 1 169 ASP 169 161 ?   ?   ?   A . n 
# 
_pdbx_struct_assembly.id                   1 
_pdbx_struct_assembly.details              author_defined_assembly 
_pdbx_struct_assembly.method_details       ? 
_pdbx_struct_assembly.oligomeric_details   monomeric 
_pdbx_struct_assembly.oligomeric_count     1 
# 
_pdbx_struct_assembly_gen.assembly_id       1 
_pdbx_struct_assembly_gen.oper_expression   1 
_pdbx_struct_assembly_gen.asym_id_list      A 
# 
_pdbx_struct_oper_list.id                   1 
_pdbx_struct_oper_list.type                 'identity operation' 
_pdbx_struct_oper_list.name                 1_555 
_pdbx_struct_oper_list.symmetry_operation   x,y,z 
_pdbx_struct_oper_list.matrix[1][1]         1.0000000000 
_pdbx_struct_oper_list.matrix[1][2]         0.0000000000 
_pdbx_struct_oper_list.matrix[1][3]         0.0000000000 
_pdbx_struct_oper_list.vector[1]            0.0000000000 
_pdbx_struct_oper_list.matrix[2][1]         0.0000000000 
_pdbx_struct_oper_list.matrix[2][2]         1.0000000000 
_pdbx_struct_oper_list.matrix[2][3]         0.0000000000 
_pdbx_struct_oper_list.vector[2]            0.0000000000 
_pdbx_struct_oper_list.matrix[3][1]         0.0000000000 
_pdbx_struct_oper_list.matrix[3][2]         0.0000000000 
_pdbx_struct_oper_list.matrix[3][3]         1.0000000000 
_pdbx_struct_oper_list.vector[3]            0.0000000000 
# 
loop_
_pdbx_audit_revision_history.ordinal 
_pdbx_audit_revision_history.data_content_type 
_pdbx_audit_revision_history.major_revision 
_pdbx_audit_revision_history.minor_revision 
_pdbx_audit_revision_history.revision_date 
1 'Structure model' 1 0 2017-07-26 
2 'Structure model' 1 1 2017-08-09 
3 'Structure model' 1 2 2017-08-23 
4 'Structure model' 1 3 2017-11-22 
5 'Structure model' 1 4 2019-12-11 
6 'Structure model' 1 5 2023-10-04 
# 
_pdbx_audit_revision_details.ordinal             1 
_pdbx_audit_revision_details.revision_ordinal    1 
_pdbx_audit_revision_details.data_content_type   'Structure model' 
_pdbx_audit_revision_details.provider            repository 
_pdbx_audit_revision_details.type                'Initial release' 
_pdbx_audit_revision_details.description         ? 
_pdbx_audit_revision_details.details             ? 
# 
loop_
_pdbx_audit_revision_group.ordinal 
_pdbx_audit_revision_group.revision_ordinal 
_pdbx_audit_revision_group.data_content_type 
_pdbx_audit_revision_group.group 
1 2 'Structure model' 'Database references'        
2 3 'Structure model' 'Database references'        
3 4 'Structure model' 'Refinement description'     
4 5 'Structure model' 'Author supporting evidence' 
5 6 'Structure model' 'Data collection'            
6 6 'Structure model' 'Database references'        
7 6 'Structure model' 'Refinement description'     
# 
loop_
_pdbx_audit_revision_category.ordinal 
_pdbx_audit_revision_category.revision_ordinal 
_pdbx_audit_revision_category.data_content_type 
_pdbx_audit_revision_category.category 
1 2 'Structure model' citation                      
2 2 'Structure model' citation_author               
3 3 'Structure model' citation                      
4 4 'Structure model' software                      
5 5 'Structure model' pdbx_audit_support            
6 6 'Structure model' chem_comp_atom                
7 6 'Structure model' chem_comp_bond                
8 6 'Structure model' database_2                    
9 6 'Structure model' pdbx_initial_refinement_model 
# 
loop_
_pdbx_audit_revision_item.ordinal 
_pdbx_audit_revision_item.revision_ordinal 
_pdbx_audit_revision_item.data_content_type 
_pdbx_audit_revision_item.item 
1  2 'Structure model' '_citation.journal_abbrev'                 
2  2 'Structure model' '_citation.pdbx_database_id_PubMed'        
3  2 'Structure model' '_citation.title'                          
4  2 'Structure model' '_citation_author.name'                    
5  3 'Structure model' '_citation.journal_volume'                 
6  3 'Structure model' '_citation.page_first'                     
7  3 'Structure model' '_citation.page_last'                      
8  4 'Structure model' '_software.classification'                 
9  5 'Structure model' '_pdbx_audit_support.funding_organization' 
10 6 'Structure model' '_database_2.pdbx_DOI'                     
11 6 'Structure model' '_database_2.pdbx_database_accession'      
# 
loop_
_software.citation_id 
_software.classification 
_software.compiler_name 
_software.compiler_version 
_software.contact_author 
_software.contact_author_email 
_software.date 
_software.description 
_software.dependencies 
_software.hardware 
_software.language 
_software.location 
_software.mods 
_software.name 
_software.os 
_software.os_version 
_software.type 
_software.version 
_software.pdbx_ordinal 
? refinement        ? ? ? ? ? ? ? ? ? ? ? REFMAC  ? ? ? 5.8.0135 1 
? 'data collection' ? ? ? ? ? ? ? ? ? ? ? Blu-Ice ? ? ? .        2 
? 'data scaling'    ? ? ? ? ? ? ? ? ? ? ? XDS     ? ? ? .        3 
? phasing           ? ? ? ? ? ? ? ? ? ? ? PHASER  ? ? ? .        4 
? 'model building'  ? ? ? ? ? ? ? ? ? ? ? Coot    ? ? ? .        5 
? 'data scaling'    ? ? ? ? ? ? ? ? ? ? ? SCALA   ? ? ? .        6 
? 'data reduction'  ? ? ? ? ? ? ? ? ? ? ? XDS     ? ? ? .        7 
# 
loop_
_pdbx_validate_torsion.id 
_pdbx_validate_torsion.PDB_model_num 
_pdbx_validate_torsion.auth_comp_id 
_pdbx_validate_torsion.auth_asym_id 
_pdbx_validate_torsion.auth_seq_id 
_pdbx_validate_torsion.PDB_ins_code 
_pdbx_validate_torsion.label_alt_id 
_pdbx_validate_torsion.phi 
_pdbx_validate_torsion.psi 
1 1 GLU A 10  ? ? 76.62   130.07 
2 1 LEU A 24  ? ? 64.43   110.31 
3 1 CYS A 42  ? ? -98.18  35.68  
4 1 THR A 91  ? ? -37.92  -38.79 
5 1 PRO A 113 ? ? -41.02  -19.13 
6 1 GLU A 115 ? ? -41.33  -18.52 
7 1 TRP A 116 ? ? 71.02   -40.25 
8 1 GLN A 145 ? ? -170.90 144.41 
# 
loop_
_pdbx_unobs_or_zero_occ_atoms.id 
_pdbx_unobs_or_zero_occ_atoms.PDB_model_num 
_pdbx_unobs_or_zero_occ_atoms.polymer_flag 
_pdbx_unobs_or_zero_occ_atoms.occupancy_flag 
_pdbx_unobs_or_zero_occ_atoms.auth_asym_id 
_pdbx_unobs_or_zero_occ_atoms.auth_comp_id 
_pdbx_unobs_or_zero_occ_atoms.auth_seq_id 
_pdbx_unobs_or_zero_occ_atoms.PDB_ins_code 
_pdbx_unobs_or_zero_occ_atoms.auth_atom_id 
_pdbx_unobs_or_zero_occ_atoms.label_alt_id 
_pdbx_unobs_or_zero_occ_atoms.label_asym_id 
_pdbx_unobs_or_zero_occ_atoms.label_comp_id 
_pdbx_unobs_or_zero_occ_atoms.label_seq_id 
_pdbx_unobs_or_zero_occ_atoms.label_atom_id 
1 1 Y 1 A GLU 115 ? CG  ? A GLU 123 CG  
2 1 Y 1 A GLU 115 ? CD  ? A GLU 123 CD  
3 1 Y 1 A GLU 115 ? OE1 ? A GLU 123 OE1 
4 1 Y 1 A GLU 115 ? OE2 ? A GLU 123 OE2 
# 
loop_
_pdbx_unobs_or_zero_occ_residues.id 
_pdbx_unobs_or_zero_occ_residues.PDB_model_num 
_pdbx_unobs_or_zero_occ_residues.polymer_flag 
_pdbx_unobs_or_zero_occ_residues.occupancy_flag 
_pdbx_unobs_or_zero_occ_residues.auth_asym_id 
_pdbx_unobs_or_zero_occ_residues.auth_comp_id 
_pdbx_unobs_or_zero_occ_residues.auth_seq_id 
_pdbx_unobs_or_zero_occ_residues.PDB_ins_code 
_pdbx_unobs_or_zero_occ_residues.label_asym_id 
_pdbx_unobs_or_zero_occ_residues.label_comp_id 
_pdbx_unobs_or_zero_occ_residues.label_seq_id 
1  1 Y 1 A MET -7  ? A MET 1   
2  1 Y 1 A GLY -6  ? A GLY 2   
3  1 Y 1 A HIS -5  ? A HIS 3   
4  1 Y 1 A HIS -4  ? A HIS 4   
5  1 Y 1 A HIS -3  ? A HIS 5   
6  1 Y 1 A HIS -2  ? A HIS 6   
7  1 Y 1 A HIS -1  ? A HIS 7   
8  1 Y 1 A HIS 0   ? A HIS 8   
9  1 Y 1 A GLY 1   ? A GLY 9   
10 1 Y 1 A ASP 2   ? A ASP 10  
11 1 Y 1 A ALA 3   ? A ALA 11  
12 1 Y 1 A ALA 4   ? A ALA 12  
13 1 Y 1 A LEU 5   ? A LEU 13  
14 1 Y 1 A ASP 161 ? A ASP 169 
# 
loop_
_chem_comp_atom.comp_id 
_chem_comp_atom.atom_id 
_chem_comp_atom.type_symbol 
_chem_comp_atom.pdbx_aromatic_flag 
_chem_comp_atom.pdbx_stereo_config 
_chem_comp_atom.pdbx_ordinal 
ALA N    N N N 1   
ALA CA   C N S 2   
ALA C    C N N 3   
ALA O    O N N 4   
ALA CB   C N N 5   
ALA OXT  O N N 6   
ALA H    H N N 7   
ALA H2   H N N 8   
ALA HA   H N N 9   
ALA HB1  H N N 10  
ALA HB2  H N N 11  
ALA HB3  H N N 12  
ALA HXT  H N N 13  
ARG N    N N N 14  
ARG CA   C N S 15  
ARG C    C N N 16  
ARG O    O N N 17  
ARG CB   C N N 18  
ARG CG   C N N 19  
ARG CD   C N N 20  
ARG NE   N N N 21  
ARG CZ   C N N 22  
ARG NH1  N N N 23  
ARG NH2  N N N 24  
ARG OXT  O N N 25  
ARG H    H N N 26  
ARG H2   H N N 27  
ARG HA   H N N 28  
ARG HB2  H N N 29  
ARG HB3  H N N 30  
ARG HG2  H N N 31  
ARG HG3  H N N 32  
ARG HD2  H N N 33  
ARG HD3  H N N 34  
ARG HE   H N N 35  
ARG HH11 H N N 36  
ARG HH12 H N N 37  
ARG HH21 H N N 38  
ARG HH22 H N N 39  
ARG HXT  H N N 40  
ASN N    N N N 41  
ASN CA   C N S 42  
ASN C    C N N 43  
ASN O    O N N 44  
ASN CB   C N N 45  
ASN CG   C N N 46  
ASN OD1  O N N 47  
ASN ND2  N N N 48  
ASN OXT  O N N 49  
ASN H    H N N 50  
ASN H2   H N N 51  
ASN HA   H N N 52  
ASN HB2  H N N 53  
ASN HB3  H N N 54  
ASN HD21 H N N 55  
ASN HD22 H N N 56  
ASN HXT  H N N 57  
ASP N    N N N 58  
ASP CA   C N S 59  
ASP C    C N N 60  
ASP O    O N N 61  
ASP CB   C N N 62  
ASP CG   C N N 63  
ASP OD1  O N N 64  
ASP OD2  O N N 65  
ASP OXT  O N N 66  
ASP H    H N N 67  
ASP H2   H N N 68  
ASP HA   H N N 69  
ASP HB2  H N N 70  
ASP HB3  H N N 71  
ASP HD2  H N N 72  
ASP HXT  H N N 73  
CYS N    N N N 74  
CYS CA   C N R 75  
CYS C    C N N 76  
CYS O    O N N 77  
CYS CB   C N N 78  
CYS SG   S N N 79  
CYS OXT  O N N 80  
CYS H    H N N 81  
CYS H2   H N N 82  
CYS HA   H N N 83  
CYS HB2  H N N 84  
CYS HB3  H N N 85  
CYS HG   H N N 86  
CYS HXT  H N N 87  
GLN N    N N N 88  
GLN CA   C N S 89  
GLN C    C N N 90  
GLN O    O N N 91  
GLN CB   C N N 92  
GLN CG   C N N 93  
GLN CD   C N N 94  
GLN OE1  O N N 95  
GLN NE2  N N N 96  
GLN OXT  O N N 97  
GLN H    H N N 98  
GLN H2   H N N 99  
GLN HA   H N N 100 
GLN HB2  H N N 101 
GLN HB3  H N N 102 
GLN HG2  H N N 103 
GLN HG3  H N N 104 
GLN HE21 H N N 105 
GLN HE22 H N N 106 
GLN HXT  H N N 107 
GLU N    N N N 108 
GLU CA   C N S 109 
GLU C    C N N 110 
GLU O    O N N 111 
GLU CB   C N N 112 
GLU CG   C N N 113 
GLU CD   C N N 114 
GLU OE1  O N N 115 
GLU OE2  O N N 116 
GLU OXT  O N N 117 
GLU H    H N N 118 
GLU H2   H N N 119 
GLU HA   H N N 120 
GLU HB2  H N N 121 
GLU HB3  H N N 122 
GLU HG2  H N N 123 
GLU HG3  H N N 124 
GLU HE2  H N N 125 
GLU HXT  H N N 126 
GLY N    N N N 127 
GLY CA   C N N 128 
GLY C    C N N 129 
GLY O    O N N 130 
GLY OXT  O N N 131 
GLY H    H N N 132 
GLY H2   H N N 133 
GLY HA2  H N N 134 
GLY HA3  H N N 135 
GLY HXT  H N N 136 
HIS N    N N N 137 
HIS CA   C N S 138 
HIS C    C N N 139 
HIS O    O N N 140 
HIS CB   C N N 141 
HIS CG   C Y N 142 
HIS ND1  N Y N 143 
HIS CD2  C Y N 144 
HIS CE1  C Y N 145 
HIS NE2  N Y N 146 
HIS OXT  O N N 147 
HIS H    H N N 148 
HIS H2   H N N 149 
HIS HA   H N N 150 
HIS HB2  H N N 151 
HIS HB3  H N N 152 
HIS HD1  H N N 153 
HIS HD2  H N N 154 
HIS HE1  H N N 155 
HIS HE2  H N N 156 
HIS HXT  H N N 157 
ILE N    N N N 158 
ILE CA   C N S 159 
ILE C    C N N 160 
ILE O    O N N 161 
ILE CB   C N S 162 
ILE CG1  C N N 163 
ILE CG2  C N N 164 
ILE CD1  C N N 165 
ILE OXT  O N N 166 
ILE H    H N N 167 
ILE H2   H N N 168 
ILE HA   H N N 169 
ILE HB   H N N 170 
ILE HG12 H N N 171 
ILE HG13 H N N 172 
ILE HG21 H N N 173 
ILE HG22 H N N 174 
ILE HG23 H N N 175 
ILE HD11 H N N 176 
ILE HD12 H N N 177 
ILE HD13 H N N 178 
ILE HXT  H N N 179 
LEU N    N N N 180 
LEU CA   C N S 181 
LEU C    C N N 182 
LEU O    O N N 183 
LEU CB   C N N 184 
LEU CG   C N N 185 
LEU CD1  C N N 186 
LEU CD2  C N N 187 
LEU OXT  O N N 188 
LEU H    H N N 189 
LEU H2   H N N 190 
LEU HA   H N N 191 
LEU HB2  H N N 192 
LEU HB3  H N N 193 
LEU HG   H N N 194 
LEU HD11 H N N 195 
LEU HD12 H N N 196 
LEU HD13 H N N 197 
LEU HD21 H N N 198 
LEU HD22 H N N 199 
LEU HD23 H N N 200 
LEU HXT  H N N 201 
LYS N    N N N 202 
LYS CA   C N S 203 
LYS C    C N N 204 
LYS O    O N N 205 
LYS CB   C N N 206 
LYS CG   C N N 207 
LYS CD   C N N 208 
LYS CE   C N N 209 
LYS NZ   N N N 210 
LYS OXT  O N N 211 
LYS H    H N N 212 
LYS H2   H N N 213 
LYS HA   H N N 214 
LYS HB2  H N N 215 
LYS HB3  H N N 216 
LYS HG2  H N N 217 
LYS HG3  H N N 218 
LYS HD2  H N N 219 
LYS HD3  H N N 220 
LYS HE2  H N N 221 
LYS HE3  H N N 222 
LYS HZ1  H N N 223 
LYS HZ2  H N N 224 
LYS HZ3  H N N 225 
LYS HXT  H N N 226 
MET N    N N N 227 
MET CA   C N S 228 
MET C    C N N 229 
MET O    O N N 230 
MET CB   C N N 231 
MET CG   C N N 232 
MET SD   S N N 233 
MET CE   C N N 234 
MET OXT  O N N 235 
MET H    H N N 236 
MET H2   H N N 237 
MET HA   H N N 238 
MET HB2  H N N 239 
MET HB3  H N N 240 
MET HG2  H N N 241 
MET HG3  H N N 242 
MET HE1  H N N 243 
MET HE2  H N N 244 
MET HE3  H N N 245 
MET HXT  H N N 246 
PHE N    N N N 247 
PHE CA   C N S 248 
PHE C    C N N 249 
PHE O    O N N 250 
PHE CB   C N N 251 
PHE CG   C Y N 252 
PHE CD1  C Y N 253 
PHE CD2  C Y N 254 
PHE CE1  C Y N 255 
PHE CE2  C Y N 256 
PHE CZ   C Y N 257 
PHE OXT  O N N 258 
PHE H    H N N 259 
PHE H2   H N N 260 
PHE HA   H N N 261 
PHE HB2  H N N 262 
PHE HB3  H N N 263 
PHE HD1  H N N 264 
PHE HD2  H N N 265 
PHE HE1  H N N 266 
PHE HE2  H N N 267 
PHE HZ   H N N 268 
PHE HXT  H N N 269 
PRO N    N N N 270 
PRO CA   C N S 271 
PRO C    C N N 272 
PRO O    O N N 273 
PRO CB   C N N 274 
PRO CG   C N N 275 
PRO CD   C N N 276 
PRO OXT  O N N 277 
PRO H    H N N 278 
PRO HA   H N N 279 
PRO HB2  H N N 280 
PRO HB3  H N N 281 
PRO HG2  H N N 282 
PRO HG3  H N N 283 
PRO HD2  H N N 284 
PRO HD3  H N N 285 
PRO HXT  H N N 286 
SER N    N N N 287 
SER CA   C N S 288 
SER C    C N N 289 
SER O    O N N 290 
SER CB   C N N 291 
SER OG   O N N 292 
SER OXT  O N N 293 
SER H    H N N 294 
SER H2   H N N 295 
SER HA   H N N 296 
SER HB2  H N N 297 
SER HB3  H N N 298 
SER HG   H N N 299 
SER HXT  H N N 300 
THR N    N N N 301 
THR CA   C N S 302 
THR C    C N N 303 
THR O    O N N 304 
THR CB   C N R 305 
THR OG1  O N N 306 
THR CG2  C N N 307 
THR OXT  O N N 308 
THR H    H N N 309 
THR H2   H N N 310 
THR HA   H N N 311 
THR HB   H N N 312 
THR HG1  H N N 313 
THR HG21 H N N 314 
THR HG22 H N N 315 
THR HG23 H N N 316 
THR HXT  H N N 317 
TRP N    N N N 318 
TRP CA   C N S 319 
TRP C    C N N 320 
TRP O    O N N 321 
TRP CB   C N N 322 
TRP CG   C Y N 323 
TRP CD1  C Y N 324 
TRP CD2  C Y N 325 
TRP NE1  N Y N 326 
TRP CE2  C Y N 327 
TRP CE3  C Y N 328 
TRP CZ2  C Y N 329 
TRP CZ3  C Y N 330 
TRP CH2  C Y N 331 
TRP OXT  O N N 332 
TRP H    H N N 333 
TRP H2   H N N 334 
TRP HA   H N N 335 
TRP HB2  H N N 336 
TRP HB3  H N N 337 
TRP HD1  H N N 338 
TRP HE1  H N N 339 
TRP HE3  H N N 340 
TRP HZ2  H N N 341 
TRP HZ3  H N N 342 
TRP HH2  H N N 343 
TRP HXT  H N N 344 
TYR N    N N N 345 
TYR CA   C N S 346 
TYR C    C N N 347 
TYR O    O N N 348 
TYR CB   C N N 349 
TYR CG   C Y N 350 
TYR CD1  C Y N 351 
TYR CD2  C Y N 352 
TYR CE1  C Y N 353 
TYR CE2  C Y N 354 
TYR CZ   C Y N 355 
TYR OH   O N N 356 
TYR OXT  O N N 357 
TYR H    H N N 358 
TYR H2   H N N 359 
TYR HA   H N N 360 
TYR HB2  H N N 361 
TYR HB3  H N N 362 
TYR HD1  H N N 363 
TYR HD2  H N N 364 
TYR HE1  H N N 365 
TYR HE2  H N N 366 
TYR HH   H N N 367 
TYR HXT  H N N 368 
VAL N    N N N 369 
VAL CA   C N S 370 
VAL C    C N N 371 
VAL O    O N N 372 
VAL CB   C N N 373 
VAL CG1  C N N 374 
VAL CG2  C N N 375 
VAL OXT  O N N 376 
VAL H    H N N 377 
VAL H2   H N N 378 
VAL HA   H N N 379 
VAL HB   H N N 380 
VAL HG11 H N N 381 
VAL HG12 H N N 382 
VAL HG13 H N N 383 
VAL HG21 H N N 384 
VAL HG22 H N N 385 
VAL HG23 H N N 386 
VAL HXT  H N N 387 
# 
loop_
_chem_comp_bond.comp_id 
_chem_comp_bond.atom_id_1 
_chem_comp_bond.atom_id_2 
_chem_comp_bond.value_order 
_chem_comp_bond.pdbx_aromatic_flag 
_chem_comp_bond.pdbx_stereo_config 
_chem_comp_bond.pdbx_ordinal 
ALA N   CA   sing N N 1   
ALA N   H    sing N N 2   
ALA N   H2   sing N N 3   
ALA CA  C    sing N N 4   
ALA CA  CB   sing N N 5   
ALA CA  HA   sing N N 6   
ALA C   O    doub N N 7   
ALA C   OXT  sing N N 8   
ALA CB  HB1  sing N N 9   
ALA CB  HB2  sing N N 10  
ALA CB  HB3  sing N N 11  
ALA OXT HXT  sing N N 12  
ARG N   CA   sing N N 13  
ARG N   H    sing N N 14  
ARG N   H2   sing N N 15  
ARG CA  C    sing N N 16  
ARG CA  CB   sing N N 17  
ARG CA  HA   sing N N 18  
ARG C   O    doub N N 19  
ARG C   OXT  sing N N 20  
ARG CB  CG   sing N N 21  
ARG CB  HB2  sing N N 22  
ARG CB  HB3  sing N N 23  
ARG CG  CD   sing N N 24  
ARG CG  HG2  sing N N 25  
ARG CG  HG3  sing N N 26  
ARG CD  NE   sing N N 27  
ARG CD  HD2  sing N N 28  
ARG CD  HD3  sing N N 29  
ARG NE  CZ   sing N N 30  
ARG NE  HE   sing N N 31  
ARG CZ  NH1  sing N N 32  
ARG CZ  NH2  doub N N 33  
ARG NH1 HH11 sing N N 34  
ARG NH1 HH12 sing N N 35  
ARG NH2 HH21 sing N N 36  
ARG NH2 HH22 sing N N 37  
ARG OXT HXT  sing N N 38  
ASN N   CA   sing N N 39  
ASN N   H    sing N N 40  
ASN N   H2   sing N N 41  
ASN CA  C    sing N N 42  
ASN CA  CB   sing N N 43  
ASN CA  HA   sing N N 44  
ASN C   O    doub N N 45  
ASN C   OXT  sing N N 46  
ASN CB  CG   sing N N 47  
ASN CB  HB2  sing N N 48  
ASN CB  HB3  sing N N 49  
ASN CG  OD1  doub N N 50  
ASN CG  ND2  sing N N 51  
ASN ND2 HD21 sing N N 52  
ASN ND2 HD22 sing N N 53  
ASN OXT HXT  sing N N 54  
ASP N   CA   sing N N 55  
ASP N   H    sing N N 56  
ASP N   H2   sing N N 57  
ASP CA  C    sing N N 58  
ASP CA  CB   sing N N 59  
ASP CA  HA   sing N N 60  
ASP C   O    doub N N 61  
ASP C   OXT  sing N N 62  
ASP CB  CG   sing N N 63  
ASP CB  HB2  sing N N 64  
ASP CB  HB3  sing N N 65  
ASP CG  OD1  doub N N 66  
ASP CG  OD2  sing N N 67  
ASP OD2 HD2  sing N N 68  
ASP OXT HXT  sing N N 69  
CYS N   CA   sing N N 70  
CYS N   H    sing N N 71  
CYS N   H2   sing N N 72  
CYS CA  C    sing N N 73  
CYS CA  CB   sing N N 74  
CYS CA  HA   sing N N 75  
CYS C   O    doub N N 76  
CYS C   OXT  sing N N 77  
CYS CB  SG   sing N N 78  
CYS CB  HB2  sing N N 79  
CYS CB  HB3  sing N N 80  
CYS SG  HG   sing N N 81  
CYS OXT HXT  sing N N 82  
GLN N   CA   sing N N 83  
GLN N   H    sing N N 84  
GLN N   H2   sing N N 85  
GLN CA  C    sing N N 86  
GLN CA  CB   sing N N 87  
GLN CA  HA   sing N N 88  
GLN C   O    doub N N 89  
GLN C   OXT  sing N N 90  
GLN CB  CG   sing N N 91  
GLN CB  HB2  sing N N 92  
GLN CB  HB3  sing N N 93  
GLN CG  CD   sing N N 94  
GLN CG  HG2  sing N N 95  
GLN CG  HG3  sing N N 96  
GLN CD  OE1  doub N N 97  
GLN CD  NE2  sing N N 98  
GLN NE2 HE21 sing N N 99  
GLN NE2 HE22 sing N N 100 
GLN OXT HXT  sing N N 101 
GLU N   CA   sing N N 102 
GLU N   H    sing N N 103 
GLU N   H2   sing N N 104 
GLU CA  C    sing N N 105 
GLU CA  CB   sing N N 106 
GLU CA  HA   sing N N 107 
GLU C   O    doub N N 108 
GLU C   OXT  sing N N 109 
GLU CB  CG   sing N N 110 
GLU CB  HB2  sing N N 111 
GLU CB  HB3  sing N N 112 
GLU CG  CD   sing N N 113 
GLU CG  HG2  sing N N 114 
GLU CG  HG3  sing N N 115 
GLU CD  OE1  doub N N 116 
GLU CD  OE2  sing N N 117 
GLU OE2 HE2  sing N N 118 
GLU OXT HXT  sing N N 119 
GLY N   CA   sing N N 120 
GLY N   H    sing N N 121 
GLY N   H2   sing N N 122 
GLY CA  C    sing N N 123 
GLY CA  HA2  sing N N 124 
GLY CA  HA3  sing N N 125 
GLY C   O    doub N N 126 
GLY C   OXT  sing N N 127 
GLY OXT HXT  sing N N 128 
HIS N   CA   sing N N 129 
HIS N   H    sing N N 130 
HIS N   H2   sing N N 131 
HIS CA  C    sing N N 132 
HIS CA  CB   sing N N 133 
HIS CA  HA   sing N N 134 
HIS C   O    doub N N 135 
HIS C   OXT  sing N N 136 
HIS CB  CG   sing N N 137 
HIS CB  HB2  sing N N 138 
HIS CB  HB3  sing N N 139 
HIS CG  ND1  sing Y N 140 
HIS CG  CD2  doub Y N 141 
HIS ND1 CE1  doub Y N 142 
HIS ND1 HD1  sing N N 143 
HIS CD2 NE2  sing Y N 144 
HIS CD2 HD2  sing N N 145 
HIS CE1 NE2  sing Y N 146 
HIS CE1 HE1  sing N N 147 
HIS NE2 HE2  sing N N 148 
HIS OXT HXT  sing N N 149 
ILE N   CA   sing N N 150 
ILE N   H    sing N N 151 
ILE N   H2   sing N N 152 
ILE CA  C    sing N N 153 
ILE CA  CB   sing N N 154 
ILE CA  HA   sing N N 155 
ILE C   O    doub N N 156 
ILE C   OXT  sing N N 157 
ILE CB  CG1  sing N N 158 
ILE CB  CG2  sing N N 159 
ILE CB  HB   sing N N 160 
ILE CG1 CD1  sing N N 161 
ILE CG1 HG12 sing N N 162 
ILE CG1 HG13 sing N N 163 
ILE CG2 HG21 sing N N 164 
ILE CG2 HG22 sing N N 165 
ILE CG2 HG23 sing N N 166 
ILE CD1 HD11 sing N N 167 
ILE CD1 HD12 sing N N 168 
ILE CD1 HD13 sing N N 169 
ILE OXT HXT  sing N N 170 
LEU N   CA   sing N N 171 
LEU N   H    sing N N 172 
LEU N   H2   sing N N 173 
LEU CA  C    sing N N 174 
LEU CA  CB   sing N N 175 
LEU CA  HA   sing N N 176 
LEU C   O    doub N N 177 
LEU C   OXT  sing N N 178 
LEU CB  CG   sing N N 179 
LEU CB  HB2  sing N N 180 
LEU CB  HB3  sing N N 181 
LEU CG  CD1  sing N N 182 
LEU CG  CD2  sing N N 183 
LEU CG  HG   sing N N 184 
LEU CD1 HD11 sing N N 185 
LEU CD1 HD12 sing N N 186 
LEU CD1 HD13 sing N N 187 
LEU CD2 HD21 sing N N 188 
LEU CD2 HD22 sing N N 189 
LEU CD2 HD23 sing N N 190 
LEU OXT HXT  sing N N 191 
LYS N   CA   sing N N 192 
LYS N   H    sing N N 193 
LYS N   H2   sing N N 194 
LYS CA  C    sing N N 195 
LYS CA  CB   sing N N 196 
LYS CA  HA   sing N N 197 
LYS C   O    doub N N 198 
LYS C   OXT  sing N N 199 
LYS CB  CG   sing N N 200 
LYS CB  HB2  sing N N 201 
LYS CB  HB3  sing N N 202 
LYS CG  CD   sing N N 203 
LYS CG  HG2  sing N N 204 
LYS CG  HG3  sing N N 205 
LYS CD  CE   sing N N 206 
LYS CD  HD2  sing N N 207 
LYS CD  HD3  sing N N 208 
LYS CE  NZ   sing N N 209 
LYS CE  HE2  sing N N 210 
LYS CE  HE3  sing N N 211 
LYS NZ  HZ1  sing N N 212 
LYS NZ  HZ2  sing N N 213 
LYS NZ  HZ3  sing N N 214 
LYS OXT HXT  sing N N 215 
MET N   CA   sing N N 216 
MET N   H    sing N N 217 
MET N   H2   sing N N 218 
MET CA  C    sing N N 219 
MET CA  CB   sing N N 220 
MET CA  HA   sing N N 221 
MET C   O    doub N N 222 
MET C   OXT  sing N N 223 
MET CB  CG   sing N N 224 
MET CB  HB2  sing N N 225 
MET CB  HB3  sing N N 226 
MET CG  SD   sing N N 227 
MET CG  HG2  sing N N 228 
MET CG  HG3  sing N N 229 
MET SD  CE   sing N N 230 
MET CE  HE1  sing N N 231 
MET CE  HE2  sing N N 232 
MET CE  HE3  sing N N 233 
MET OXT HXT  sing N N 234 
PHE N   CA   sing N N 235 
PHE N   H    sing N N 236 
PHE N   H2   sing N N 237 
PHE CA  C    sing N N 238 
PHE CA  CB   sing N N 239 
PHE CA  HA   sing N N 240 
PHE C   O    doub N N 241 
PHE C   OXT  sing N N 242 
PHE CB  CG   sing N N 243 
PHE CB  HB2  sing N N 244 
PHE CB  HB3  sing N N 245 
PHE CG  CD1  doub Y N 246 
PHE CG  CD2  sing Y N 247 
PHE CD1 CE1  sing Y N 248 
PHE CD1 HD1  sing N N 249 
PHE CD2 CE2  doub Y N 250 
PHE CD2 HD2  sing N N 251 
PHE CE1 CZ   doub Y N 252 
PHE CE1 HE1  sing N N 253 
PHE CE2 CZ   sing Y N 254 
PHE CE2 HE2  sing N N 255 
PHE CZ  HZ   sing N N 256 
PHE OXT HXT  sing N N 257 
PRO N   CA   sing N N 258 
PRO N   CD   sing N N 259 
PRO N   H    sing N N 260 
PRO CA  C    sing N N 261 
PRO CA  CB   sing N N 262 
PRO CA  HA   sing N N 263 
PRO C   O    doub N N 264 
PRO C   OXT  sing N N 265 
PRO CB  CG   sing N N 266 
PRO CB  HB2  sing N N 267 
PRO CB  HB3  sing N N 268 
PRO CG  CD   sing N N 269 
PRO CG  HG2  sing N N 270 
PRO CG  HG3  sing N N 271 
PRO CD  HD2  sing N N 272 
PRO CD  HD3  sing N N 273 
PRO OXT HXT  sing N N 274 
SER N   CA   sing N N 275 
SER N   H    sing N N 276 
SER N   H2   sing N N 277 
SER CA  C    sing N N 278 
SER CA  CB   sing N N 279 
SER CA  HA   sing N N 280 
SER C   O    doub N N 281 
SER C   OXT  sing N N 282 
SER CB  OG   sing N N 283 
SER CB  HB2  sing N N 284 
SER CB  HB3  sing N N 285 
SER OG  HG   sing N N 286 
SER OXT HXT  sing N N 287 
THR N   CA   sing N N 288 
THR N   H    sing N N 289 
THR N   H2   sing N N 290 
THR CA  C    sing N N 291 
THR CA  CB   sing N N 292 
THR CA  HA   sing N N 293 
THR C   O    doub N N 294 
THR C   OXT  sing N N 295 
THR CB  OG1  sing N N 296 
THR CB  CG2  sing N N 297 
THR CB  HB   sing N N 298 
THR OG1 HG1  sing N N 299 
THR CG2 HG21 sing N N 300 
THR CG2 HG22 sing N N 301 
THR CG2 HG23 sing N N 302 
THR OXT HXT  sing N N 303 
TRP N   CA   sing N N 304 
TRP N   H    sing N N 305 
TRP N   H2   sing N N 306 
TRP CA  C    sing N N 307 
TRP CA  CB   sing N N 308 
TRP CA  HA   sing N N 309 
TRP C   O    doub N N 310 
TRP C   OXT  sing N N 311 
TRP CB  CG   sing N N 312 
TRP CB  HB2  sing N N 313 
TRP CB  HB3  sing N N 314 
TRP CG  CD1  doub Y N 315 
TRP CG  CD2  sing Y N 316 
TRP CD1 NE1  sing Y N 317 
TRP CD1 HD1  sing N N 318 
TRP CD2 CE2  doub Y N 319 
TRP CD2 CE3  sing Y N 320 
TRP NE1 CE2  sing Y N 321 
TRP NE1 HE1  sing N N 322 
TRP CE2 CZ2  sing Y N 323 
TRP CE3 CZ3  doub Y N 324 
TRP CE3 HE3  sing N N 325 
TRP CZ2 CH2  doub Y N 326 
TRP CZ2 HZ2  sing N N 327 
TRP CZ3 CH2  sing Y N 328 
TRP CZ3 HZ3  sing N N 329 
TRP CH2 HH2  sing N N 330 
TRP OXT HXT  sing N N 331 
TYR N   CA   sing N N 332 
TYR N   H    sing N N 333 
TYR N   H2   sing N N 334 
TYR CA  C    sing N N 335 
TYR CA  CB   sing N N 336 
TYR CA  HA   sing N N 337 
TYR C   O    doub N N 338 
TYR C   OXT  sing N N 339 
TYR CB  CG   sing N N 340 
TYR CB  HB2  sing N N 341 
TYR CB  HB3  sing N N 342 
TYR CG  CD1  doub Y N 343 
TYR CG  CD2  sing Y N 344 
TYR CD1 CE1  sing Y N 345 
TYR CD1 HD1  sing N N 346 
TYR CD2 CE2  doub Y N 347 
TYR CD2 HD2  sing N N 348 
TYR CE1 CZ   doub Y N 349 
TYR CE1 HE1  sing N N 350 
TYR CE2 CZ   sing Y N 351 
TYR CE2 HE2  sing N N 352 
TYR CZ  OH   sing N N 353 
TYR OH  HH   sing N N 354 
TYR OXT HXT  sing N N 355 
VAL N   CA   sing N N 356 
VAL N   H    sing N N 357 
VAL N   H2   sing N N 358 
VAL CA  C    sing N N 359 
VAL CA  CB   sing N N 360 
VAL CA  HA   sing N N 361 
VAL C   O    doub N N 362 
VAL C   OXT  sing N N 363 
VAL CB  CG1  sing N N 364 
VAL CB  CG2  sing N N 365 
VAL CB  HB   sing N N 366 
VAL CG1 HG11 sing N N 367 
VAL CG1 HG12 sing N N 368 
VAL CG1 HG13 sing N N 369 
VAL CG2 HG21 sing N N 370 
VAL CG2 HG22 sing N N 371 
VAL CG2 HG23 sing N N 372 
VAL OXT HXT  sing N N 373 
# 
_pdbx_audit_support.funding_organization   'National Institutes of Health/National Eye Institute (NIH/NEI)' 
_pdbx_audit_support.country                'United States' 
_pdbx_audit_support.grant_number           EY-10843 
_pdbx_audit_support.ordinal                1 
# 
_pdbx_initial_refinement_model.id               1 
_pdbx_initial_refinement_model.entity_id_list   ? 
_pdbx_initial_refinement_model.type             'experimental model' 
_pdbx_initial_refinement_model.source_name      PDB 
_pdbx_initial_refinement_model.accession_code   5U9A 
_pdbx_initial_refinement_model.details          ? 
# 
